data_5Y12
# 
_entry.id   5Y12 
# 
_audit_conform.dict_name       mmcif_pdbx.dic 
_audit_conform.dict_version    5.387 
_audit_conform.dict_location   http://mmcif.pdb.org/dictionaries/ascii/mmcif_pdbx.dic 
# 
loop_
_database_2.database_id 
_database_2.database_code 
_database_2.pdbx_database_accession 
_database_2.pdbx_DOI 
PDB   5Y12         pdb_00005y12 10.2210/pdb5y12/pdb 
WWPDB D_1300004486 ?            ?                   
# 
loop_
_pdbx_audit_revision_history.ordinal 
_pdbx_audit_revision_history.data_content_type 
_pdbx_audit_revision_history.major_revision 
_pdbx_audit_revision_history.minor_revision 
_pdbx_audit_revision_history.revision_date 
1 'Structure model' 1 0 2018-06-06 
2 'Structure model' 1 1 2024-03-27 
# 
_pdbx_audit_revision_details.ordinal             1 
_pdbx_audit_revision_details.revision_ordinal    1 
_pdbx_audit_revision_details.data_content_type   'Structure model' 
_pdbx_audit_revision_details.provider            repository 
_pdbx_audit_revision_details.type                'Initial release' 
_pdbx_audit_revision_details.description         ? 
_pdbx_audit_revision_details.details             ? 
# 
loop_
_pdbx_audit_revision_group.ordinal 
_pdbx_audit_revision_group.revision_ordinal 
_pdbx_audit_revision_group.data_content_type 
_pdbx_audit_revision_group.group 
1 2 'Structure model' 'Data collection'     
2 2 'Structure model' 'Database references' 
# 
loop_
_pdbx_audit_revision_category.ordinal 
_pdbx_audit_revision_category.revision_ordinal 
_pdbx_audit_revision_category.data_content_type 
_pdbx_audit_revision_category.category 
1 2 'Structure model' chem_comp_atom 
2 2 'Structure model' chem_comp_bond 
3 2 'Structure model' database_2     
# 
loop_
_pdbx_audit_revision_item.ordinal 
_pdbx_audit_revision_item.revision_ordinal 
_pdbx_audit_revision_item.data_content_type 
_pdbx_audit_revision_item.item 
1 2 'Structure model' '_database_2.pdbx_DOI'                
2 2 'Structure model' '_database_2.pdbx_database_accession' 
# 
_pdbx_database_status.status_code                     REL 
_pdbx_database_status.status_code_sf                  REL 
_pdbx_database_status.status_code_mr                  ? 
_pdbx_database_status.entry_id                        5Y12 
_pdbx_database_status.recvd_initial_deposition_date   2017-07-19 
_pdbx_database_status.SG_entry                        N 
_pdbx_database_status.deposit_site                    PDBJ 
_pdbx_database_status.process_site                    PDBJ 
_pdbx_database_status.status_code_cs                  ? 
_pdbx_database_status.methods_development_category    ? 
_pdbx_database_status.pdb_format_compatible           Y 
_pdbx_database_status.status_code_nmr_data            ? 
# 
loop_
_audit_author.name 
_audit_author.pdbx_ordinal 
_audit_author.identifier_ORCID 
'Su, H.X.'  1 ? 
'Liu, Q.F.' 2 ? 
'Xu, Y.C.'  3 ? 
# 
_citation.abstract                  ? 
_citation.abstract_id_CAS           ? 
_citation.book_id_ISBN              ? 
_citation.book_publisher            ? 
_citation.book_publisher_city       ? 
_citation.book_title                ? 
_citation.coordinate_linkage        ? 
_citation.country                   FR 
_citation.database_id_Medline       ? 
_citation.details                   ? 
_citation.id                        primary 
_citation.journal_abbrev            'Eur J Med Chem' 
_citation.journal_id_ASTM           EJMCA5 
_citation.journal_id_CSD            0493 
_citation.journal_id_ISSN           1768-3254 
_citation.journal_full              ? 
_citation.journal_issue             ? 
_citation.journal_volume            154 
_citation.language                  ? 
_citation.page_first                44 
_citation.page_last                 59 
_citation.title                     
;From hit to lead: Structure-based discovery of naphthalene-1-sulfonamide derivatives as potent and selective inhibitors of fatty acid binding protein 4
;
_citation.year                      2018 
_citation.database_id_CSD           ? 
_citation.pdbx_database_id_DOI      10.1016/j.ejmech.2018.05.007 
_citation.pdbx_database_id_PubMed   29775936 
_citation.unpublished_flag          ? 
# 
loop_
_citation_author.citation_id 
_citation_author.name 
_citation_author.ordinal 
_citation_author.identifier_ORCID 
primary 'Gao, D.D.'   1  ? 
primary 'Dou, H.X.'   2  ? 
primary 'Su, H.X.'    3  ? 
primary 'Zhang, M.M.' 4  ? 
primary 'Wang, T.'    5  ? 
primary 'Liu, Q.F.'   6  ? 
primary 'Cai, H.Y.'   7  ? 
primary 'Ding, H.P.'  8  ? 
primary 'Yang, Z.'    9  ? 
primary 'Zhu, W.L.'   10 ? 
primary 'Xu, Y.C.'    11 ? 
primary 'Wang, H.Y.'  12 ? 
primary 'Li, Y.X.'    13 ? 
# 
loop_
_entity.id 
_entity.type 
_entity.src_method 
_entity.pdbx_description 
_entity.formula_weight 
_entity.pdbx_number_of_molecules 
_entity.pdbx_ec 
_entity.pdbx_mutation 
_entity.pdbx_fragment 
_entity.details 
1 polymer     man 'Fatty acid-binding protein, adipocyte'                     16911.268 1  ? ? ? ? 
2 non-polymer syn '5-[(4-methoxynaphthalen-1-yl)sulfonylamino]pentanoic acid' 337.391   1  ? ? ? ? 
3 water       nat water                                                       18.015    89 ? ? ? ? 
# 
_entity_name_com.entity_id   1 
_entity_name_com.name        
'Adipocyte lipid-binding protein,ALBP,Adipocyte-type fatty acid-binding protein,AFABP,Fatty acid-binding protein 4' 
# 
_entity_poly.entity_id                      1 
_entity_poly.type                           'polypeptide(L)' 
_entity_poly.nstd_linkage                   no 
_entity_poly.nstd_monomer                   no 
_entity_poly.pdbx_seq_one_letter_code       
;MGSSHHHHHHSSGLVPRGSHMCDAFVGTWKLVSSENFDDYMKEVGVGFATRKVAGMAKPNMIISVNGDVITIKSESTFKN
TEISFILGQEFDEVTADDRKVKSTITLDGGVLVHVQKWDGKSTTIKRKREDDKLVVECVMKGVTSTRVYERA
;
_entity_poly.pdbx_seq_one_letter_code_can   
;MGSSHHHHHHSSGLVPRGSHMCDAFVGTWKLVSSENFDDYMKEVGVGFATRKVAGMAKPNMIISVNGDVITIKSESTFKN
TEISFILGQEFDEVTADDRKVKSTITLDGGVLVHVQKWDGKSTTIKRKREDDKLVVECVMKGVTSTRVYERA
;
_entity_poly.pdbx_strand_id                 A 
_entity_poly.pdbx_target_identifier         ? 
# 
loop_
_pdbx_entity_nonpoly.entity_id 
_pdbx_entity_nonpoly.name 
_pdbx_entity_nonpoly.comp_id 
2 '5-[(4-methoxynaphthalen-1-yl)sulfonylamino]pentanoic acid' 8JX 
3 water                                                       HOH 
# 
loop_
_entity_poly_seq.entity_id 
_entity_poly_seq.num 
_entity_poly_seq.mon_id 
_entity_poly_seq.hetero 
1 1   MET n 
1 2   GLY n 
1 3   SER n 
1 4   SER n 
1 5   HIS n 
1 6   HIS n 
1 7   HIS n 
1 8   HIS n 
1 9   HIS n 
1 10  HIS n 
1 11  SER n 
1 12  SER n 
1 13  GLY n 
1 14  LEU n 
1 15  VAL n 
1 16  PRO n 
1 17  ARG n 
1 18  GLY n 
1 19  SER n 
1 20  HIS n 
1 21  MET n 
1 22  CYS n 
1 23  ASP n 
1 24  ALA n 
1 25  PHE n 
1 26  VAL n 
1 27  GLY n 
1 28  THR n 
1 29  TRP n 
1 30  LYS n 
1 31  LEU n 
1 32  VAL n 
1 33  SER n 
1 34  SER n 
1 35  GLU n 
1 36  ASN n 
1 37  PHE n 
1 38  ASP n 
1 39  ASP n 
1 40  TYR n 
1 41  MET n 
1 42  LYS n 
1 43  GLU n 
1 44  VAL n 
1 45  GLY n 
1 46  VAL n 
1 47  GLY n 
1 48  PHE n 
1 49  ALA n 
1 50  THR n 
1 51  ARG n 
1 52  LYS n 
1 53  VAL n 
1 54  ALA n 
1 55  GLY n 
1 56  MET n 
1 57  ALA n 
1 58  LYS n 
1 59  PRO n 
1 60  ASN n 
1 61  MET n 
1 62  ILE n 
1 63  ILE n 
1 64  SER n 
1 65  VAL n 
1 66  ASN n 
1 67  GLY n 
1 68  ASP n 
1 69  VAL n 
1 70  ILE n 
1 71  THR n 
1 72  ILE n 
1 73  LYS n 
1 74  SER n 
1 75  GLU n 
1 76  SER n 
1 77  THR n 
1 78  PHE n 
1 79  LYS n 
1 80  ASN n 
1 81  THR n 
1 82  GLU n 
1 83  ILE n 
1 84  SER n 
1 85  PHE n 
1 86  ILE n 
1 87  LEU n 
1 88  GLY n 
1 89  GLN n 
1 90  GLU n 
1 91  PHE n 
1 92  ASP n 
1 93  GLU n 
1 94  VAL n 
1 95  THR n 
1 96  ALA n 
1 97  ASP n 
1 98  ASP n 
1 99  ARG n 
1 100 LYS n 
1 101 VAL n 
1 102 LYS n 
1 103 SER n 
1 104 THR n 
1 105 ILE n 
1 106 THR n 
1 107 LEU n 
1 108 ASP n 
1 109 GLY n 
1 110 GLY n 
1 111 VAL n 
1 112 LEU n 
1 113 VAL n 
1 114 HIS n 
1 115 VAL n 
1 116 GLN n 
1 117 LYS n 
1 118 TRP n 
1 119 ASP n 
1 120 GLY n 
1 121 LYS n 
1 122 SER n 
1 123 THR n 
1 124 THR n 
1 125 ILE n 
1 126 LYS n 
1 127 ARG n 
1 128 LYS n 
1 129 ARG n 
1 130 GLU n 
1 131 ASP n 
1 132 ASP n 
1 133 LYS n 
1 134 LEU n 
1 135 VAL n 
1 136 VAL n 
1 137 GLU n 
1 138 CYS n 
1 139 VAL n 
1 140 MET n 
1 141 LYS n 
1 142 GLY n 
1 143 VAL n 
1 144 THR n 
1 145 SER n 
1 146 THR n 
1 147 ARG n 
1 148 VAL n 
1 149 TYR n 
1 150 GLU n 
1 151 ARG n 
1 152 ALA n 
# 
_entity_src_gen.entity_id                          1 
_entity_src_gen.pdbx_src_id                        1 
_entity_src_gen.pdbx_alt_source_flag               sample 
_entity_src_gen.pdbx_seq_type                      'Biological sequence' 
_entity_src_gen.pdbx_beg_seq_num                   1 
_entity_src_gen.pdbx_end_seq_num                   152 
_entity_src_gen.gene_src_common_name               Human 
_entity_src_gen.gene_src_genus                     ? 
_entity_src_gen.pdbx_gene_src_gene                 FABP4 
_entity_src_gen.gene_src_species                   ? 
_entity_src_gen.gene_src_strain                    ? 
_entity_src_gen.gene_src_tissue                    ? 
_entity_src_gen.gene_src_tissue_fraction           ? 
_entity_src_gen.gene_src_details                   ? 
_entity_src_gen.pdbx_gene_src_fragment             ? 
_entity_src_gen.pdbx_gene_src_scientific_name      'Homo sapiens' 
_entity_src_gen.pdbx_gene_src_ncbi_taxonomy_id     9606 
_entity_src_gen.pdbx_gene_src_variant              ? 
_entity_src_gen.pdbx_gene_src_cell_line            ? 
_entity_src_gen.pdbx_gene_src_atcc                 ? 
_entity_src_gen.pdbx_gene_src_organ                ? 
_entity_src_gen.pdbx_gene_src_organelle            ? 
_entity_src_gen.pdbx_gene_src_cell                 ? 
_entity_src_gen.pdbx_gene_src_cellular_location    ? 
_entity_src_gen.host_org_common_name               ? 
_entity_src_gen.pdbx_host_org_scientific_name      'Escherichia coli BL21(DE3)' 
_entity_src_gen.pdbx_host_org_ncbi_taxonomy_id     469008 
_entity_src_gen.host_org_genus                     ? 
_entity_src_gen.pdbx_host_org_gene                 ? 
_entity_src_gen.pdbx_host_org_organ                ? 
_entity_src_gen.host_org_species                   ? 
_entity_src_gen.pdbx_host_org_tissue               ? 
_entity_src_gen.pdbx_host_org_tissue_fraction      ? 
_entity_src_gen.pdbx_host_org_strain               'BL21(DE3)' 
_entity_src_gen.pdbx_host_org_variant              ? 
_entity_src_gen.pdbx_host_org_cell_line            ? 
_entity_src_gen.pdbx_host_org_atcc                 ? 
_entity_src_gen.pdbx_host_org_culture_collection   ? 
_entity_src_gen.pdbx_host_org_cell                 ? 
_entity_src_gen.pdbx_host_org_organelle            ? 
_entity_src_gen.pdbx_host_org_cellular_location    ? 
_entity_src_gen.pdbx_host_org_vector_type          ? 
_entity_src_gen.pdbx_host_org_vector               ? 
_entity_src_gen.host_org_details                   ? 
_entity_src_gen.expression_system_id               ? 
_entity_src_gen.plasmid_name                       ? 
_entity_src_gen.plasmid_details                    ? 
_entity_src_gen.pdbx_description                   ? 
# 
loop_
_chem_comp.id 
_chem_comp.type 
_chem_comp.mon_nstd_flag 
_chem_comp.name 
_chem_comp.pdbx_synonyms 
_chem_comp.formula 
_chem_comp.formula_weight 
8JX non-polymer         . '5-[(4-methoxynaphthalen-1-yl)sulfonylamino]pentanoic acid' ? 'C16 H19 N O5 S' 337.391 
ALA 'L-peptide linking' y ALANINE                                                     ? 'C3 H7 N O2'     89.093  
ARG 'L-peptide linking' y ARGININE                                                    ? 'C6 H15 N4 O2 1' 175.209 
ASN 'L-peptide linking' y ASPARAGINE                                                  ? 'C4 H8 N2 O3'    132.118 
ASP 'L-peptide linking' y 'ASPARTIC ACID'                                             ? 'C4 H7 N O4'     133.103 
CYS 'L-peptide linking' y CYSTEINE                                                    ? 'C3 H7 N O2 S'   121.158 
GLN 'L-peptide linking' y GLUTAMINE                                                   ? 'C5 H10 N2 O3'   146.144 
GLU 'L-peptide linking' y 'GLUTAMIC ACID'                                             ? 'C5 H9 N O4'     147.129 
GLY 'peptide linking'   y GLYCINE                                                     ? 'C2 H5 N O2'     75.067  
HIS 'L-peptide linking' y HISTIDINE                                                   ? 'C6 H10 N3 O2 1' 156.162 
HOH non-polymer         . WATER                                                       ? 'H2 O'           18.015  
ILE 'L-peptide linking' y ISOLEUCINE                                                  ? 'C6 H13 N O2'    131.173 
LEU 'L-peptide linking' y LEUCINE                                                     ? 'C6 H13 N O2'    131.173 
LYS 'L-peptide linking' y LYSINE                                                      ? 'C6 H15 N2 O2 1' 147.195 
MET 'L-peptide linking' y METHIONINE                                                  ? 'C5 H11 N O2 S'  149.211 
PHE 'L-peptide linking' y PHENYLALANINE                                               ? 'C9 H11 N O2'    165.189 
PRO 'L-peptide linking' y PROLINE                                                     ? 'C5 H9 N O2'     115.130 
SER 'L-peptide linking' y SERINE                                                      ? 'C3 H7 N O3'     105.093 
THR 'L-peptide linking' y THREONINE                                                   ? 'C4 H9 N O3'     119.119 
TRP 'L-peptide linking' y TRYPTOPHAN                                                  ? 'C11 H12 N2 O2'  204.225 
TYR 'L-peptide linking' y TYROSINE                                                    ? 'C9 H11 N O3'    181.189 
VAL 'L-peptide linking' y VALINE                                                      ? 'C5 H11 N O2'    117.146 
# 
loop_
_pdbx_poly_seq_scheme.asym_id 
_pdbx_poly_seq_scheme.entity_id 
_pdbx_poly_seq_scheme.seq_id 
_pdbx_poly_seq_scheme.mon_id 
_pdbx_poly_seq_scheme.ndb_seq_num 
_pdbx_poly_seq_scheme.pdb_seq_num 
_pdbx_poly_seq_scheme.auth_seq_num 
_pdbx_poly_seq_scheme.pdb_mon_id 
_pdbx_poly_seq_scheme.auth_mon_id 
_pdbx_poly_seq_scheme.pdb_strand_id 
_pdbx_poly_seq_scheme.pdb_ins_code 
_pdbx_poly_seq_scheme.hetero 
A 1 1   MET 1   -20 ?   ?   ?   A . n 
A 1 2   GLY 2   -19 ?   ?   ?   A . n 
A 1 3   SER 3   -18 ?   ?   ?   A . n 
A 1 4   SER 4   -17 ?   ?   ?   A . n 
A 1 5   HIS 5   -16 ?   ?   ?   A . n 
A 1 6   HIS 6   -15 ?   ?   ?   A . n 
A 1 7   HIS 7   -14 ?   ?   ?   A . n 
A 1 8   HIS 8   -13 ?   ?   ?   A . n 
A 1 9   HIS 9   -12 ?   ?   ?   A . n 
A 1 10  HIS 10  -11 ?   ?   ?   A . n 
A 1 11  SER 11  -10 ?   ?   ?   A . n 
A 1 12  SER 12  -9  ?   ?   ?   A . n 
A 1 13  GLY 13  -8  ?   ?   ?   A . n 
A 1 14  LEU 14  -7  ?   ?   ?   A . n 
A 1 15  VAL 15  -6  ?   ?   ?   A . n 
A 1 16  PRO 16  -5  ?   ?   ?   A . n 
A 1 17  ARG 17  -4  -4  ARG ARG A . n 
A 1 18  GLY 18  -3  -3  GLY GLY A . n 
A 1 19  SER 19  -2  -2  SER SER A . n 
A 1 20  HIS 20  -1  -1  HIS HIS A . n 
A 1 21  MET 21  0   0   MET MET A . n 
A 1 22  CYS 22  1   1   CYS CYS A . n 
A 1 23  ASP 23  2   2   ASP ASP A . n 
A 1 24  ALA 24  3   3   ALA ALA A . n 
A 1 25  PHE 25  4   4   PHE PHE A . n 
A 1 26  VAL 26  5   5   VAL VAL A . n 
A 1 27  GLY 27  6   6   GLY GLY A . n 
A 1 28  THR 28  7   7   THR THR A . n 
A 1 29  TRP 29  8   8   TRP TRP A . n 
A 1 30  LYS 30  9   9   LYS LYS A . n 
A 1 31  LEU 31  10  10  LEU LEU A . n 
A 1 32  VAL 32  11  11  VAL VAL A . n 
A 1 33  SER 33  12  12  SER SER A . n 
A 1 34  SER 34  13  13  SER SER A . n 
A 1 35  GLU 35  14  14  GLU GLU A . n 
A 1 36  ASN 36  15  15  ASN ASN A . n 
A 1 37  PHE 37  16  16  PHE PHE A . n 
A 1 38  ASP 38  17  17  ASP ASP A . n 
A 1 39  ASP 39  18  18  ASP ASP A . n 
A 1 40  TYR 40  19  19  TYR TYR A . n 
A 1 41  MET 41  20  20  MET MET A . n 
A 1 42  LYS 42  21  21  LYS LYS A . n 
A 1 43  GLU 43  22  22  GLU GLU A . n 
A 1 44  VAL 44  23  23  VAL VAL A . n 
A 1 45  GLY 45  24  24  GLY GLY A . n 
A 1 46  VAL 46  25  25  VAL VAL A . n 
A 1 47  GLY 47  26  26  GLY GLY A . n 
A 1 48  PHE 48  27  27  PHE PHE A . n 
A 1 49  ALA 49  28  28  ALA ALA A . n 
A 1 50  THR 50  29  29  THR THR A . n 
A 1 51  ARG 51  30  30  ARG ARG A . n 
A 1 52  LYS 52  31  31  LYS LYS A . n 
A 1 53  VAL 53  32  32  VAL VAL A . n 
A 1 54  ALA 54  33  33  ALA ALA A . n 
A 1 55  GLY 55  34  34  GLY GLY A . n 
A 1 56  MET 56  35  35  MET MET A . n 
A 1 57  ALA 57  36  36  ALA ALA A . n 
A 1 58  LYS 58  37  37  LYS LYS A . n 
A 1 59  PRO 59  38  38  PRO PRO A . n 
A 1 60  ASN 60  39  39  ASN ASN A . n 
A 1 61  MET 61  40  40  MET MET A . n 
A 1 62  ILE 62  41  41  ILE ILE A . n 
A 1 63  ILE 63  42  42  ILE ILE A . n 
A 1 64  SER 64  43  43  SER SER A . n 
A 1 65  VAL 65  44  44  VAL VAL A . n 
A 1 66  ASN 66  45  45  ASN ASN A . n 
A 1 67  GLY 67  46  46  GLY GLY A . n 
A 1 68  ASP 68  47  47  ASP ASP A . n 
A 1 69  VAL 69  48  48  VAL VAL A . n 
A 1 70  ILE 70  49  49  ILE ILE A . n 
A 1 71  THR 71  50  50  THR THR A . n 
A 1 72  ILE 72  51  51  ILE ILE A . n 
A 1 73  LYS 73  52  52  LYS LYS A . n 
A 1 74  SER 74  53  53  SER SER A . n 
A 1 75  GLU 75  54  54  GLU GLU A . n 
A 1 76  SER 76  55  55  SER SER A . n 
A 1 77  THR 77  56  56  THR THR A . n 
A 1 78  PHE 78  57  57  PHE PHE A . n 
A 1 79  LYS 79  58  58  LYS LYS A . n 
A 1 80  ASN 80  59  59  ASN ASN A . n 
A 1 81  THR 81  60  60  THR THR A . n 
A 1 82  GLU 82  61  61  GLU GLU A . n 
A 1 83  ILE 83  62  62  ILE ILE A . n 
A 1 84  SER 84  63  63  SER SER A . n 
A 1 85  PHE 85  64  64  PHE PHE A . n 
A 1 86  ILE 86  65  65  ILE ILE A . n 
A 1 87  LEU 87  66  66  LEU LEU A . n 
A 1 88  GLY 88  67  67  GLY GLY A . n 
A 1 89  GLN 89  68  68  GLN GLN A . n 
A 1 90  GLU 90  69  69  GLU GLU A . n 
A 1 91  PHE 91  70  70  PHE PHE A . n 
A 1 92  ASP 92  71  71  ASP ASP A . n 
A 1 93  GLU 93  72  72  GLU GLU A . n 
A 1 94  VAL 94  73  73  VAL VAL A . n 
A 1 95  THR 95  74  74  THR THR A . n 
A 1 96  ALA 96  75  75  ALA ALA A . n 
A 1 97  ASP 97  76  76  ASP ASP A . n 
A 1 98  ASP 98  77  77  ASP ASP A . n 
A 1 99  ARG 99  78  78  ARG ARG A . n 
A 1 100 LYS 100 79  79  LYS LYS A . n 
A 1 101 VAL 101 80  80  VAL VAL A . n 
A 1 102 LYS 102 81  81  LYS LYS A . n 
A 1 103 SER 103 82  82  SER SER A . n 
A 1 104 THR 104 83  83  THR THR A . n 
A 1 105 ILE 105 84  84  ILE ILE A . n 
A 1 106 THR 106 85  85  THR THR A . n 
A 1 107 LEU 107 86  86  LEU LEU A . n 
A 1 108 ASP 108 87  87  ASP ASP A . n 
A 1 109 GLY 109 88  88  GLY GLY A . n 
A 1 110 GLY 110 89  89  GLY GLY A . n 
A 1 111 VAL 111 90  90  VAL VAL A . n 
A 1 112 LEU 112 91  91  LEU LEU A . n 
A 1 113 VAL 113 92  92  VAL VAL A . n 
A 1 114 HIS 114 93  93  HIS HIS A . n 
A 1 115 VAL 115 94  94  VAL VAL A . n 
A 1 116 GLN 116 95  95  GLN GLN A . n 
A 1 117 LYS 117 96  96  LYS LYS A . n 
A 1 118 TRP 118 97  97  TRP TRP A . n 
A 1 119 ASP 119 98  98  ASP ASP A . n 
A 1 120 GLY 120 99  99  GLY GLY A . n 
A 1 121 LYS 121 100 100 LYS LYS A . n 
A 1 122 SER 122 101 101 SER SER A . n 
A 1 123 THR 123 102 102 THR THR A . n 
A 1 124 THR 124 103 103 THR THR A . n 
A 1 125 ILE 125 104 104 ILE ILE A . n 
A 1 126 LYS 126 105 105 LYS LYS A . n 
A 1 127 ARG 127 106 106 ARG ARG A . n 
A 1 128 LYS 128 107 107 LYS LYS A . n 
A 1 129 ARG 129 108 108 ARG ARG A . n 
A 1 130 GLU 130 109 109 GLU GLU A . n 
A 1 131 ASP 131 110 110 ASP ASP A . n 
A 1 132 ASP 132 111 111 ASP ASP A . n 
A 1 133 LYS 133 112 112 LYS LYS A . n 
A 1 134 LEU 134 113 113 LEU LEU A . n 
A 1 135 VAL 135 114 114 VAL VAL A . n 
A 1 136 VAL 136 115 115 VAL VAL A . n 
A 1 137 GLU 137 116 116 GLU GLU A . n 
A 1 138 CYS 138 117 117 CYS CYS A . n 
A 1 139 VAL 139 118 118 VAL VAL A . n 
A 1 140 MET 140 119 119 MET MET A . n 
A 1 141 LYS 141 120 120 LYS LYS A . n 
A 1 142 GLY 142 121 121 GLY GLY A . n 
A 1 143 VAL 143 122 122 VAL VAL A . n 
A 1 144 THR 144 123 123 THR THR A . n 
A 1 145 SER 145 124 124 SER SER A . n 
A 1 146 THR 146 125 125 THR THR A . n 
A 1 147 ARG 147 126 126 ARG ARG A . n 
A 1 148 VAL 148 127 127 VAL VAL A . n 
A 1 149 TYR 149 128 128 TYR TYR A . n 
A 1 150 GLU 150 129 129 GLU GLU A . n 
A 1 151 ARG 151 130 130 ARG ARG A . n 
A 1 152 ALA 152 131 131 ALA ALA A . n 
# 
loop_
_pdbx_nonpoly_scheme.asym_id 
_pdbx_nonpoly_scheme.entity_id 
_pdbx_nonpoly_scheme.mon_id 
_pdbx_nonpoly_scheme.ndb_seq_num 
_pdbx_nonpoly_scheme.pdb_seq_num 
_pdbx_nonpoly_scheme.auth_seq_num 
_pdbx_nonpoly_scheme.pdb_mon_id 
_pdbx_nonpoly_scheme.auth_mon_id 
_pdbx_nonpoly_scheme.pdb_strand_id 
_pdbx_nonpoly_scheme.pdb_ins_code 
B 2 8JX 1  201 1  8JX DRG A . 
C 3 HOH 1  301 16 HOH HOH A . 
C 3 HOH 2  302 87 HOH HOH A . 
C 3 HOH 3  303 18 HOH HOH A . 
C 3 HOH 4  304 69 HOH HOH A . 
C 3 HOH 5  305 79 HOH HOH A . 
C 3 HOH 6  306 10 HOH HOH A . 
C 3 HOH 7  307 67 HOH HOH A . 
C 3 HOH 8  308 15 HOH HOH A . 
C 3 HOH 9  309 48 HOH HOH A . 
C 3 HOH 10 310 12 HOH HOH A . 
C 3 HOH 11 311 47 HOH HOH A . 
C 3 HOH 12 312 64 HOH HOH A . 
C 3 HOH 13 313 86 HOH HOH A . 
C 3 HOH 14 314 30 HOH HOH A . 
C 3 HOH 15 315 2  HOH HOH A . 
C 3 HOH 16 316 21 HOH HOH A . 
C 3 HOH 17 317 77 HOH HOH A . 
C 3 HOH 18 318 50 HOH HOH A . 
C 3 HOH 19 319 75 HOH HOH A . 
C 3 HOH 20 320 72 HOH HOH A . 
C 3 HOH 21 321 11 HOH HOH A . 
C 3 HOH 22 322 32 HOH HOH A . 
C 3 HOH 23 323 66 HOH HOH A . 
C 3 HOH 24 324 25 HOH HOH A . 
C 3 HOH 25 325 4  HOH HOH A . 
C 3 HOH 26 326 49 HOH HOH A . 
C 3 HOH 27 327 35 HOH HOH A . 
C 3 HOH 28 328 61 HOH HOH A . 
C 3 HOH 29 329 76 HOH HOH A . 
C 3 HOH 30 330 9  HOH HOH A . 
C 3 HOH 31 331 22 HOH HOH A . 
C 3 HOH 32 332 73 HOH HOH A . 
C 3 HOH 33 333 19 HOH HOH A . 
C 3 HOH 34 334 5  HOH HOH A . 
C 3 HOH 35 335 6  HOH HOH A . 
C 3 HOH 36 336 20 HOH HOH A . 
C 3 HOH 37 337 68 HOH HOH A . 
C 3 HOH 38 338 83 HOH HOH A . 
C 3 HOH 39 339 38 HOH HOH A . 
C 3 HOH 40 340 52 HOH HOH A . 
C 3 HOH 41 341 1  HOH HOH A . 
C 3 HOH 42 342 29 HOH HOH A . 
C 3 HOH 43 343 24 HOH HOH A . 
C 3 HOH 44 344 8  HOH HOH A . 
C 3 HOH 45 345 46 HOH HOH A . 
C 3 HOH 46 346 43 HOH HOH A . 
C 3 HOH 47 347 26 HOH HOH A . 
C 3 HOH 48 348 58 HOH HOH A . 
C 3 HOH 49 349 59 HOH HOH A . 
C 3 HOH 50 350 23 HOH HOH A . 
C 3 HOH 51 351 42 HOH HOH A . 
C 3 HOH 52 352 81 HOH HOH A . 
C 3 HOH 53 353 7  HOH HOH A . 
C 3 HOH 54 354 60 HOH HOH A . 
C 3 HOH 55 355 45 HOH HOH A . 
C 3 HOH 56 356 17 HOH HOH A . 
C 3 HOH 57 357 13 HOH HOH A . 
C 3 HOH 58 358 55 HOH HOH A . 
C 3 HOH 59 359 51 HOH HOH A . 
C 3 HOH 60 360 37 HOH HOH A . 
C 3 HOH 61 361 33 HOH HOH A . 
C 3 HOH 62 362 28 HOH HOH A . 
C 3 HOH 63 363 3  HOH HOH A . 
C 3 HOH 64 364 84 HOH HOH A . 
C 3 HOH 65 365 27 HOH HOH A . 
C 3 HOH 66 366 80 HOH HOH A . 
C 3 HOH 67 367 39 HOH HOH A . 
C 3 HOH 68 368 82 HOH HOH A . 
C 3 HOH 69 369 14 HOH HOH A . 
C 3 HOH 70 370 34 HOH HOH A . 
C 3 HOH 71 371 74 HOH HOH A . 
C 3 HOH 72 372 31 HOH HOH A . 
C 3 HOH 73 373 89 HOH HOH A . 
C 3 HOH 74 374 53 HOH HOH A . 
C 3 HOH 75 375 63 HOH HOH A . 
C 3 HOH 76 376 57 HOH HOH A . 
C 3 HOH 77 377 41 HOH HOH A . 
C 3 HOH 78 378 65 HOH HOH A . 
C 3 HOH 79 379 56 HOH HOH A . 
C 3 HOH 80 380 36 HOH HOH A . 
C 3 HOH 81 381 44 HOH HOH A . 
C 3 HOH 82 382 40 HOH HOH A . 
C 3 HOH 83 383 85 HOH HOH A . 
C 3 HOH 84 384 54 HOH HOH A . 
C 3 HOH 85 385 88 HOH HOH A . 
C 3 HOH 86 386 71 HOH HOH A . 
C 3 HOH 87 387 62 HOH HOH A . 
C 3 HOH 88 388 70 HOH HOH A . 
C 3 HOH 89 389 78 HOH HOH A . 
# 
loop_
_pdbx_unobs_or_zero_occ_atoms.id 
_pdbx_unobs_or_zero_occ_atoms.PDB_model_num 
_pdbx_unobs_or_zero_occ_atoms.polymer_flag 
_pdbx_unobs_or_zero_occ_atoms.occupancy_flag 
_pdbx_unobs_or_zero_occ_atoms.auth_asym_id 
_pdbx_unobs_or_zero_occ_atoms.auth_comp_id 
_pdbx_unobs_or_zero_occ_atoms.auth_seq_id 
_pdbx_unobs_or_zero_occ_atoms.PDB_ins_code 
_pdbx_unobs_or_zero_occ_atoms.auth_atom_id 
_pdbx_unobs_or_zero_occ_atoms.label_alt_id 
_pdbx_unobs_or_zero_occ_atoms.label_asym_id 
_pdbx_unobs_or_zero_occ_atoms.label_comp_id 
_pdbx_unobs_or_zero_occ_atoms.label_seq_id 
_pdbx_unobs_or_zero_occ_atoms.label_atom_id 
1 1 Y 1 A ARG -4 ? CG  ? A ARG 17 CG  
2 1 Y 1 A ARG -4 ? CD  ? A ARG 17 CD  
3 1 Y 1 A ARG -4 ? NE  ? A ARG 17 NE  
4 1 Y 1 A ARG -4 ? CZ  ? A ARG 17 CZ  
5 1 Y 1 A ARG -4 ? NH1 ? A ARG 17 NH1 
6 1 Y 1 A ARG -4 ? NH2 ? A ARG 17 NH2 
# 
loop_
_software.citation_id 
_software.classification 
_software.compiler_name 
_software.compiler_version 
_software.contact_author 
_software.contact_author_email 
_software.date 
_software.description 
_software.dependencies 
_software.hardware 
_software.language 
_software.location 
_software.mods 
_software.name 
_software.os 
_software.os_version 
_software.type 
_software.version 
_software.pdbx_ordinal 
? 'data scaling'    ? ? ? ? ? ? ? ? ? ? ? XSCALE      ? ? ? .        1 
? refinement        ? ? ? ? ? ? ? ? ? ? ? PHENIX      ? ? ? 1.8_1069 2 
? 'data extraction' ? ? ? ? ? ? ? ? ? ? ? PDB_EXTRACT ? ? ? 3.22     3 
? 'data reduction'  ? ? ? ? ? ? ? ? ? ? ? XDS         ? ? ? .        4 
? phasing           ? ? ? ? ? ? ? ? ? ? ? PHASER      ? ? ? .        5 
# 
_cell.angle_alpha                  90.000 
_cell.angle_alpha_esd              ? 
_cell.angle_beta                   90.000 
_cell.angle_beta_esd               ? 
_cell.angle_gamma                  90.000 
_cell.angle_gamma_esd              ? 
_cell.entry_id                     5Y12 
_cell.details                      ? 
_cell.formula_units_Z              ? 
_cell.length_a                     32.560 
_cell.length_a_esd                 ? 
_cell.length_b                     53.610 
_cell.length_b_esd                 ? 
_cell.length_c                     75.420 
_cell.length_c_esd                 ? 
_cell.volume                       ? 
_cell.volume_esd                   ? 
_cell.Z_PDB                        4 
_cell.reciprocal_angle_alpha       ? 
_cell.reciprocal_angle_beta        ? 
_cell.reciprocal_angle_gamma       ? 
_cell.reciprocal_angle_alpha_esd   ? 
_cell.reciprocal_angle_beta_esd    ? 
_cell.reciprocal_angle_gamma_esd   ? 
_cell.reciprocal_length_a          ? 
_cell.reciprocal_length_b          ? 
_cell.reciprocal_length_c          ? 
_cell.reciprocal_length_a_esd      ? 
_cell.reciprocal_length_b_esd      ? 
_cell.reciprocal_length_c_esd      ? 
_cell.pdbx_unique_axis             ? 
# 
_symmetry.entry_id                         5Y12 
_symmetry.cell_setting                     ? 
_symmetry.Int_Tables_number                19 
_symmetry.space_group_name_Hall            ? 
_symmetry.space_group_name_H-M             'P 21 21 21' 
_symmetry.pdbx_full_space_group_name_H-M   ? 
# 
_exptl.absorpt_coefficient_mu     ? 
_exptl.absorpt_correction_T_max   ? 
_exptl.absorpt_correction_T_min   ? 
_exptl.absorpt_correction_type    ? 
_exptl.absorpt_process_details    ? 
_exptl.entry_id                   5Y12 
_exptl.crystals_number            1 
_exptl.details                    ? 
_exptl.method                     'X-RAY DIFFRACTION' 
_exptl.method_details             ? 
# 
_exptl_crystal.colour                      ? 
_exptl_crystal.density_diffrn              ? 
_exptl_crystal.density_Matthews            1.95 
_exptl_crystal.density_method              ? 
_exptl_crystal.density_percent_sol         36.80 
_exptl_crystal.description                 ? 
_exptl_crystal.F_000                       ? 
_exptl_crystal.id                          1 
_exptl_crystal.preparation                 ? 
_exptl_crystal.size_max                    ? 
_exptl_crystal.size_mid                    ? 
_exptl_crystal.size_min                    ? 
_exptl_crystal.size_rad                    ? 
_exptl_crystal.colour_lustre               ? 
_exptl_crystal.colour_modifier             ? 
_exptl_crystal.colour_primary              ? 
_exptl_crystal.density_meas                ? 
_exptl_crystal.density_meas_esd            ? 
_exptl_crystal.density_meas_gt             ? 
_exptl_crystal.density_meas_lt             ? 
_exptl_crystal.density_meas_temp           ? 
_exptl_crystal.density_meas_temp_esd       ? 
_exptl_crystal.density_meas_temp_gt        ? 
_exptl_crystal.density_meas_temp_lt        ? 
_exptl_crystal.pdbx_crystal_image_url      ? 
_exptl_crystal.pdbx_crystal_image_format   ? 
_exptl_crystal.pdbx_mosaicity              ? 
_exptl_crystal.pdbx_mosaicity_esd          ? 
# 
_exptl_crystal_grow.apparatus       ? 
_exptl_crystal_grow.atmosphere      ? 
_exptl_crystal_grow.crystal_id      1 
_exptl_crystal_grow.details         ? 
_exptl_crystal_grow.method          'VAPOR DIFFUSION, HANGING DROP' 
_exptl_crystal_grow.method_ref      ? 
_exptl_crystal_grow.pH              6.5 
_exptl_crystal_grow.pressure        ? 
_exptl_crystal_grow.pressure_esd    ? 
_exptl_crystal_grow.seeding         ? 
_exptl_crystal_grow.seeding_ref     ? 
_exptl_crystal_grow.temp            293.0 
_exptl_crystal_grow.temp_details    ? 
_exptl_crystal_grow.temp_esd        ? 
_exptl_crystal_grow.time            ? 
_exptl_crystal_grow.pdbx_details    '1.6M trisodium citrate, PH6.5' 
_exptl_crystal_grow.pdbx_pH_range   ? 
# 
_diffrn.ambient_environment    ? 
_diffrn.ambient_temp           100.0 
_diffrn.ambient_temp_details   ? 
_diffrn.ambient_temp_esd       ? 
_diffrn.crystal_id             1 
_diffrn.crystal_support        ? 
_diffrn.crystal_treatment      ? 
_diffrn.details                ? 
_diffrn.id                     1 
_diffrn.ambient_pressure       ? 
_diffrn.ambient_pressure_esd   ? 
_diffrn.ambient_pressure_gt    ? 
_diffrn.ambient_pressure_lt    ? 
_diffrn.ambient_temp_gt        ? 
_diffrn.ambient_temp_lt        ? 
# 
_diffrn_detector.details                      ? 
_diffrn_detector.detector                     CCD 
_diffrn_detector.diffrn_id                    1 
_diffrn_detector.type                         'ADSC QUANTUM 315r' 
_diffrn_detector.area_resol_mean              ? 
_diffrn_detector.dtime                        ? 
_diffrn_detector.pdbx_frames_total            ? 
_diffrn_detector.pdbx_collection_time_total   ? 
_diffrn_detector.pdbx_collection_date         2013-01-27 
# 
_diffrn_radiation.collimation                      ? 
_diffrn_radiation.diffrn_id                        1 
_diffrn_radiation.filter_edge                      ? 
_diffrn_radiation.inhomogeneity                    ? 
_diffrn_radiation.monochromator                    ? 
_diffrn_radiation.polarisn_norm                    ? 
_diffrn_radiation.polarisn_ratio                   ? 
_diffrn_radiation.probe                            ? 
_diffrn_radiation.type                             ? 
_diffrn_radiation.xray_symbol                      ? 
_diffrn_radiation.wavelength_id                    1 
_diffrn_radiation.pdbx_monochromatic_or_laue_m_l   M 
_diffrn_radiation.pdbx_wavelength_list             ? 
_diffrn_radiation.pdbx_wavelength                  ? 
_diffrn_radiation.pdbx_diffrn_protocol             'SINGLE WAVELENGTH' 
_diffrn_radiation.pdbx_analyzer                    ? 
_diffrn_radiation.pdbx_scattering_type             x-ray 
# 
_diffrn_radiation_wavelength.id           1 
_diffrn_radiation_wavelength.wavelength   1.0000 
_diffrn_radiation_wavelength.wt           1.0 
# 
_diffrn_source.current                     ? 
_diffrn_source.details                     ? 
_diffrn_source.diffrn_id                   1 
_diffrn_source.power                       ? 
_diffrn_source.size                        ? 
_diffrn_source.source                      SYNCHROTRON 
_diffrn_source.target                      ? 
_diffrn_source.type                        'SSRF BEAMLINE BL17U1' 
_diffrn_source.voltage                     ? 
_diffrn_source.take-off_angle              ? 
_diffrn_source.pdbx_wavelength_list        1.0000 
_diffrn_source.pdbx_wavelength             ? 
_diffrn_source.pdbx_synchrotron_beamline   BL17U1 
_diffrn_source.pdbx_synchrotron_site       SSRF 
# 
_reflns.B_iso_Wilson_estimate            14.350 
_reflns.entry_id                         5Y12 
_reflns.data_reduction_details           ? 
_reflns.data_reduction_method            ? 
_reflns.d_resolution_high                1.750 
_reflns.d_resolution_low                 37.710 
_reflns.details                          ? 
_reflns.limit_h_max                      ? 
_reflns.limit_h_min                      ? 
_reflns.limit_k_max                      ? 
_reflns.limit_k_min                      ? 
_reflns.limit_l_max                      ? 
_reflns.limit_l_min                      ? 
_reflns.number_all                       ? 
_reflns.number_obs                       25482 
_reflns.observed_criterion               ? 
_reflns.observed_criterion_F_max         ? 
_reflns.observed_criterion_F_min         ? 
_reflns.observed_criterion_I_max         ? 
_reflns.observed_criterion_I_min         ? 
_reflns.observed_criterion_sigma_F       ? 
_reflns.observed_criterion_sigma_I       -3.000 
_reflns.percent_possible_obs             99.100 
_reflns.R_free_details                   ? 
_reflns.Rmerge_F_all                     ? 
_reflns.Rmerge_F_obs                     ? 
_reflns.Friedel_coverage                 ? 
_reflns.number_gt                        ? 
_reflns.threshold_expression             ? 
_reflns.pdbx_redundancy                  3.731 
_reflns.pdbx_Rmerge_I_obs                0.044 
_reflns.pdbx_Rmerge_I_all                ? 
_reflns.pdbx_Rsym_value                  ? 
_reflns.pdbx_netI_over_av_sigmaI         ? 
_reflns.pdbx_netI_over_sigmaI            20.270 
_reflns.pdbx_res_netI_over_av_sigmaI_2   ? 
_reflns.pdbx_res_netI_over_sigmaI_2      ? 
_reflns.pdbx_chi_squared                 0.989 
_reflns.pdbx_scaling_rejects             0 
_reflns.pdbx_d_res_high_opt              ? 
_reflns.pdbx_d_res_low_opt               ? 
_reflns.pdbx_d_res_opt_method            ? 
_reflns.phase_calculation_details        ? 
_reflns.pdbx_Rrim_I_all                  0.052 
_reflns.pdbx_Rpim_I_all                  ? 
_reflns.pdbx_d_opt                       ? 
_reflns.pdbx_number_measured_all         95072 
_reflns.pdbx_diffrn_id                   1 
_reflns.pdbx_ordinal                     1 
_reflns.pdbx_CC_half                     0.998 
_reflns.pdbx_R_split                     ? 
# 
loop_
_reflns_shell.d_res_high 
_reflns_shell.d_res_low 
_reflns_shell.meanI_over_sigI_all 
_reflns_shell.meanI_over_sigI_obs 
_reflns_shell.number_measured_all 
_reflns_shell.number_measured_obs 
_reflns_shell.number_possible 
_reflns_shell.number_unique_all 
_reflns_shell.number_unique_obs 
_reflns_shell.percent_possible_all 
_reflns_shell.percent_possible_obs 
_reflns_shell.Rmerge_F_all 
_reflns_shell.Rmerge_F_obs 
_reflns_shell.Rmerge_I_all 
_reflns_shell.Rmerge_I_obs 
_reflns_shell.meanI_over_sigI_gt 
_reflns_shell.meanI_over_uI_all 
_reflns_shell.meanI_over_uI_gt 
_reflns_shell.number_measured_gt 
_reflns_shell.number_unique_gt 
_reflns_shell.percent_possible_gt 
_reflns_shell.Rmerge_F_gt 
_reflns_shell.Rmerge_I_gt 
_reflns_shell.pdbx_redundancy 
_reflns_shell.pdbx_Rsym_value 
_reflns_shell.pdbx_chi_squared 
_reflns_shell.pdbx_netI_over_sigmaI_all 
_reflns_shell.pdbx_netI_over_sigmaI_obs 
_reflns_shell.pdbx_Rrim_I_all 
_reflns_shell.pdbx_Rpim_I_all 
_reflns_shell.pdbx_rejects 
_reflns_shell.pdbx_ordinal 
_reflns_shell.pdbx_diffrn_id 
_reflns_shell.pdbx_CC_half 
_reflns_shell.pdbx_R_split 
1.750 1.800  ? 7.420  ? 6423 1934 ? 1889 97.700 ? ? ? ? 0.170 ? ? ? ? ? ? ? ? 3.400 ? ? ? ? 0.203 ? ? 1  1 0.972 ? 
1.800 1.840  ? 9.790  ? 6831 1824 ? 1807 99.100 ? ? ? ? 0.137 ? ? ? ? ? ? ? ? 3.780 ? ? ? ? 0.161 ? ? 2  1 0.986 ? 
1.840 1.900  ? 11.460 ? 6885 1819 ? 1813 99.700 ? ? ? ? 0.109 ? ? ? ? ? ? ? ? 3.798 ? ? ? ? 0.127 ? ? 3  1 0.991 ? 
1.900 1.960  ? 13.530 ? 6649 1760 ? 1752 99.500 ? ? ? ? 0.092 ? ? ? ? ? ? ? ? 3.795 ? ? ? ? 0.107 ? ? 4  1 0.993 ? 
1.960 2.020  ? 14.800 ? 6390 1687 ? 1678 99.500 ? ? ? ? 0.076 ? ? ? ? ? ? ? ? 3.808 ? ? ? ? 0.089 ? ? 5  1 0.995 ? 
2.020 2.090  ? 16.630 ? 6147 1635 ? 1630 99.700 ? ? ? ? 0.067 ? ? ? ? ? ? ? ? 3.771 ? ? ? ? 0.079 ? ? 6  1 0.995 ? 
2.090 2.170  ? 17.680 ? 6031 1597 ? 1594 99.800 ? ? ? ? 0.065 ? ? ? ? ? ? ? ? 3.784 ? ? ? ? 0.076 ? ? 7  1 0.996 ? 
2.170 2.260  ? 19.230 ? 5632 1501 ? 1498 99.800 ? ? ? ? 0.059 ? ? ? ? ? ? ? ? 3.760 ? ? ? ? 0.069 ? ? 8  1 0.996 ? 
2.260 2.360  ? 20.550 ? 5527 1465 ? 1458 99.500 ? ? ? ? 0.053 ? ? ? ? ? ? ? ? 3.791 ? ? ? ? 0.062 ? ? 9  1 0.997 ? 
2.360 2.470  ? 22.110 ? 5332 1412 ? 1407 99.600 ? ? ? ? 0.049 ? ? ? ? ? ? ? ? 3.790 ? ? ? ? 0.058 ? ? 10 1 0.997 ? 
2.470 2.610  ? 24.210 ? 4956 1321 ? 1309 99.100 ? ? ? ? 0.045 ? ? ? ? ? ? ? ? 3.786 ? ? ? ? 0.053 ? ? 11 1 0.997 ? 
2.610 2.770  ? 25.690 ? 4694 1257 ? 1256 99.900 ? ? ? ? 0.041 ? ? ? ? ? ? ? ? 3.737 ? ? ? ? 0.049 ? ? 12 1 0.997 ? 
2.770 2.960  ? 28.000 ? 4389 1177 ? 1172 99.600 ? ? ? ? 0.037 ? ? ? ? ? ? ? ? 3.745 ? ? ? ? 0.043 ? ? 13 1 0.998 ? 
2.960 3.200  ? 30.880 ? 4121 1107 ? 1099 99.300 ? ? ? ? 0.036 ? ? ? ? ? ? ? ? 3.750 ? ? ? ? 0.042 ? ? 14 1 0.997 ? 
3.200 3.500  ? 32.830 ? 3749 1012 ? 1006 99.400 ? ? ? ? 0.034 ? ? ? ? ? ? ? ? 3.727 ? ? ? ? 0.040 ? ? 15 1 0.997 ? 
3.500 3.910  ? 34.420 ? 3334 911  ? 907  99.600 ? ? ? ? 0.034 ? ? ? ? ? ? ? ? 3.676 ? ? ? ? 0.039 ? ? 16 1 0.997 ? 
3.910 4.520  ? 33.700 ? 2915 819  ? 804  98.200 ? ? ? ? 0.031 ? ? ? ? ? ? ? ? 3.626 ? ? ? ? 0.037 ? ? 17 1 0.998 ? 
4.520 5.530  ? 34.780 ? 2326 670  ? 643  96.000 ? ? ? ? 0.029 ? ? ? ? ? ? ? ? 3.617 ? ? ? ? 0.035 ? ? 18 1 0.997 ? 
5.530 7.830  ? 33.900 ? 1928 530  ? 521  98.300 ? ? ? ? 0.032 ? ? ? ? ? ? ? ? 3.701 ? ? ? ? 0.038 ? ? 19 1 0.998 ? 
7.830 37.710 ? 34.460 ? 813  286  ? 239  83.600 ? ? ? ? 0.029 ? ? ? ? ? ? ? ? 3.402 ? ? ? ? 0.035 ? ? 20 1 0.998 ? 
# 
_refine.aniso_B[1][1]                            ? 
_refine.aniso_B[1][2]                            ? 
_refine.aniso_B[1][3]                            ? 
_refine.aniso_B[2][2]                            ? 
_refine.aniso_B[2][3]                            ? 
_refine.aniso_B[3][3]                            ? 
_refine.B_iso_max                                56.270 
_refine.B_iso_mean                               17.2800 
_refine.B_iso_min                                6.170 
_refine.correlation_coeff_Fo_to_Fc               ? 
_refine.correlation_coeff_Fo_to_Fc_free          ? 
_refine.details                                  ? 
_refine.diff_density_max                         ? 
_refine.diff_density_max_esd                     ? 
_refine.diff_density_min                         ? 
_refine.diff_density_min_esd                     ? 
_refine.diff_density_rms                         ? 
_refine.diff_density_rms_esd                     ? 
_refine.entry_id                                 5Y12 
_refine.pdbx_refine_id                           'X-RAY DIFFRACTION' 
_refine.ls_abs_structure_details                 ? 
_refine.ls_abs_structure_Flack                   ? 
_refine.ls_abs_structure_Flack_esd               ? 
_refine.ls_abs_structure_Rogers                  ? 
_refine.ls_abs_structure_Rogers_esd              ? 
_refine.ls_d_res_high                            1.7500 
_refine.ls_d_res_low                             37.7100 
_refine.ls_extinction_coef                       ? 
_refine.ls_extinction_coef_esd                   ? 
_refine.ls_extinction_expression                 ? 
_refine.ls_extinction_method                     ? 
_refine.ls_goodness_of_fit_all                   ? 
_refine.ls_goodness_of_fit_all_esd               ? 
_refine.ls_goodness_of_fit_obs                   ? 
_refine.ls_goodness_of_fit_obs_esd               ? 
_refine.ls_hydrogen_treatment                    ? 
_refine.ls_matrix_type                           ? 
_refine.ls_number_constraints                    ? 
_refine.ls_number_parameters                     ? 
_refine.ls_number_reflns_all                     ? 
_refine.ls_number_reflns_obs                     25479 
_refine.ls_number_reflns_R_free                  2544 
_refine.ls_number_reflns_R_work                  ? 
_refine.ls_number_restraints                     ? 
_refine.ls_percent_reflns_obs                    99.0500 
_refine.ls_percent_reflns_R_free                 9.9800 
_refine.ls_R_factor_all                          ? 
_refine.ls_R_factor_obs                          0.1727 
_refine.ls_R_factor_R_free                       0.2003 
_refine.ls_R_factor_R_free_error                 ? 
_refine.ls_R_factor_R_free_error_details         ? 
_refine.ls_R_factor_R_work                       0.1696 
_refine.ls_R_Fsqd_factor_obs                     ? 
_refine.ls_R_I_factor_obs                        ? 
_refine.ls_redundancy_reflns_all                 ? 
_refine.ls_redundancy_reflns_obs                 ? 
_refine.ls_restrained_S_all                      ? 
_refine.ls_restrained_S_obs                      ? 
_refine.ls_shift_over_esd_max                    ? 
_refine.ls_shift_over_esd_mean                   ? 
_refine.ls_structure_factor_coef                 ? 
_refine.ls_weighting_details                     ? 
_refine.ls_weighting_scheme                      ? 
_refine.ls_wR_factor_all                         ? 
_refine.ls_wR_factor_obs                         ? 
_refine.ls_wR_factor_R_free                      ? 
_refine.ls_wR_factor_R_work                      ? 
_refine.occupancy_max                            ? 
_refine.occupancy_min                            ? 
_refine.solvent_model_details                    ? 
_refine.solvent_model_param_bsol                 ? 
_refine.solvent_model_param_ksol                 ? 
_refine.ls_R_factor_gt                           ? 
_refine.ls_goodness_of_fit_gt                    ? 
_refine.ls_goodness_of_fit_ref                   ? 
_refine.ls_shift_over_su_max                     ? 
_refine.ls_shift_over_su_max_lt                  ? 
_refine.ls_shift_over_su_mean                    ? 
_refine.ls_shift_over_su_mean_lt                 ? 
_refine.pdbx_ls_sigma_I                          ? 
_refine.pdbx_ls_sigma_F                          1.150 
_refine.pdbx_ls_sigma_Fsqd                       ? 
_refine.pdbx_data_cutoff_high_absF               ? 
_refine.pdbx_data_cutoff_high_rms_absF           ? 
_refine.pdbx_data_cutoff_low_absF                ? 
_refine.pdbx_isotropic_thermal_model             ? 
_refine.pdbx_ls_cross_valid_method               'FREE R-VALUE' 
_refine.pdbx_method_to_determine_struct          ? 
_refine.pdbx_starting_model                      ? 
_refine.pdbx_stereochemistry_target_values       ? 
_refine.pdbx_R_Free_selection_details            ? 
_refine.pdbx_stereochem_target_val_spec_case     ? 
_refine.pdbx_overall_ESU_R                       ? 
_refine.pdbx_overall_ESU_R_Free                  ? 
_refine.pdbx_solvent_vdw_probe_radii             1.1100 
_refine.pdbx_solvent_ion_probe_radii             ? 
_refine.pdbx_solvent_shrinkage_radii             0.9000 
_refine.pdbx_real_space_R                        ? 
_refine.pdbx_density_correlation                 ? 
_refine.pdbx_pd_number_of_powder_patterns        ? 
_refine.pdbx_pd_number_of_points                 ? 
_refine.pdbx_pd_meas_number_of_points            ? 
_refine.pdbx_pd_proc_ls_prof_R_factor            ? 
_refine.pdbx_pd_proc_ls_prof_wR_factor           ? 
_refine.pdbx_pd_Marquardt_correlation_coeff      ? 
_refine.pdbx_pd_Fsqrd_R_factor                   ? 
_refine.pdbx_pd_ls_matrix_band_width             ? 
_refine.pdbx_overall_phase_error                 19.1200 
_refine.pdbx_overall_SU_R_free_Cruickshank_DPI   ? 
_refine.pdbx_overall_SU_R_free_Blow_DPI          ? 
_refine.pdbx_overall_SU_R_Blow_DPI               ? 
_refine.pdbx_TLS_residual_ADP_flag               ? 
_refine.pdbx_diffrn_id                           1 
_refine.overall_SU_B                             ? 
_refine.overall_SU_ML                            0.1500 
_refine.overall_SU_R_Cruickshank_DPI             ? 
_refine.overall_SU_R_free                        ? 
_refine.overall_FOM_free_R_set                   ? 
_refine.overall_FOM_work_R_set                   ? 
_refine.pdbx_average_fsc_overall                 ? 
_refine.pdbx_average_fsc_work                    ? 
_refine.pdbx_average_fsc_free                    ? 
# 
_refine_hist.cycle_id                         final 
_refine_hist.pdbx_refine_id                   'X-RAY DIFFRACTION' 
_refine_hist.d_res_high                       1.7500 
_refine_hist.d_res_low                        37.7100 
_refine_hist.pdbx_number_atoms_ligand         23 
_refine_hist.number_atoms_solvent             89 
_refine_hist.number_atoms_total               1166 
_refine_hist.pdbx_number_residues_total       136 
_refine_hist.pdbx_B_iso_mean_ligand           15.76 
_refine_hist.pdbx_B_iso_mean_solvent          22.62 
_refine_hist.pdbx_number_atoms_protein        1054 
_refine_hist.pdbx_number_atoms_nucleic_acid   0 
# 
loop_
_refine_ls_restr.pdbx_refine_id 
_refine_ls_restr.criterion 
_refine_ls_restr.dev_ideal 
_refine_ls_restr.dev_ideal_target 
_refine_ls_restr.number 
_refine_ls_restr.rejects 
_refine_ls_restr.type 
_refine_ls_restr.weight 
_refine_ls_restr.pdbx_restraint_function 
'X-RAY DIFFRACTION' ? 0.006  ? 1102 ? f_bond_d           ? ? 
'X-RAY DIFFRACTION' ? 1.017  ? 1485 ? f_angle_d          ? ? 
'X-RAY DIFFRACTION' ? 0.067  ? 169  ? f_chiral_restr     ? ? 
'X-RAY DIFFRACTION' ? 0.003  ? 185  ? f_plane_restr      ? ? 
'X-RAY DIFFRACTION' ? 13.902 ? 419  ? f_dihedral_angle_d ? ? 
# 
loop_
_refine_ls_shell.pdbx_refine_id 
_refine_ls_shell.d_res_high 
_refine_ls_shell.d_res_low 
_refine_ls_shell.number_reflns_all 
_refine_ls_shell.number_reflns_obs 
_refine_ls_shell.number_reflns_R_free 
_refine_ls_shell.number_reflns_R_work 
_refine_ls_shell.percent_reflns_obs 
_refine_ls_shell.percent_reflns_R_free 
_refine_ls_shell.R_factor_all 
_refine_ls_shell.R_factor_obs 
_refine_ls_shell.R_factor_R_free 
_refine_ls_shell.R_factor_R_free_error 
_refine_ls_shell.R_factor_R_work 
_refine_ls_shell.redundancy_reflns_all 
_refine_ls_shell.redundancy_reflns_obs 
_refine_ls_shell.wR_factor_all 
_refine_ls_shell.wR_factor_obs 
_refine_ls_shell.wR_factor_R_free 
_refine_ls_shell.wR_factor_R_work 
_refine_ls_shell.pdbx_total_number_of_bins_used 
_refine_ls_shell.pdbx_phase_error 
_refine_ls_shell.pdbx_fsc_work 
_refine_ls_shell.pdbx_fsc_free 
'X-RAY DIFFRACTION' 1.7499 1.7836  1397 . 141 1256 97.0000  . . . 0.2798 0.0000 0.1972 . . . . . . 18 . . . 
'X-RAY DIFFRACTION' 1.7836 1.8200  1418 . 143 1275 99.0000  . . . 0.1913 0.0000 0.1732 . . . . . . 18 . . . 
'X-RAY DIFFRACTION' 1.8200 1.8596  1395 . 143 1252 100.0000 . . . 0.2023 0.0000 0.1624 . . . . . . 18 . . . 
'X-RAY DIFFRACTION' 1.8596 1.9028  1451 . 147 1304 100.0000 . . . 0.1776 0.0000 0.1653 . . . . . . 18 . . . 
'X-RAY DIFFRACTION' 1.9028 1.9504  1415 . 140 1275 100.0000 . . . 0.2096 0.0000 0.1582 . . . . . . 18 . . . 
'X-RAY DIFFRACTION' 1.9504 2.0032  1409 . 140 1269 100.0000 . . . 0.2115 0.0000 0.1675 . . . . . . 18 . . . 
'X-RAY DIFFRACTION' 2.0032 2.0621  1436 . 144 1292 100.0000 . . . 0.1957 0.0000 0.1592 . . . . . . 18 . . . 
'X-RAY DIFFRACTION' 2.0621 2.1287  1410 . 146 1264 100.0000 . . . 0.2191 0.0000 0.1650 . . . . . . 18 . . . 
'X-RAY DIFFRACTION' 2.1287 2.2047  1431 . 137 1294 100.0000 . . . 0.1753 0.0000 0.1657 . . . . . . 18 . . . 
'X-RAY DIFFRACTION' 2.2047 2.2930  1409 . 136 1273 99.0000  . . . 0.2537 0.0000 0.1680 . . . . . . 18 . . . 
'X-RAY DIFFRACTION' 2.2930 2.3973  1435 . 143 1292 100.0000 . . . 0.2209 0.0000 0.1758 . . . . . . 18 . . . 
'X-RAY DIFFRACTION' 2.3973 2.5237  1437 . 142 1295 100.0000 . . . 0.2491 0.0000 0.1863 . . . . . . 18 . . . 
'X-RAY DIFFRACTION' 2.5237 2.6818  1413 . 138 1275 99.0000  . . . 0.2304 0.0000 0.2002 . . . . . . 18 . . . 
'X-RAY DIFFRACTION' 2.6818 2.8888  1415 . 139 1276 100.0000 . . . 0.2550 0.0000 0.2011 . . . . . . 18 . . . 
'X-RAY DIFFRACTION' 2.8888 3.1793  1427 . 147 1280 99.0000  . . . 0.2144 0.0000 0.1841 . . . . . . 18 . . . 
'X-RAY DIFFRACTION' 3.1793 3.6391  1428 . 144 1284 99.0000  . . . 0.1600 0.0000 0.1519 . . . . . . 18 . . . 
'X-RAY DIFFRACTION' 3.6391 4.5836  1403 . 143 1260 99.0000  . . . 0.1492 0.0000 0.1410 . . . . . . 18 . . . 
'X-RAY DIFFRACTION' 4.5836 37.7187 1350 . 131 1219 94.0000  . . . 0.1793 0.0000 0.1707 . . . . . . 18 . . . 
# 
_struct.entry_id                     5Y12 
_struct.title                        
'Crystal structure of human FABP4 complexed with ligand 5-((4-methoxynaphthalene)-1-sulfonamido)pentanoic acid' 
_struct.pdbx_model_details           ? 
_struct.pdbx_formula_weight          ? 
_struct.pdbx_formula_weight_method   ? 
_struct.pdbx_model_type_details      ? 
_struct.pdbx_CASP_flag               N 
# 
_struct_keywords.entry_id        5Y12 
_struct_keywords.text            'lipid binding protein, FABP4, inhibitor' 
_struct_keywords.pdbx_keywords   'LIPID BINDING PROTEIN' 
# 
loop_
_struct_asym.id 
_struct_asym.pdbx_blank_PDB_chainid_flag 
_struct_asym.pdbx_modified 
_struct_asym.entity_id 
_struct_asym.details 
A N N 1 ? 
B N N 2 ? 
C N N 3 ? 
# 
_struct_ref.id                         1 
_struct_ref.db_name                    UNP 
_struct_ref.db_code                    FABP4_HUMAN 
_struct_ref.pdbx_db_accession          P15090 
_struct_ref.pdbx_db_isoform            ? 
_struct_ref.entity_id                  1 
_struct_ref.pdbx_seq_one_letter_code   
;MCDAFVGTWKLVSSENFDDYMKEVGVGFATRKVAGMAKPNMIISVNGDVITIKSESTFKNTEISFILGQEFDEVTADDRK
VKSTITLDGGVLVHVQKWDGKSTTIKRKREDDKLVVECVMKGVTSTRVYERA
;
_struct_ref.pdbx_align_begin           1 
# 
_struct_ref_seq.align_id                      1 
_struct_ref_seq.ref_id                        1 
_struct_ref_seq.pdbx_PDB_id_code              5Y12 
_struct_ref_seq.pdbx_strand_id                A 
_struct_ref_seq.seq_align_beg                 21 
_struct_ref_seq.pdbx_seq_align_beg_ins_code   ? 
_struct_ref_seq.seq_align_end                 152 
_struct_ref_seq.pdbx_seq_align_end_ins_code   ? 
_struct_ref_seq.pdbx_db_accession             P15090 
_struct_ref_seq.db_align_beg                  1 
_struct_ref_seq.pdbx_db_align_beg_ins_code    ? 
_struct_ref_seq.db_align_end                  132 
_struct_ref_seq.pdbx_db_align_end_ins_code    ? 
_struct_ref_seq.pdbx_auth_seq_align_beg       0 
_struct_ref_seq.pdbx_auth_seq_align_end       131 
# 
loop_
_struct_ref_seq_dif.align_id 
_struct_ref_seq_dif.pdbx_pdb_id_code 
_struct_ref_seq_dif.mon_id 
_struct_ref_seq_dif.pdbx_pdb_strand_id 
_struct_ref_seq_dif.seq_num 
_struct_ref_seq_dif.pdbx_pdb_ins_code 
_struct_ref_seq_dif.pdbx_seq_db_name 
_struct_ref_seq_dif.pdbx_seq_db_accession_code 
_struct_ref_seq_dif.db_mon_id 
_struct_ref_seq_dif.pdbx_seq_db_seq_num 
_struct_ref_seq_dif.details 
_struct_ref_seq_dif.pdbx_auth_seq_num 
_struct_ref_seq_dif.pdbx_ordinal 
1 5Y12 MET A 1  ? UNP P15090 ? ? 'expression tag' -20 1  
1 5Y12 GLY A 2  ? UNP P15090 ? ? 'expression tag' -19 2  
1 5Y12 SER A 3  ? UNP P15090 ? ? 'expression tag' -18 3  
1 5Y12 SER A 4  ? UNP P15090 ? ? 'expression tag' -17 4  
1 5Y12 HIS A 5  ? UNP P15090 ? ? 'expression tag' -16 5  
1 5Y12 HIS A 6  ? UNP P15090 ? ? 'expression tag' -15 6  
1 5Y12 HIS A 7  ? UNP P15090 ? ? 'expression tag' -14 7  
1 5Y12 HIS A 8  ? UNP P15090 ? ? 'expression tag' -13 8  
1 5Y12 HIS A 9  ? UNP P15090 ? ? 'expression tag' -12 9  
1 5Y12 HIS A 10 ? UNP P15090 ? ? 'expression tag' -11 10 
1 5Y12 SER A 11 ? UNP P15090 ? ? 'expression tag' -10 11 
1 5Y12 SER A 12 ? UNP P15090 ? ? 'expression tag' -9  12 
1 5Y12 GLY A 13 ? UNP P15090 ? ? 'expression tag' -8  13 
1 5Y12 LEU A 14 ? UNP P15090 ? ? 'expression tag' -7  14 
1 5Y12 VAL A 15 ? UNP P15090 ? ? 'expression tag' -6  15 
1 5Y12 PRO A 16 ? UNP P15090 ? ? 'expression tag' -5  16 
1 5Y12 ARG A 17 ? UNP P15090 ? ? 'expression tag' -4  17 
1 5Y12 GLY A 18 ? UNP P15090 ? ? 'expression tag' -3  18 
1 5Y12 SER A 19 ? UNP P15090 ? ? 'expression tag' -2  19 
1 5Y12 HIS A 20 ? UNP P15090 ? ? 'expression tag' -1  20 
# 
_pdbx_struct_assembly.id                   1 
_pdbx_struct_assembly.details              author_defined_assembly 
_pdbx_struct_assembly.method_details       ? 
_pdbx_struct_assembly.oligomeric_details   monomeric 
_pdbx_struct_assembly.oligomeric_count     1 
# 
loop_
_pdbx_struct_assembly_prop.biol_id 
_pdbx_struct_assembly_prop.type 
_pdbx_struct_assembly_prop.value 
_pdbx_struct_assembly_prop.details 
1 'ABSA (A^2)' 0    ? 
1 MORE         0    ? 
1 'SSA (A^2)'  7230 ? 
# 
_pdbx_struct_assembly_gen.assembly_id       1 
_pdbx_struct_assembly_gen.oper_expression   1 
_pdbx_struct_assembly_gen.asym_id_list      A,B,C 
# 
_pdbx_struct_assembly_auth_evidence.id                     1 
_pdbx_struct_assembly_auth_evidence.assembly_id            1 
_pdbx_struct_assembly_auth_evidence.experimental_support   'gel filtration' 
_pdbx_struct_assembly_auth_evidence.details                ? 
# 
_pdbx_struct_oper_list.id                   1 
_pdbx_struct_oper_list.type                 'identity operation' 
_pdbx_struct_oper_list.name                 1_555 
_pdbx_struct_oper_list.symmetry_operation   x,y,z 
_pdbx_struct_oper_list.matrix[1][1]         1.0000000000 
_pdbx_struct_oper_list.matrix[1][2]         0.0000000000 
_pdbx_struct_oper_list.matrix[1][3]         0.0000000000 
_pdbx_struct_oper_list.vector[1]            0.0000000000 
_pdbx_struct_oper_list.matrix[2][1]         0.0000000000 
_pdbx_struct_oper_list.matrix[2][2]         1.0000000000 
_pdbx_struct_oper_list.matrix[2][3]         0.0000000000 
_pdbx_struct_oper_list.vector[2]            0.0000000000 
_pdbx_struct_oper_list.matrix[3][1]         0.0000000000 
_pdbx_struct_oper_list.matrix[3][2]         0.0000000000 
_pdbx_struct_oper_list.matrix[3][3]         1.0000000000 
_pdbx_struct_oper_list.vector[3]            0.0000000000 
# 
loop_
_struct_conf.conf_type_id 
_struct_conf.id 
_struct_conf.pdbx_PDB_helix_id 
_struct_conf.beg_label_comp_id 
_struct_conf.beg_label_asym_id 
_struct_conf.beg_label_seq_id 
_struct_conf.pdbx_beg_PDB_ins_code 
_struct_conf.end_label_comp_id 
_struct_conf.end_label_asym_id 
_struct_conf.end_label_seq_id 
_struct_conf.pdbx_end_PDB_ins_code 
_struct_conf.beg_auth_comp_id 
_struct_conf.beg_auth_asym_id 
_struct_conf.beg_auth_seq_id 
_struct_conf.end_auth_comp_id 
_struct_conf.end_auth_asym_id 
_struct_conf.end_auth_seq_id 
_struct_conf.pdbx_PDB_helix_class 
_struct_conf.details 
_struct_conf.pdbx_PDB_helix_length 
HELX_P HELX_P1 AA1 HIS A 20 ? VAL A 26 ? HIS A -1 VAL A 5  5 ? 7  
HELX_P HELX_P2 AA2 ASN A 36 ? GLY A 45 ? ASN A 15 GLY A 24 1 ? 10 
HELX_P HELX_P3 AA3 GLY A 47 ? ALA A 57 ? GLY A 26 ALA A 36 1 ? 11 
# 
_struct_conf_type.id          HELX_P 
_struct_conf_type.criteria    ? 
_struct_conf_type.reference   ? 
# 
_struct_sheet.id               AA1 
_struct_sheet.type             ? 
_struct_sheet.number_strands   10 
_struct_sheet.details          ? 
# 
loop_
_struct_sheet_order.sheet_id 
_struct_sheet_order.range_id_1 
_struct_sheet_order.range_id_2 
_struct_sheet_order.offset 
_struct_sheet_order.sense 
AA1 1 2  ? anti-parallel 
AA1 2 3  ? anti-parallel 
AA1 3 4  ? anti-parallel 
AA1 4 5  ? anti-parallel 
AA1 5 6  ? anti-parallel 
AA1 6 7  ? anti-parallel 
AA1 7 8  ? anti-parallel 
AA1 8 9  ? anti-parallel 
AA1 9 10 ? anti-parallel 
# 
loop_
_struct_sheet_range.sheet_id 
_struct_sheet_range.id 
_struct_sheet_range.beg_label_comp_id 
_struct_sheet_range.beg_label_asym_id 
_struct_sheet_range.beg_label_seq_id 
_struct_sheet_range.pdbx_beg_PDB_ins_code 
_struct_sheet_range.end_label_comp_id 
_struct_sheet_range.end_label_asym_id 
_struct_sheet_range.end_label_seq_id 
_struct_sheet_range.pdbx_end_PDB_ins_code 
_struct_sheet_range.beg_auth_comp_id 
_struct_sheet_range.beg_auth_asym_id 
_struct_sheet_range.beg_auth_seq_id 
_struct_sheet_range.end_auth_comp_id 
_struct_sheet_range.end_auth_asym_id 
_struct_sheet_range.end_auth_seq_id 
AA1 1  THR A 81  ? ILE A 86  ? THR A 60  ILE A 65  
AA1 2  VAL A 69  ? GLU A 75  ? VAL A 48  GLU A 54  
AA1 3  ASN A 60  ? ASN A 66  ? ASN A 39  ASN A 45  
AA1 4  GLY A 27  ? GLU A 35  ? GLY A 6   GLU A 14  
AA1 5  VAL A 143 ? ARG A 151 ? VAL A 122 ARG A 130 
AA1 6  LYS A 133 ? MET A 140 ? LYS A 112 MET A 119 
AA1 7  LYS A 121 ? GLU A 130 ? LYS A 100 GLU A 109 
AA1 8  VAL A 111 ? TRP A 118 ? VAL A 90  TRP A 97  
AA1 9  LYS A 100 ? ASP A 108 ? LYS A 79  ASP A 87  
AA1 10 PHE A 91  ? VAL A 94  ? PHE A 70  VAL A 73  
# 
loop_
_pdbx_struct_sheet_hbond.sheet_id 
_pdbx_struct_sheet_hbond.range_id_1 
_pdbx_struct_sheet_hbond.range_id_2 
_pdbx_struct_sheet_hbond.range_1_label_atom_id 
_pdbx_struct_sheet_hbond.range_1_label_comp_id 
_pdbx_struct_sheet_hbond.range_1_label_asym_id 
_pdbx_struct_sheet_hbond.range_1_label_seq_id 
_pdbx_struct_sheet_hbond.range_1_PDB_ins_code 
_pdbx_struct_sheet_hbond.range_1_auth_atom_id 
_pdbx_struct_sheet_hbond.range_1_auth_comp_id 
_pdbx_struct_sheet_hbond.range_1_auth_asym_id 
_pdbx_struct_sheet_hbond.range_1_auth_seq_id 
_pdbx_struct_sheet_hbond.range_2_label_atom_id 
_pdbx_struct_sheet_hbond.range_2_label_comp_id 
_pdbx_struct_sheet_hbond.range_2_label_asym_id 
_pdbx_struct_sheet_hbond.range_2_label_seq_id 
_pdbx_struct_sheet_hbond.range_2_PDB_ins_code 
_pdbx_struct_sheet_hbond.range_2_auth_atom_id 
_pdbx_struct_sheet_hbond.range_2_auth_comp_id 
_pdbx_struct_sheet_hbond.range_2_auth_asym_id 
_pdbx_struct_sheet_hbond.range_2_auth_seq_id 
AA1 1 2  O PHE A 85  ? O PHE A 64  N ILE A 70  ? N ILE A 49  
AA1 2 3  O LYS A 73  ? O LYS A 52  N ILE A 62  ? N ILE A 41  
AA1 3 4  O MET A 61  ? O MET A 40  N TRP A 29  ? N TRP A 8   
AA1 4 5  N VAL A 32  ? N VAL A 11  O VAL A 148 ? O VAL A 127 
AA1 5 6  O ARG A 147 ? O ARG A 126 N VAL A 136 ? N VAL A 115 
AA1 6 7  O VAL A 135 ? O VAL A 114 N LYS A 128 ? N LYS A 107 
AA1 7 8  O LYS A 121 ? O LYS A 100 N TRP A 118 ? N TRP A 97  
AA1 8 9  O VAL A 113 ? O VAL A 92  N THR A 106 ? N THR A 85  
AA1 9 10 O SER A 103 ? O SER A 82  N PHE A 91  ? N PHE A 70  
# 
_struct_site.id                   AC1 
_struct_site.pdbx_evidence_code   Software 
_struct_site.pdbx_auth_asym_id    A 
_struct_site.pdbx_auth_comp_id    8JX 
_struct_site.pdbx_auth_seq_id     201 
_struct_site.pdbx_auth_ins_code   ? 
_struct_site.pdbx_num_residues    18 
_struct_site.details              'binding site for residue 8JX A 201' 
# 
loop_
_struct_site_gen.id 
_struct_site_gen.site_id 
_struct_site_gen.pdbx_num_res 
_struct_site_gen.label_comp_id 
_struct_site_gen.label_asym_id 
_struct_site_gen.label_seq_id 
_struct_site_gen.pdbx_auth_ins_code 
_struct_site_gen.auth_comp_id 
_struct_site_gen.auth_asym_id 
_struct_site_gen.auth_seq_id 
_struct_site_gen.label_atom_id 
_struct_site_gen.label_alt_id 
_struct_site_gen.symmetry 
_struct_site_gen.details 
1  AC1 18 MET A 41  ? MET A 20  . ? 1_555 ? 
2  AC1 18 ALA A 54  ? ALA A 33  . ? 1_555 ? 
3  AC1 18 THR A 95  ? THR A 74  . ? 1_555 ? 
4  AC1 18 ALA A 96  ? ALA A 75  . ? 1_555 ? 
5  AC1 18 ASP A 97  ? ASP A 76  . ? 1_555 ? 
6  AC1 18 ARG A 99  ? ARG A 78  . ? 1_555 ? 
7  AC1 18 GLN A 116 ? GLN A 95  . ? 1_555 ? 
8  AC1 18 ILE A 125 ? ILE A 104 . ? 1_555 ? 
9  AC1 18 VAL A 136 ? VAL A 115 . ? 1_555 ? 
10 AC1 18 CYS A 138 ? CYS A 117 . ? 1_555 ? 
11 AC1 18 ARG A 147 ? ARG A 126 . ? 1_555 ? 
12 AC1 18 TYR A 149 ? TYR A 128 . ? 1_555 ? 
13 AC1 18 HOH C .   ? HOH A 315 . ? 1_555 ? 
14 AC1 18 HOH C .   ? HOH A 323 . ? 1_555 ? 
15 AC1 18 HOH C .   ? HOH A 331 . ? 1_555 ? 
16 AC1 18 HOH C .   ? HOH A 357 . ? 1_555 ? 
17 AC1 18 HOH C .   ? HOH A 373 . ? 1_555 ? 
18 AC1 18 HOH C .   ? HOH A 378 . ? 1_555 ? 
# 
_pdbx_validate_torsion.id              1 
_pdbx_validate_torsion.PDB_model_num   1 
_pdbx_validate_torsion.auth_comp_id    ASP 
_pdbx_validate_torsion.auth_asym_id    A 
_pdbx_validate_torsion.auth_seq_id     110 
_pdbx_validate_torsion.PDB_ins_code    ? 
_pdbx_validate_torsion.label_alt_id    ? 
_pdbx_validate_torsion.phi             51.69 
_pdbx_validate_torsion.psi             -126.41 
# 
loop_
_pdbx_unobs_or_zero_occ_residues.id 
_pdbx_unobs_or_zero_occ_residues.PDB_model_num 
_pdbx_unobs_or_zero_occ_residues.polymer_flag 
_pdbx_unobs_or_zero_occ_residues.occupancy_flag 
_pdbx_unobs_or_zero_occ_residues.auth_asym_id 
_pdbx_unobs_or_zero_occ_residues.auth_comp_id 
_pdbx_unobs_or_zero_occ_residues.auth_seq_id 
_pdbx_unobs_or_zero_occ_residues.PDB_ins_code 
_pdbx_unobs_or_zero_occ_residues.label_asym_id 
_pdbx_unobs_or_zero_occ_residues.label_comp_id 
_pdbx_unobs_or_zero_occ_residues.label_seq_id 
1  1 Y 1 A MET -20 ? A MET 1  
2  1 Y 1 A GLY -19 ? A GLY 2  
3  1 Y 1 A SER -18 ? A SER 3  
4  1 Y 1 A SER -17 ? A SER 4  
5  1 Y 1 A HIS -16 ? A HIS 5  
6  1 Y 1 A HIS -15 ? A HIS 6  
7  1 Y 1 A HIS -14 ? A HIS 7  
8  1 Y 1 A HIS -13 ? A HIS 8  
9  1 Y 1 A HIS -12 ? A HIS 9  
10 1 Y 1 A HIS -11 ? A HIS 10 
11 1 Y 1 A SER -10 ? A SER 11 
12 1 Y 1 A SER -9  ? A SER 12 
13 1 Y 1 A GLY -8  ? A GLY 13 
14 1 Y 1 A LEU -7  ? A LEU 14 
15 1 Y 1 A VAL -6  ? A VAL 15 
16 1 Y 1 A PRO -5  ? A PRO 16 
# 
loop_
_chem_comp_atom.comp_id 
_chem_comp_atom.atom_id 
_chem_comp_atom.type_symbol 
_chem_comp_atom.pdbx_aromatic_flag 
_chem_comp_atom.pdbx_stereo_config 
_chem_comp_atom.pdbx_ordinal 
8JX OAB  O N N 1   
8JX CAR  C N N 2   
8JX OAE  O N N 3   
8JX CAO  C N N 4   
8JX CAM  C N N 5   
8JX CAL  C N N 6   
8JX CAN  C N N 7   
8JX NAP  N N N 8   
8JX SAW  S N N 9   
8JX OAC  O N N 10  
8JX OAD  O N N 11  
8JX CAT  C Y N 12  
8JX CAV  C Y N 13  
8JX CAK  C Y N 14  
8JX CAG  C Y N 15  
8JX CAF  C Y N 16  
8JX CAJ  C Y N 17  
8JX CAU  C Y N 18  
8JX CAS  C Y N 19  
8JX OAQ  O N N 20  
8JX CAA  C N N 21  
8JX CAH  C Y N 22  
8JX CAI  C Y N 23  
8JX H1   H N N 24  
8JX H2   H N N 25  
8JX H3   H N N 26  
8JX H4   H N N 27  
8JX H5   H N N 28  
8JX H6   H N N 29  
8JX H7   H N N 30  
8JX H8   H N N 31  
8JX H9   H N N 32  
8JX H10  H N N 33  
8JX H11  H N N 34  
8JX H12  H N N 35  
8JX H13  H N N 36  
8JX H14  H N N 37  
8JX H15  H N N 38  
8JX H16  H N N 39  
8JX H17  H N N 40  
8JX H18  H N N 41  
8JX H19  H N N 42  
ALA N    N N N 43  
ALA CA   C N S 44  
ALA C    C N N 45  
ALA O    O N N 46  
ALA CB   C N N 47  
ALA OXT  O N N 48  
ALA H    H N N 49  
ALA H2   H N N 50  
ALA HA   H N N 51  
ALA HB1  H N N 52  
ALA HB2  H N N 53  
ALA HB3  H N N 54  
ALA HXT  H N N 55  
ARG N    N N N 56  
ARG CA   C N S 57  
ARG C    C N N 58  
ARG O    O N N 59  
ARG CB   C N N 60  
ARG CG   C N N 61  
ARG CD   C N N 62  
ARG NE   N N N 63  
ARG CZ   C N N 64  
ARG NH1  N N N 65  
ARG NH2  N N N 66  
ARG OXT  O N N 67  
ARG H    H N N 68  
ARG H2   H N N 69  
ARG HA   H N N 70  
ARG HB2  H N N 71  
ARG HB3  H N N 72  
ARG HG2  H N N 73  
ARG HG3  H N N 74  
ARG HD2  H N N 75  
ARG HD3  H N N 76  
ARG HE   H N N 77  
ARG HH11 H N N 78  
ARG HH12 H N N 79  
ARG HH21 H N N 80  
ARG HH22 H N N 81  
ARG HXT  H N N 82  
ASN N    N N N 83  
ASN CA   C N S 84  
ASN C    C N N 85  
ASN O    O N N 86  
ASN CB   C N N 87  
ASN CG   C N N 88  
ASN OD1  O N N 89  
ASN ND2  N N N 90  
ASN OXT  O N N 91  
ASN H    H N N 92  
ASN H2   H N N 93  
ASN HA   H N N 94  
ASN HB2  H N N 95  
ASN HB3  H N N 96  
ASN HD21 H N N 97  
ASN HD22 H N N 98  
ASN HXT  H N N 99  
ASP N    N N N 100 
ASP CA   C N S 101 
ASP C    C N N 102 
ASP O    O N N 103 
ASP CB   C N N 104 
ASP CG   C N N 105 
ASP OD1  O N N 106 
ASP OD2  O N N 107 
ASP OXT  O N N 108 
ASP H    H N N 109 
ASP H2   H N N 110 
ASP HA   H N N 111 
ASP HB2  H N N 112 
ASP HB3  H N N 113 
ASP HD2  H N N 114 
ASP HXT  H N N 115 
CYS N    N N N 116 
CYS CA   C N R 117 
CYS C    C N N 118 
CYS O    O N N 119 
CYS CB   C N N 120 
CYS SG   S N N 121 
CYS OXT  O N N 122 
CYS H    H N N 123 
CYS H2   H N N 124 
CYS HA   H N N 125 
CYS HB2  H N N 126 
CYS HB3  H N N 127 
CYS HG   H N N 128 
CYS HXT  H N N 129 
GLN N    N N N 130 
GLN CA   C N S 131 
GLN C    C N N 132 
GLN O    O N N 133 
GLN CB   C N N 134 
GLN CG   C N N 135 
GLN CD   C N N 136 
GLN OE1  O N N 137 
GLN NE2  N N N 138 
GLN OXT  O N N 139 
GLN H    H N N 140 
GLN H2   H N N 141 
GLN HA   H N N 142 
GLN HB2  H N N 143 
GLN HB3  H N N 144 
GLN HG2  H N N 145 
GLN HG3  H N N 146 
GLN HE21 H N N 147 
GLN HE22 H N N 148 
GLN HXT  H N N 149 
GLU N    N N N 150 
GLU CA   C N S 151 
GLU C    C N N 152 
GLU O    O N N 153 
GLU CB   C N N 154 
GLU CG   C N N 155 
GLU CD   C N N 156 
GLU OE1  O N N 157 
GLU OE2  O N N 158 
GLU OXT  O N N 159 
GLU H    H N N 160 
GLU H2   H N N 161 
GLU HA   H N N 162 
GLU HB2  H N N 163 
GLU HB3  H N N 164 
GLU HG2  H N N 165 
GLU HG3  H N N 166 
GLU HE2  H N N 167 
GLU HXT  H N N 168 
GLY N    N N N 169 
GLY CA   C N N 170 
GLY C    C N N 171 
GLY O    O N N 172 
GLY OXT  O N N 173 
GLY H    H N N 174 
GLY H2   H N N 175 
GLY HA2  H N N 176 
GLY HA3  H N N 177 
GLY HXT  H N N 178 
HIS N    N N N 179 
HIS CA   C N S 180 
HIS C    C N N 181 
HIS O    O N N 182 
HIS CB   C N N 183 
HIS CG   C Y N 184 
HIS ND1  N Y N 185 
HIS CD2  C Y N 186 
HIS CE1  C Y N 187 
HIS NE2  N Y N 188 
HIS OXT  O N N 189 
HIS H    H N N 190 
HIS H2   H N N 191 
HIS HA   H N N 192 
HIS HB2  H N N 193 
HIS HB3  H N N 194 
HIS HD1  H N N 195 
HIS HD2  H N N 196 
HIS HE1  H N N 197 
HIS HE2  H N N 198 
HIS HXT  H N N 199 
HOH O    O N N 200 
HOH H1   H N N 201 
HOH H2   H N N 202 
ILE N    N N N 203 
ILE CA   C N S 204 
ILE C    C N N 205 
ILE O    O N N 206 
ILE CB   C N S 207 
ILE CG1  C N N 208 
ILE CG2  C N N 209 
ILE CD1  C N N 210 
ILE OXT  O N N 211 
ILE H    H N N 212 
ILE H2   H N N 213 
ILE HA   H N N 214 
ILE HB   H N N 215 
ILE HG12 H N N 216 
ILE HG13 H N N 217 
ILE HG21 H N N 218 
ILE HG22 H N N 219 
ILE HG23 H N N 220 
ILE HD11 H N N 221 
ILE HD12 H N N 222 
ILE HD13 H N N 223 
ILE HXT  H N N 224 
LEU N    N N N 225 
LEU CA   C N S 226 
LEU C    C N N 227 
LEU O    O N N 228 
LEU CB   C N N 229 
LEU CG   C N N 230 
LEU CD1  C N N 231 
LEU CD2  C N N 232 
LEU OXT  O N N 233 
LEU H    H N N 234 
LEU H2   H N N 235 
LEU HA   H N N 236 
LEU HB2  H N N 237 
LEU HB3  H N N 238 
LEU HG   H N N 239 
LEU HD11 H N N 240 
LEU HD12 H N N 241 
LEU HD13 H N N 242 
LEU HD21 H N N 243 
LEU HD22 H N N 244 
LEU HD23 H N N 245 
LEU HXT  H N N 246 
LYS N    N N N 247 
LYS CA   C N S 248 
LYS C    C N N 249 
LYS O    O N N 250 
LYS CB   C N N 251 
LYS CG   C N N 252 
LYS CD   C N N 253 
LYS CE   C N N 254 
LYS NZ   N N N 255 
LYS OXT  O N N 256 
LYS H    H N N 257 
LYS H2   H N N 258 
LYS HA   H N N 259 
LYS HB2  H N N 260 
LYS HB3  H N N 261 
LYS HG2  H N N 262 
LYS HG3  H N N 263 
LYS HD2  H N N 264 
LYS HD3  H N N 265 
LYS HE2  H N N 266 
LYS HE3  H N N 267 
LYS HZ1  H N N 268 
LYS HZ2  H N N 269 
LYS HZ3  H N N 270 
LYS HXT  H N N 271 
MET N    N N N 272 
MET CA   C N S 273 
MET C    C N N 274 
MET O    O N N 275 
MET CB   C N N 276 
MET CG   C N N 277 
MET SD   S N N 278 
MET CE   C N N 279 
MET OXT  O N N 280 
MET H    H N N 281 
MET H2   H N N 282 
MET HA   H N N 283 
MET HB2  H N N 284 
MET HB3  H N N 285 
MET HG2  H N N 286 
MET HG3  H N N 287 
MET HE1  H N N 288 
MET HE2  H N N 289 
MET HE3  H N N 290 
MET HXT  H N N 291 
PHE N    N N N 292 
PHE CA   C N S 293 
PHE C    C N N 294 
PHE O    O N N 295 
PHE CB   C N N 296 
PHE CG   C Y N 297 
PHE CD1  C Y N 298 
PHE CD2  C Y N 299 
PHE CE1  C Y N 300 
PHE CE2  C Y N 301 
PHE CZ   C Y N 302 
PHE OXT  O N N 303 
PHE H    H N N 304 
PHE H2   H N N 305 
PHE HA   H N N 306 
PHE HB2  H N N 307 
PHE HB3  H N N 308 
PHE HD1  H N N 309 
PHE HD2  H N N 310 
PHE HE1  H N N 311 
PHE HE2  H N N 312 
PHE HZ   H N N 313 
PHE HXT  H N N 314 
PRO N    N N N 315 
PRO CA   C N S 316 
PRO C    C N N 317 
PRO O    O N N 318 
PRO CB   C N N 319 
PRO CG   C N N 320 
PRO CD   C N N 321 
PRO OXT  O N N 322 
PRO H    H N N 323 
PRO HA   H N N 324 
PRO HB2  H N N 325 
PRO HB3  H N N 326 
PRO HG2  H N N 327 
PRO HG3  H N N 328 
PRO HD2  H N N 329 
PRO HD3  H N N 330 
PRO HXT  H N N 331 
SER N    N N N 332 
SER CA   C N S 333 
SER C    C N N 334 
SER O    O N N 335 
SER CB   C N N 336 
SER OG   O N N 337 
SER OXT  O N N 338 
SER H    H N N 339 
SER H2   H N N 340 
SER HA   H N N 341 
SER HB2  H N N 342 
SER HB3  H N N 343 
SER HG   H N N 344 
SER HXT  H N N 345 
THR N    N N N 346 
THR CA   C N S 347 
THR C    C N N 348 
THR O    O N N 349 
THR CB   C N R 350 
THR OG1  O N N 351 
THR CG2  C N N 352 
THR OXT  O N N 353 
THR H    H N N 354 
THR H2   H N N 355 
THR HA   H N N 356 
THR HB   H N N 357 
THR HG1  H N N 358 
THR HG21 H N N 359 
THR HG22 H N N 360 
THR HG23 H N N 361 
THR HXT  H N N 362 
TRP N    N N N 363 
TRP CA   C N S 364 
TRP C    C N N 365 
TRP O    O N N 366 
TRP CB   C N N 367 
TRP CG   C Y N 368 
TRP CD1  C Y N 369 
TRP CD2  C Y N 370 
TRP NE1  N Y N 371 
TRP CE2  C Y N 372 
TRP CE3  C Y N 373 
TRP CZ2  C Y N 374 
TRP CZ3  C Y N 375 
TRP CH2  C Y N 376 
TRP OXT  O N N 377 
TRP H    H N N 378 
TRP H2   H N N 379 
TRP HA   H N N 380 
TRP HB2  H N N 381 
TRP HB3  H N N 382 
TRP HD1  H N N 383 
TRP HE1  H N N 384 
TRP HE3  H N N 385 
TRP HZ2  H N N 386 
TRP HZ3  H N N 387 
TRP HH2  H N N 388 
TRP HXT  H N N 389 
TYR N    N N N 390 
TYR CA   C N S 391 
TYR C    C N N 392 
TYR O    O N N 393 
TYR CB   C N N 394 
TYR CG   C Y N 395 
TYR CD1  C Y N 396 
TYR CD2  C Y N 397 
TYR CE1  C Y N 398 
TYR CE2  C Y N 399 
TYR CZ   C Y N 400 
TYR OH   O N N 401 
TYR OXT  O N N 402 
TYR H    H N N 403 
TYR H2   H N N 404 
TYR HA   H N N 405 
TYR HB2  H N N 406 
TYR HB3  H N N 407 
TYR HD1  H N N 408 
TYR HD2  H N N 409 
TYR HE1  H N N 410 
TYR HE2  H N N 411 
TYR HH   H N N 412 
TYR HXT  H N N 413 
VAL N    N N N 414 
VAL CA   C N S 415 
VAL C    C N N 416 
VAL O    O N N 417 
VAL CB   C N N 418 
VAL CG1  C N N 419 
VAL CG2  C N N 420 
VAL OXT  O N N 421 
VAL H    H N N 422 
VAL H2   H N N 423 
VAL HA   H N N 424 
VAL HB   H N N 425 
VAL HG11 H N N 426 
VAL HG12 H N N 427 
VAL HG13 H N N 428 
VAL HG21 H N N 429 
VAL HG22 H N N 430 
VAL HG23 H N N 431 
VAL HXT  H N N 432 
# 
loop_
_chem_comp_bond.comp_id 
_chem_comp_bond.atom_id_1 
_chem_comp_bond.atom_id_2 
_chem_comp_bond.value_order 
_chem_comp_bond.pdbx_aromatic_flag 
_chem_comp_bond.pdbx_stereo_config 
_chem_comp_bond.pdbx_ordinal 
8JX CAF CAG  sing Y N 1   
8JX CAF CAJ  doub Y N 2   
8JX CAG CAK  doub Y N 3   
8JX CAJ CAU  sing Y N 4   
8JX CAK CAV  sing Y N 5   
8JX CAU CAV  sing Y N 6   
8JX CAU CAS  doub Y N 7   
8JX CAV CAT  doub Y N 8   
8JX OAD SAW  doub N N 9   
8JX OAQ CAS  sing N N 10  
8JX OAQ CAA  sing N N 11  
8JX CAS CAH  sing Y N 12  
8JX CAT SAW  sing N N 13  
8JX CAT CAI  sing Y N 14  
8JX SAW NAP  sing N N 15  
8JX SAW OAC  doub N N 16  
8JX NAP CAN  sing N N 17  
8JX CAH CAI  doub Y N 18  
8JX CAN CAL  sing N N 19  
8JX CAL CAM  sing N N 20  
8JX CAO CAM  sing N N 21  
8JX CAO CAR  sing N N 22  
8JX CAR OAB  doub N N 23  
8JX CAR OAE  sing N N 24  
8JX OAE H1   sing N N 25  
8JX CAO H2   sing N N 26  
8JX CAO H3   sing N N 27  
8JX CAM H4   sing N N 28  
8JX CAM H5   sing N N 29  
8JX CAL H6   sing N N 30  
8JX CAL H7   sing N N 31  
8JX CAN H8   sing N N 32  
8JX CAN H9   sing N N 33  
8JX NAP H10  sing N N 34  
8JX CAK H11  sing N N 35  
8JX CAG H12  sing N N 36  
8JX CAF H13  sing N N 37  
8JX CAJ H14  sing N N 38  
8JX CAA H15  sing N N 39  
8JX CAA H16  sing N N 40  
8JX CAA H17  sing N N 41  
8JX CAH H18  sing N N 42  
8JX CAI H19  sing N N 43  
ALA N   CA   sing N N 44  
ALA N   H    sing N N 45  
ALA N   H2   sing N N 46  
ALA CA  C    sing N N 47  
ALA CA  CB   sing N N 48  
ALA CA  HA   sing N N 49  
ALA C   O    doub N N 50  
ALA C   OXT  sing N N 51  
ALA CB  HB1  sing N N 52  
ALA CB  HB2  sing N N 53  
ALA CB  HB3  sing N N 54  
ALA OXT HXT  sing N N 55  
ARG N   CA   sing N N 56  
ARG N   H    sing N N 57  
ARG N   H2   sing N N 58  
ARG CA  C    sing N N 59  
ARG CA  CB   sing N N 60  
ARG CA  HA   sing N N 61  
ARG C   O    doub N N 62  
ARG C   OXT  sing N N 63  
ARG CB  CG   sing N N 64  
ARG CB  HB2  sing N N 65  
ARG CB  HB3  sing N N 66  
ARG CG  CD   sing N N 67  
ARG CG  HG2  sing N N 68  
ARG CG  HG3  sing N N 69  
ARG CD  NE   sing N N 70  
ARG CD  HD2  sing N N 71  
ARG CD  HD3  sing N N 72  
ARG NE  CZ   sing N N 73  
ARG NE  HE   sing N N 74  
ARG CZ  NH1  sing N N 75  
ARG CZ  NH2  doub N N 76  
ARG NH1 HH11 sing N N 77  
ARG NH1 HH12 sing N N 78  
ARG NH2 HH21 sing N N 79  
ARG NH2 HH22 sing N N 80  
ARG OXT HXT  sing N N 81  
ASN N   CA   sing N N 82  
ASN N   H    sing N N 83  
ASN N   H2   sing N N 84  
ASN CA  C    sing N N 85  
ASN CA  CB   sing N N 86  
ASN CA  HA   sing N N 87  
ASN C   O    doub N N 88  
ASN C   OXT  sing N N 89  
ASN CB  CG   sing N N 90  
ASN CB  HB2  sing N N 91  
ASN CB  HB3  sing N N 92  
ASN CG  OD1  doub N N 93  
ASN CG  ND2  sing N N 94  
ASN ND2 HD21 sing N N 95  
ASN ND2 HD22 sing N N 96  
ASN OXT HXT  sing N N 97  
ASP N   CA   sing N N 98  
ASP N   H    sing N N 99  
ASP N   H2   sing N N 100 
ASP CA  C    sing N N 101 
ASP CA  CB   sing N N 102 
ASP CA  HA   sing N N 103 
ASP C   O    doub N N 104 
ASP C   OXT  sing N N 105 
ASP CB  CG   sing N N 106 
ASP CB  HB2  sing N N 107 
ASP CB  HB3  sing N N 108 
ASP CG  OD1  doub N N 109 
ASP CG  OD2  sing N N 110 
ASP OD2 HD2  sing N N 111 
ASP OXT HXT  sing N N 112 
CYS N   CA   sing N N 113 
CYS N   H    sing N N 114 
CYS N   H2   sing N N 115 
CYS CA  C    sing N N 116 
CYS CA  CB   sing N N 117 
CYS CA  HA   sing N N 118 
CYS C   O    doub N N 119 
CYS C   OXT  sing N N 120 
CYS CB  SG   sing N N 121 
CYS CB  HB2  sing N N 122 
CYS CB  HB3  sing N N 123 
CYS SG  HG   sing N N 124 
CYS OXT HXT  sing N N 125 
GLN N   CA   sing N N 126 
GLN N   H    sing N N 127 
GLN N   H2   sing N N 128 
GLN CA  C    sing N N 129 
GLN CA  CB   sing N N 130 
GLN CA  HA   sing N N 131 
GLN C   O    doub N N 132 
GLN C   OXT  sing N N 133 
GLN CB  CG   sing N N 134 
GLN CB  HB2  sing N N 135 
GLN CB  HB3  sing N N 136 
GLN CG  CD   sing N N 137 
GLN CG  HG2  sing N N 138 
GLN CG  HG3  sing N N 139 
GLN CD  OE1  doub N N 140 
GLN CD  NE2  sing N N 141 
GLN NE2 HE21 sing N N 142 
GLN NE2 HE22 sing N N 143 
GLN OXT HXT  sing N N 144 
GLU N   CA   sing N N 145 
GLU N   H    sing N N 146 
GLU N   H2   sing N N 147 
GLU CA  C    sing N N 148 
GLU CA  CB   sing N N 149 
GLU CA  HA   sing N N 150 
GLU C   O    doub N N 151 
GLU C   OXT  sing N N 152 
GLU CB  CG   sing N N 153 
GLU CB  HB2  sing N N 154 
GLU CB  HB3  sing N N 155 
GLU CG  CD   sing N N 156 
GLU CG  HG2  sing N N 157 
GLU CG  HG3  sing N N 158 
GLU CD  OE1  doub N N 159 
GLU CD  OE2  sing N N 160 
GLU OE2 HE2  sing N N 161 
GLU OXT HXT  sing N N 162 
GLY N   CA   sing N N 163 
GLY N   H    sing N N 164 
GLY N   H2   sing N N 165 
GLY CA  C    sing N N 166 
GLY CA  HA2  sing N N 167 
GLY CA  HA3  sing N N 168 
GLY C   O    doub N N 169 
GLY C   OXT  sing N N 170 
GLY OXT HXT  sing N N 171 
HIS N   CA   sing N N 172 
HIS N   H    sing N N 173 
HIS N   H2   sing N N 174 
HIS CA  C    sing N N 175 
HIS CA  CB   sing N N 176 
HIS CA  HA   sing N N 177 
HIS C   O    doub N N 178 
HIS C   OXT  sing N N 179 
HIS CB  CG   sing N N 180 
HIS CB  HB2  sing N N 181 
HIS CB  HB3  sing N N 182 
HIS CG  ND1  sing Y N 183 
HIS CG  CD2  doub Y N 184 
HIS ND1 CE1  doub Y N 185 
HIS ND1 HD1  sing N N 186 
HIS CD2 NE2  sing Y N 187 
HIS CD2 HD2  sing N N 188 
HIS CE1 NE2  sing Y N 189 
HIS CE1 HE1  sing N N 190 
HIS NE2 HE2  sing N N 191 
HIS OXT HXT  sing N N 192 
HOH O   H1   sing N N 193 
HOH O   H2   sing N N 194 
ILE N   CA   sing N N 195 
ILE N   H    sing N N 196 
ILE N   H2   sing N N 197 
ILE CA  C    sing N N 198 
ILE CA  CB   sing N N 199 
ILE CA  HA   sing N N 200 
ILE C   O    doub N N 201 
ILE C   OXT  sing N N 202 
ILE CB  CG1  sing N N 203 
ILE CB  CG2  sing N N 204 
ILE CB  HB   sing N N 205 
ILE CG1 CD1  sing N N 206 
ILE CG1 HG12 sing N N 207 
ILE CG1 HG13 sing N N 208 
ILE CG2 HG21 sing N N 209 
ILE CG2 HG22 sing N N 210 
ILE CG2 HG23 sing N N 211 
ILE CD1 HD11 sing N N 212 
ILE CD1 HD12 sing N N 213 
ILE CD1 HD13 sing N N 214 
ILE OXT HXT  sing N N 215 
LEU N   CA   sing N N 216 
LEU N   H    sing N N 217 
LEU N   H2   sing N N 218 
LEU CA  C    sing N N 219 
LEU CA  CB   sing N N 220 
LEU CA  HA   sing N N 221 
LEU C   O    doub N N 222 
LEU C   OXT  sing N N 223 
LEU CB  CG   sing N N 224 
LEU CB  HB2  sing N N 225 
LEU CB  HB3  sing N N 226 
LEU CG  CD1  sing N N 227 
LEU CG  CD2  sing N N 228 
LEU CG  HG   sing N N 229 
LEU CD1 HD11 sing N N 230 
LEU CD1 HD12 sing N N 231 
LEU CD1 HD13 sing N N 232 
LEU CD2 HD21 sing N N 233 
LEU CD2 HD22 sing N N 234 
LEU CD2 HD23 sing N N 235 
LEU OXT HXT  sing N N 236 
LYS N   CA   sing N N 237 
LYS N   H    sing N N 238 
LYS N   H2   sing N N 239 
LYS CA  C    sing N N 240 
LYS CA  CB   sing N N 241 
LYS CA  HA   sing N N 242 
LYS C   O    doub N N 243 
LYS C   OXT  sing N N 244 
LYS CB  CG   sing N N 245 
LYS CB  HB2  sing N N 246 
LYS CB  HB3  sing N N 247 
LYS CG  CD   sing N N 248 
LYS CG  HG2  sing N N 249 
LYS CG  HG3  sing N N 250 
LYS CD  CE   sing N N 251 
LYS CD  HD2  sing N N 252 
LYS CD  HD3  sing N N 253 
LYS CE  NZ   sing N N 254 
LYS CE  HE2  sing N N 255 
LYS CE  HE3  sing N N 256 
LYS NZ  HZ1  sing N N 257 
LYS NZ  HZ2  sing N N 258 
LYS NZ  HZ3  sing N N 259 
LYS OXT HXT  sing N N 260 
MET N   CA   sing N N 261 
MET N   H    sing N N 262 
MET N   H2   sing N N 263 
MET CA  C    sing N N 264 
MET CA  CB   sing N N 265 
MET CA  HA   sing N N 266 
MET C   O    doub N N 267 
MET C   OXT  sing N N 268 
MET CB  CG   sing N N 269 
MET CB  HB2  sing N N 270 
MET CB  HB3  sing N N 271 
MET CG  SD   sing N N 272 
MET CG  HG2  sing N N 273 
MET CG  HG3  sing N N 274 
MET SD  CE   sing N N 275 
MET CE  HE1  sing N N 276 
MET CE  HE2  sing N N 277 
MET CE  HE3  sing N N 278 
MET OXT HXT  sing N N 279 
PHE N   CA   sing N N 280 
PHE N   H    sing N N 281 
PHE N   H2   sing N N 282 
PHE CA  C    sing N N 283 
PHE CA  CB   sing N N 284 
PHE CA  HA   sing N N 285 
PHE C   O    doub N N 286 
PHE C   OXT  sing N N 287 
PHE CB  CG   sing N N 288 
PHE CB  HB2  sing N N 289 
PHE CB  HB3  sing N N 290 
PHE CG  CD1  doub Y N 291 
PHE CG  CD2  sing Y N 292 
PHE CD1 CE1  sing Y N 293 
PHE CD1 HD1  sing N N 294 
PHE CD2 CE2  doub Y N 295 
PHE CD2 HD2  sing N N 296 
PHE CE1 CZ   doub Y N 297 
PHE CE1 HE1  sing N N 298 
PHE CE2 CZ   sing Y N 299 
PHE CE2 HE2  sing N N 300 
PHE CZ  HZ   sing N N 301 
PHE OXT HXT  sing N N 302 
PRO N   CA   sing N N 303 
PRO N   CD   sing N N 304 
PRO N   H    sing N N 305 
PRO CA  C    sing N N 306 
PRO CA  CB   sing N N 307 
PRO CA  HA   sing N N 308 
PRO C   O    doub N N 309 
PRO C   OXT  sing N N 310 
PRO CB  CG   sing N N 311 
PRO CB  HB2  sing N N 312 
PRO CB  HB3  sing N N 313 
PRO CG  CD   sing N N 314 
PRO CG  HG2  sing N N 315 
PRO CG  HG3  sing N N 316 
PRO CD  HD2  sing N N 317 
PRO CD  HD3  sing N N 318 
PRO OXT HXT  sing N N 319 
SER N   CA   sing N N 320 
SER N   H    sing N N 321 
SER N   H2   sing N N 322 
SER CA  C    sing N N 323 
SER CA  CB   sing N N 324 
SER CA  HA   sing N N 325 
SER C   O    doub N N 326 
SER C   OXT  sing N N 327 
SER CB  OG   sing N N 328 
SER CB  HB2  sing N N 329 
SER CB  HB3  sing N N 330 
SER OG  HG   sing N N 331 
SER OXT HXT  sing N N 332 
THR N   CA   sing N N 333 
THR N   H    sing N N 334 
THR N   H2   sing N N 335 
THR CA  C    sing N N 336 
THR CA  CB   sing N N 337 
THR CA  HA   sing N N 338 
THR C   O    doub N N 339 
THR C   OXT  sing N N 340 
THR CB  OG1  sing N N 341 
THR CB  CG2  sing N N 342 
THR CB  HB   sing N N 343 
THR OG1 HG1  sing N N 344 
THR CG2 HG21 sing N N 345 
THR CG2 HG22 sing N N 346 
THR CG2 HG23 sing N N 347 
THR OXT HXT  sing N N 348 
TRP N   CA   sing N N 349 
TRP N   H    sing N N 350 
TRP N   H2   sing N N 351 
TRP CA  C    sing N N 352 
TRP CA  CB   sing N N 353 
TRP CA  HA   sing N N 354 
TRP C   O    doub N N 355 
TRP C   OXT  sing N N 356 
TRP CB  CG   sing N N 357 
TRP CB  HB2  sing N N 358 
TRP CB  HB3  sing N N 359 
TRP CG  CD1  doub Y N 360 
TRP CG  CD2  sing Y N 361 
TRP CD1 NE1  sing Y N 362 
TRP CD1 HD1  sing N N 363 
TRP CD2 CE2  doub Y N 364 
TRP CD2 CE3  sing Y N 365 
TRP NE1 CE2  sing Y N 366 
TRP NE1 HE1  sing N N 367 
TRP CE2 CZ2  sing Y N 368 
TRP CE3 CZ3  doub Y N 369 
TRP CE3 HE3  sing N N 370 
TRP CZ2 CH2  doub Y N 371 
TRP CZ2 HZ2  sing N N 372 
TRP CZ3 CH2  sing Y N 373 
TRP CZ3 HZ3  sing N N 374 
TRP CH2 HH2  sing N N 375 
TRP OXT HXT  sing N N 376 
TYR N   CA   sing N N 377 
TYR N   H    sing N N 378 
TYR N   H2   sing N N 379 
TYR CA  C    sing N N 380 
TYR CA  CB   sing N N 381 
TYR CA  HA   sing N N 382 
TYR C   O    doub N N 383 
TYR C   OXT  sing N N 384 
TYR CB  CG   sing N N 385 
TYR CB  HB2  sing N N 386 
TYR CB  HB3  sing N N 387 
TYR CG  CD1  doub Y N 388 
TYR CG  CD2  sing Y N 389 
TYR CD1 CE1  sing Y N 390 
TYR CD1 HD1  sing N N 391 
TYR CD2 CE2  doub Y N 392 
TYR CD2 HD2  sing N N 393 
TYR CE1 CZ   doub Y N 394 
TYR CE1 HE1  sing N N 395 
TYR CE2 CZ   sing Y N 396 
TYR CE2 HE2  sing N N 397 
TYR CZ  OH   sing N N 398 
TYR OH  HH   sing N N 399 
TYR OXT HXT  sing N N 400 
VAL N   CA   sing N N 401 
VAL N   H    sing N N 402 
VAL N   H2   sing N N 403 
VAL CA  C    sing N N 404 
VAL CA  CB   sing N N 405 
VAL CA  HA   sing N N 406 
VAL C   O    doub N N 407 
VAL C   OXT  sing N N 408 
VAL CB  CG1  sing N N 409 
VAL CB  CG2  sing N N 410 
VAL CB  HB   sing N N 411 
VAL CG1 HG11 sing N N 412 
VAL CG1 HG12 sing N N 413 
VAL CG1 HG13 sing N N 414 
VAL CG2 HG21 sing N N 415 
VAL CG2 HG22 sing N N 416 
VAL CG2 HG23 sing N N 417 
VAL OXT HXT  sing N N 418 
# 
_pdbx_entity_instance_feature.ordinal        1 
_pdbx_entity_instance_feature.comp_id        8JX 
_pdbx_entity_instance_feature.asym_id        ? 
_pdbx_entity_instance_feature.seq_num        ? 
_pdbx_entity_instance_feature.auth_comp_id   8JX 
_pdbx_entity_instance_feature.auth_asym_id   ? 
_pdbx_entity_instance_feature.auth_seq_num   ? 
_pdbx_entity_instance_feature.feature_type   'SUBJECT OF INVESTIGATION' 
_pdbx_entity_instance_feature.details        ? 
# 
_atom_sites.entry_id                    5Y12 
_atom_sites.fract_transf_matrix[1][1]   0.02364242 
_atom_sites.fract_transf_matrix[1][2]   0.01396209 
_atom_sites.fract_transf_matrix[1][3]   0.01376171 
_atom_sites.fract_transf_matrix[2][1]   0.00684376 
_atom_sites.fract_transf_matrix[2][2]   -0.01659283 
_atom_sites.fract_transf_matrix[2][3]   0.00507695 
_atom_sites.fract_transf_matrix[3][1]   0.00692541 
_atom_sites.fract_transf_matrix[3][2]   -0.00059826 
_atom_sites.fract_transf_matrix[3][3]   -0.01129078 
_atom_sites.fract_transf_vector[1]      -0.238089 
_atom_sites.fract_transf_vector[2]      0.184545 
_atom_sites.fract_transf_vector[3]      -0.192651 
# 
loop_
_atom_type.symbol 
C 
N 
O 
S 
# 
loop_
_atom_site.group_PDB 
_atom_site.id 
_atom_site.type_symbol 
_atom_site.label_atom_id 
_atom_site.label_alt_id 
_atom_site.label_comp_id 
_atom_site.label_asym_id 
_atom_site.label_entity_id 
_atom_site.label_seq_id 
_atom_site.pdbx_PDB_ins_code 
_atom_site.Cartn_x 
_atom_site.Cartn_y 
_atom_site.Cartn_z 
_atom_site.occupancy 
_atom_site.B_iso_or_equiv 
_atom_site.pdbx_formal_charge 
_atom_site.auth_seq_id 
_atom_site.auth_comp_id 
_atom_site.auth_asym_id 
_atom_site.auth_atom_id 
_atom_site.pdbx_PDB_model_num 
ATOM   1    N N   . ARG A 1 17  ? 19.881  -12.884 -12.976 1.00 55.77 ? -4  ARG A N   1 
ATOM   2    C CA  . ARG A 1 17  ? 18.430  -12.882 -13.118 1.00 43.36 ? -4  ARG A CA  1 
ATOM   3    C C   . ARG A 1 17  ? 17.974  -11.839 -14.137 1.00 48.40 ? -4  ARG A C   1 
ATOM   4    O O   . ARG A 1 17  ? 18.523  -10.737 -14.207 1.00 52.19 ? -4  ARG A O   1 
ATOM   5    C CB  . ARG A 1 17  ? 17.754  -12.637 -11.766 1.00 42.49 ? -4  ARG A CB  1 
ATOM   6    N N   . GLY A 1 18  ? 16.973  -12.200 -14.932 1.00 44.38 ? -3  GLY A N   1 
ATOM   7    C CA  . GLY A 1 18  ? 16.425  -11.301 -15.929 1.00 35.05 ? -3  GLY A CA  1 
ATOM   8    C C   . GLY A 1 18  ? 15.179  -10.597 -15.424 1.00 34.27 ? -3  GLY A C   1 
ATOM   9    O O   . GLY A 1 18  ? 14.884  -10.622 -14.229 1.00 36.39 ? -3  GLY A O   1 
ATOM   10   N N   . SER A 1 19  ? 14.443  -9.979  -16.345 1.00 32.68 ? -2  SER A N   1 
ATOM   11   C CA  . SER A 1 19  ? 13.269  -9.182  -15.995 1.00 27.12 ? -2  SER A CA  1 
ATOM   12   C C   . SER A 1 19  ? 12.128  -9.999  -15.388 1.00 27.87 ? -2  SER A C   1 
ATOM   13   O O   . SER A 1 19  ? 12.019  -11.208 -15.595 1.00 31.80 ? -2  SER A O   1 
ATOM   14   C CB  . SER A 1 19  ? 12.749  -8.434  -17.225 1.00 26.76 ? -2  SER A CB  1 
ATOM   15   O OG  . SER A 1 19  ? 13.776  -7.683  -17.851 1.00 33.30 ? -2  SER A OG  1 
ATOM   16   N N   . HIS A 1 20  ? 11.279  -9.312  -14.634 1.00 27.33 ? -1  HIS A N   1 
ATOM   17   C CA  . HIS A 1 20  ? 10.042  -9.887  -14.124 1.00 34.01 ? -1  HIS A CA  1 
ATOM   18   C C   . HIS A 1 20  ? 8.922   -8.883  -14.359 1.00 28.02 ? -1  HIS A C   1 
ATOM   19   O O   . HIS A 1 20  ? 9.169   -7.681  -14.394 1.00 24.10 ? -1  HIS A O   1 
ATOM   20   C CB  . HIS A 1 20  ? 10.170  -10.224 -12.636 1.00 30.27 ? -1  HIS A CB  1 
ATOM   21   C CG  . HIS A 1 20  ? 10.899  -11.506 -12.369 1.00 42.04 ? -1  HIS A CG  1 
ATOM   22   N ND1 . HIS A 1 20  ? 12.271  -11.615 -12.455 1.00 49.94 ? -1  HIS A ND1 1 
ATOM   23   C CD2 . HIS A 1 20  ? 10.444  -12.736 -12.032 1.00 41.39 ? -1  HIS A CD2 1 
ATOM   24   C CE1 . HIS A 1 20  ? 12.629  -12.857 -12.174 1.00 41.70 ? -1  HIS A CE1 1 
ATOM   25   N NE2 . HIS A 1 20  ? 11.541  -13.557 -11.916 1.00 47.48 ? -1  HIS A NE2 1 
ATOM   26   N N   . MET A 1 21  ? 7.698   -9.372  -14.538 1.00 30.32 ? 0   MET A N   1 
ATOM   27   C CA  . MET A 1 21  ? 6.568   -8.484  -14.801 1.00 23.98 ? 0   MET A CA  1 
ATOM   28   C C   . MET A 1 21  ? 6.422   -7.443  -13.689 1.00 25.85 ? 0   MET A C   1 
ATOM   29   O O   . MET A 1 21  ? 6.064   -6.294  -13.953 1.00 23.13 ? 0   MET A O   1 
ATOM   30   C CB  . MET A 1 21  ? 5.277   -9.291  -15.000 1.00 23.50 ? 0   MET A CB  1 
ATOM   31   C CG  . MET A 1 21  ? 4.053   -8.443  -15.283 1.00 21.76 ? 0   MET A CG  1 
ATOM   32   S SD  . MET A 1 21  ? 3.222   -7.950  -13.757 1.00 29.48 ? 0   MET A SD  1 
ATOM   33   C CE  . MET A 1 21  ? 2.541   -9.534  -13.282 1.00 32.23 ? 0   MET A CE  1 
ATOM   34   N N   . CYS A 1 22  ? 6.735   -7.848  -12.459 1.00 21.53 ? 1   CYS A N   1 
ATOM   35   C CA  A CYS A 1 22  ? 6.681   -6.979  -11.280 0.50 22.56 ? 1   CYS A CA  1 
ATOM   36   C CA  B CYS A 1 22  ? 6.626   -6.937  -11.319 0.50 22.56 ? 1   CYS A CA  1 
ATOM   37   C C   . CYS A 1 22  ? 7.629   -5.779  -11.376 1.00 23.83 ? 1   CYS A C   1 
ATOM   38   O O   . CYS A 1 22  ? 7.518   -4.814  -10.612 1.00 19.62 ? 1   CYS A O   1 
ATOM   39   C CB  A CYS A 1 22  ? 7.015   -7.790  -10.022 0.50 26.55 ? 1   CYS A CB  1 
ATOM   40   C CB  B CYS A 1 22  ? 6.742   -7.696  -9.995  0.50 26.78 ? 1   CYS A CB  1 
ATOM   41   S SG  A CYS A 1 22  ? 5.741   -7.799  -8.736  0.50 27.67 ? 1   CYS A SG  1 
ATOM   42   S SG  B CYS A 1 22  ? 8.200   -8.738  -9.862  0.50 28.15 ? 1   CYS A SG  1 
ATOM   43   N N   . ASP A 1 23  ? 8.584   -5.841  -12.298 1.00 16.85 ? 2   ASP A N   1 
ATOM   44   C CA  . ASP A 1 23  ? 9.521   -4.732  -12.452 1.00 21.07 ? 2   ASP A CA  1 
ATOM   45   C C   . ASP A 1 23  ? 8.811   -3.434  -12.853 1.00 17.83 ? 2   ASP A C   1 
ATOM   46   O O   . ASP A 1 23  ? 9.376   -2.350  -12.709 1.00 17.66 ? 2   ASP A O   1 
ATOM   47   C CB  . ASP A 1 23  ? 10.634  -5.076  -13.450 1.00 25.16 ? 2   ASP A CB  1 
ATOM   48   C CG  . ASP A 1 23  ? 11.557  -6.172  -12.943 1.00 25.26 ? 2   ASP A CG  1 
ATOM   49   O OD1 . ASP A 1 23  ? 11.625  -6.390  -11.712 1.00 27.26 ? 2   ASP A OD1 1 
ATOM   50   O OD2 . ASP A 1 23  ? 12.221  -6.817  -13.778 1.00 27.51 1 2   ASP A OD2 1 
ATOM   51   N N   . ALA A 1 24  ? 7.569   -3.543  -13.332 1.00 16.33 ? 3   ALA A N   1 
ATOM   52   C CA  . ALA A 1 24  ? 6.779   -2.368  -13.707 1.00 19.01 ? 3   ALA A CA  1 
ATOM   53   C C   . ALA A 1 24  ? 6.433   -1.492  -12.501 1.00 16.53 ? 3   ALA A C   1 
ATOM   54   O O   . ALA A 1 24  ? 6.067   -0.315  -12.653 1.00 15.90 ? 3   ALA A O   1 
ATOM   55   C CB  . ALA A 1 24  ? 5.497   -2.792  -14.420 1.00 22.06 ? 3   ALA A CB  1 
ATOM   56   N N   . PHE A 1 25  ? 6.514   -2.068  -11.306 1.00 13.31 ? 4   PHE A N   1 
ATOM   57   C CA  . PHE A 1 25  ? 6.242   -1.311  -10.095 1.00 11.97 ? 4   PHE A CA  1 
ATOM   58   C C   . PHE A 1 25  ? 7.502   -0.675  -9.545  1.00 13.59 ? 4   PHE A C   1 
ATOM   59   O O   . PHE A 1 25  ? 7.433   0.188   -8.682  1.00 12.35 ? 4   PHE A O   1 
ATOM   60   C CB  . PHE A 1 25  ? 5.640   -2.213  -9.009  1.00 12.70 ? 4   PHE A CB  1 
ATOM   61   C CG  . PHE A 1 25  ? 4.277   -2.726  -9.339  1.00 17.02 ? 4   PHE A CG  1 
ATOM   62   C CD1 . PHE A 1 25  ? 3.155   -1.961  -9.074  1.00 13.71 ? 4   PHE A CD1 1 
ATOM   63   C CD2 . PHE A 1 25  ? 4.113   -3.980  -9.905  1.00 17.65 ? 4   PHE A CD2 1 
ATOM   64   C CE1 . PHE A 1 25  ? 1.894   -2.435  -9.372  1.00 14.41 ? 4   PHE A CE1 1 
ATOM   65   C CE2 . PHE A 1 25  ? 2.855   -4.458  -10.209 1.00 16.79 ? 4   PHE A CE2 1 
ATOM   66   C CZ  . PHE A 1 25  ? 1.744   -3.688  -9.939  1.00 15.27 ? 4   PHE A CZ  1 
ATOM   67   N N   . VAL A 1 26  ? 8.656   -1.114  -10.031 1.00 11.79 ? 5   VAL A N   1 
ATOM   68   C CA  . VAL A 1 26  ? 9.919   -0.709  -9.437  1.00 11.24 ? 5   VAL A CA  1 
ATOM   69   C C   . VAL A 1 26  ? 10.226  0.758   -9.702  1.00 14.05 ? 5   VAL A C   1 
ATOM   70   O O   . VAL A 1 26  ? 10.101  1.223   -10.831 1.00 13.01 ? 5   VAL A O   1 
ATOM   71   C CB  . VAL A 1 26  ? 11.066  -1.586  -9.956  1.00 18.26 ? 5   VAL A CB  1 
ATOM   72   C CG1 . VAL A 1 26  ? 12.413  -1.009  -9.560  1.00 18.51 ? 5   VAL A CG1 1 
ATOM   73   C CG2 . VAL A 1 26  ? 10.899  -2.995  -9.410  1.00 13.60 ? 5   VAL A CG2 1 
ATOM   74   N N   . GLY A 1 27  ? 10.625  1.482   -8.662  1.00 12.67 ? 6   GLY A N   1 
ATOM   75   C CA  . GLY A 1 27  ? 10.981  2.880   -8.832  1.00 12.68 ? 6   GLY A CA  1 
ATOM   76   C C   . GLY A 1 27  ? 10.654  3.754   -7.638  1.00 11.80 ? 6   GLY A C   1 
ATOM   77   O O   . GLY A 1 27  ? 10.368  3.270   -6.540  1.00 13.80 ? 6   GLY A O   1 
ATOM   78   N N   . THR A 1 28  ? 10.692  5.063   -7.865  1.00 11.80 ? 7   THR A N   1 
ATOM   79   C CA  . THR A 1 28  ? 10.401  6.032   -6.814  1.00 11.83 ? 7   THR A CA  1 
ATOM   80   C C   . THR A 1 28  ? 9.142   6.791   -7.225  1.00 13.91 ? 7   THR A C   1 
ATOM   81   O O   . THR A 1 28  ? 9.063   7.332   -8.332  1.00 16.98 ? 7   THR A O   1 
ATOM   82   C CB  . THR A 1 28  ? 11.569  7.018   -6.618  1.00 17.65 ? 7   THR A CB  1 
ATOM   83   O OG1 . THR A 1 28  ? 12.800  6.292   -6.500  1.00 23.62 ? 7   THR A OG1 1 
ATOM   84   C CG2 . THR A 1 28  ? 11.366  7.860   -5.371  1.00 18.74 ? 7   THR A CG2 1 
ATOM   85   N N   . TRP A 1 29  ? 8.156   6.814   -6.331  1.00 10.25 ? 8   TRP A N   1 
ATOM   86   C CA  . TRP A 1 29  ? 6.829   7.311   -6.651  1.00 12.46 ? 8   TRP A CA  1 
ATOM   87   C C   . TRP A 1 29  ? 6.444   8.380   -5.638  1.00 12.88 ? 8   TRP A C   1 
ATOM   88   O O   . TRP A 1 29  ? 6.888   8.330   -4.490  1.00 15.05 ? 8   TRP A O   1 
ATOM   89   C CB  . TRP A 1 29  ? 5.804   6.165   -6.589  1.00 11.10 ? 8   TRP A CB  1 
ATOM   90   C CG  . TRP A 1 29  ? 6.098   5.025   -7.528  1.00 11.14 ? 8   TRP A CG  1 
ATOM   91   C CD1 . TRP A 1 29  ? 6.821   3.898   -7.259  1.00 12.13 ? 8   TRP A CD1 1 
ATOM   92   C CD2 . TRP A 1 29  ? 5.669   4.910   -8.887  1.00 10.17 ? 8   TRP A CD2 1 
ATOM   93   N NE1 . TRP A 1 29  ? 6.879   3.086   -8.377  1.00 12.41 ? 8   TRP A NE1 1 
ATOM   94   C CE2 . TRP A 1 29  ? 6.166   3.686   -9.385  1.00 11.89 ? 8   TRP A CE2 1 
ATOM   95   C CE3 . TRP A 1 29  ? 4.910   5.723   -9.731  1.00 12.41 ? 8   TRP A CE3 1 
ATOM   96   C CZ2 . TRP A 1 29  ? 5.934   3.262   -10.692 1.00 15.26 ? 8   TRP A CZ2 1 
ATOM   97   C CZ3 . TRP A 1 29  ? 4.681   5.293   -11.036 1.00 13.84 ? 8   TRP A CZ3 1 
ATOM   98   C CH2 . TRP A 1 29  ? 5.195   4.078   -11.498 1.00 15.78 ? 8   TRP A CH2 1 
ATOM   99   N N   . LYS A 1 30  ? 5.631   9.346   -6.060  1.00 11.57 ? 9   LYS A N   1 
ATOM   100  C CA  . LYS A 1 30  ? 5.123   10.379  -5.144  1.00 10.91 ? 9   LYS A CA  1 
ATOM   101  C C   . LYS A 1 30  ? 3.606   10.517  -5.249  1.00 10.16 ? 9   LYS A C   1 
ATOM   102  O O   . LYS A 1 30  ? 3.049   10.485  -6.332  1.00 13.74 ? 9   LYS A O   1 
ATOM   103  C CB  . LYS A 1 30  ? 5.785   11.731  -5.418  1.00 11.90 ? 9   LYS A CB  1 
ATOM   104  C CG  . LYS A 1 30  ? 5.567   12.254  -6.815  1.00 14.44 ? 9   LYS A CG  1 
ATOM   105  C CD  . LYS A 1 30  ? 5.903   13.737  -6.910  1.00 28.66 ? 9   LYS A CD  1 
ATOM   106  C CE  . LYS A 1 30  ? 5.542   14.299  -8.280  1.00 32.15 ? 9   LYS A CE  1 
ATOM   107  N NZ  . LYS A 1 30  ? 6.459   13.793  -9.341  1.00 39.87 ? 9   LYS A NZ  1 
ATOM   108  N N   . LEU A 1 31  ? 2.940   10.641  -4.108  1.00 9.71  ? 10  LEU A N   1 
ATOM   109  C CA  . LEU A 1 31  ? 1.488   10.725  -4.067  1.00 9.36  ? 10  LEU A CA  1 
ATOM   110  C C   . LEU A 1 31  ? 1.015   12.042  -4.669  1.00 12.59 ? 10  LEU A C   1 
ATOM   111  O O   . LEU A 1 31  ? 1.433   13.106  -4.222  1.00 15.82 ? 10  LEU A O   1 
ATOM   112  C CB  . LEU A 1 31  ? 1.008   10.651  -2.616  1.00 13.70 ? 10  LEU A CB  1 
ATOM   113  C CG  . LEU A 1 31  ? -0.510  10.690  -2.458  1.00 14.10 ? 10  LEU A CG  1 
ATOM   114  C CD1 . LEU A 1 31  ? -1.110  9.381   -2.962  1.00 12.66 ? 10  LEU A CD1 1 
ATOM   115  C CD2 . LEU A 1 31  ? -0.911  10.956  -1.016  1.00 18.60 ? 10  LEU A CD2 1 
ATOM   116  N N   . VAL A 1 32  ? 0.146   11.975  -5.672  1.00 9.00  ? 11  VAL A N   1 
ATOM   117  C CA  . VAL A 1 32  ? -0.361  13.196  -6.296  1.00 14.55 ? 11  VAL A CA  1 
ATOM   118  C C   . VAL A 1 32  ? -1.854  13.437  -6.051  1.00 21.91 ? 11  VAL A C   1 
ATOM   119  O O   . VAL A 1 32  ? -2.333  14.562  -6.189  1.00 17.57 ? 11  VAL A O   1 
ATOM   120  C CB  . VAL A 1 32  ? -0.042  13.249  -7.809  1.00 16.89 ? 11  VAL A CB  1 
ATOM   121  C CG1 . VAL A 1 32  ? 1.461   13.233  -8.025  1.00 15.29 ? 11  VAL A CG1 1 
ATOM   122  C CG2 . VAL A 1 32  ? -0.711  12.096  -8.551  1.00 18.48 ? 11  VAL A CG2 1 
ATOM   123  N N   . SER A 1 33  ? -2.587  12.393  -5.672  1.00 12.52 ? 12  SER A N   1 
ATOM   124  C CA  . SER A 1 33  ? -4.006  12.556  -5.362  1.00 17.24 ? 12  SER A CA  1 
ATOM   125  C C   . SER A 1 33  ? -4.526  11.469  -4.441  1.00 16.81 ? 12  SER A C   1 
ATOM   126  O O   . SER A 1 33  ? -4.026  10.346  -4.422  1.00 12.48 ? 12  SER A O   1 
ATOM   127  C CB  . SER A 1 33  ? -4.864  12.625  -6.628  1.00 15.04 ? 12  SER A CB  1 
ATOM   128  O OG  . SER A 1 33  ? -4.903  11.387  -7.300  1.00 22.25 ? 12  SER A OG  1 
ATOM   129  N N   . SER A 1 34  ? -5.540  11.827  -3.669  1.00 14.35 ? 13  SER A N   1 
ATOM   130  C CA  . SER A 1 34  ? -6.124  10.914  -2.700  1.00 12.61 ? 13  SER A CA  1 
ATOM   131  C C   . SER A 1 34  ? -7.604  11.223  -2.627  1.00 19.31 ? 13  SER A C   1 
ATOM   132  O O   . SER A 1 34  ? -7.986  12.381  -2.494  1.00 19.62 ? 13  SER A O   1 
ATOM   133  C CB  . SER A 1 34  ? -5.472  11.118  -1.330  1.00 15.97 ? 13  SER A CB  1 
ATOM   134  O OG  . SER A 1 34  ? -6.000  10.231  -0.366  1.00 15.75 ? 13  SER A OG  1 
ATOM   135  N N   . GLU A 1 35  ? -8.434  10.195  -2.739  1.00 13.62 ? 14  GLU A N   1 
ATOM   136  C CA  . GLU A 1 35  ? -9.874  10.367  -2.648  1.00 17.32 ? 14  GLU A CA  1 
ATOM   137  C C   . GLU A 1 35  ? -10.452 9.385   -1.640  1.00 14.64 ? 14  GLU A C   1 
ATOM   138  O O   . GLU A 1 35  ? -10.135 8.186   -1.672  1.00 12.57 ? 14  GLU A O   1 
ATOM   139  C CB  . GLU A 1 35  ? -10.541 10.166  -4.015  1.00 20.11 ? 14  GLU A CB  1 
ATOM   140  C CG  . GLU A 1 35  ? -10.323 11.300  -5.013  1.00 31.80 ? 14  GLU A CG  1 
ATOM   141  C CD  . GLU A 1 35  ? -11.283 12.469  -4.818  1.00 39.77 ? 14  GLU A CD  1 
ATOM   142  O OE1 . GLU A 1 35  ? -12.264 12.331  -4.051  1.00 41.25 ? 14  GLU A OE1 1 
ATOM   143  O OE2 . GLU A 1 35  ? -11.059 13.530  -5.440  1.00 50.01 1 14  GLU A OE2 1 
ATOM   144  N N   . ASN A 1 36  ? -11.264 9.927   -0.733  1.00 12.07 ? 15  ASN A N   1 
ATOM   145  C CA  A ASN A 1 36  ? -12.020 9.133   0.238   0.50 15.46 ? 15  ASN A CA  1 
ATOM   146  C CA  B ASN A 1 36  ? -12.016 9.145   0.244   0.50 15.46 ? 15  ASN A CA  1 
ATOM   147  C C   . ASN A 1 36  ? -11.150 8.409   1.262   1.00 12.99 ? 15  ASN A C   1 
ATOM   148  O O   . ASN A 1 36  ? -11.601 7.461   1.894   1.00 12.79 ? 15  ASN A O   1 
ATOM   149  C CB  A ASN A 1 36  ? -12.943 8.128   -0.468  0.50 16.49 ? 15  ASN A CB  1 
ATOM   150  C CB  B ASN A 1 36  ? -12.972 8.180   -0.466  0.50 16.51 ? 15  ASN A CB  1 
ATOM   151  C CG  A ASN A 1 36  ? -14.252 7.908   0.275   0.50 16.88 ? 15  ASN A CG  1 
ATOM   152  C CG  B ASN A 1 36  ? -13.901 8.894   -1.435  0.50 17.90 ? 15  ASN A CG  1 
ATOM   153  O OD1 A ASN A 1 36  ? -14.816 8.838   0.851   0.50 16.31 ? 15  ASN A OD1 1 
ATOM   154  O OD1 B ASN A 1 36  ? -14.561 9.868   -1.074  0.50 26.07 ? 15  ASN A OD1 1 
ATOM   155  N ND2 A ASN A 1 36  ? -14.741 6.672   0.266   0.50 15.78 ? 15  ASN A ND2 1 
ATOM   156  N ND2 B ASN A 1 36  ? -13.941 8.424   -2.676  0.50 24.20 ? 15  ASN A ND2 1 
ATOM   157  N N   . PHE A 1 37  ? -9.909  8.855   1.433   1.00 12.68 ? 16  PHE A N   1 
ATOM   158  C CA  . PHE A 1 37  ? -9.011  8.176   2.373   1.00 14.53 ? 16  PHE A CA  1 
ATOM   159  C C   . PHE A 1 37  ? -9.454  8.351   3.821   1.00 16.59 ? 16  PHE A C   1 
ATOM   160  O O   . PHE A 1 37  ? -9.242  7.458   4.651   1.00 13.45 ? 16  PHE A O   1 
ATOM   161  C CB  . PHE A 1 37  ? -7.557  8.626   2.213   1.00 11.67 ? 16  PHE A CB  1 
ATOM   162  C CG  . PHE A 1 37  ? -6.549  7.671   2.830   1.00 15.55 ? 16  PHE A CG  1 
ATOM   163  C CD1 . PHE A 1 37  ? -6.502  6.344   2.435   1.00 13.60 ? 16  PHE A CD1 1 
ATOM   164  C CD2 . PHE A 1 37  ? -5.634  8.113   3.780   1.00 14.16 ? 16  PHE A CD2 1 
ATOM   165  C CE1 . PHE A 1 37  ? -5.563  5.468   2.981   1.00 12.26 ? 16  PHE A CE1 1 
ATOM   166  C CE2 . PHE A 1 37  ? -4.696  7.248   4.330   1.00 13.87 ? 16  PHE A CE2 1 
ATOM   167  C CZ  . PHE A 1 37  ? -4.666  5.925   3.935   1.00 12.57 ? 16  PHE A CZ  1 
ATOM   168  N N   . ASP A 1 38  ? -10.062 9.492   4.146   1.00 12.16 ? 17  ASP A N   1 
ATOM   169  C CA  . ASP A 1 38  ? -10.505 9.676   5.526   1.00 14.53 ? 17  ASP A CA  1 
ATOM   170  C C   . ASP A 1 38  ? -11.608 8.682   5.885   1.00 15.60 ? 17  ASP A C   1 
ATOM   171  O O   . ASP A 1 38  ? -11.593 8.092   6.966   1.00 13.67 ? 17  ASP A O   1 
ATOM   172  C CB  . ASP A 1 38  ? -10.975 11.110  5.786   1.00 16.77 ? 17  ASP A CB  1 
ATOM   173  C CG  . ASP A 1 38  ? -11.361 11.340  7.240   1.00 22.88 ? 17  ASP A CG  1 
ATOM   174  O OD1 . ASP A 1 38  ? -12.554 11.584  7.512   1.00 32.54 ? 17  ASP A OD1 1 
ATOM   175  O OD2 . ASP A 1 38  ? -10.475 11.265  8.116   1.00 25.41 1 17  ASP A OD2 1 
ATOM   176  N N   . ASP A 1 39  ? -12.553 8.493   4.968   1.00 16.67 ? 18  ASP A N   1 
ATOM   177  C CA  . ASP A 1 39  ? -13.652 7.561   5.193   1.00 15.35 ? 18  ASP A CA  1 
ATOM   178  C C   . ASP A 1 39  ? -13.147 6.116   5.241   1.00 16.78 ? 18  ASP A C   1 
ATOM   179  O O   . ASP A 1 39  ? -13.641 5.300   6.038   1.00 13.03 ? 18  ASP A O   1 
ATOM   180  C CB  . ASP A 1 39  ? -14.731 7.739   4.123   1.00 15.62 ? 18  ASP A CB  1 
ATOM   181  C CG  . ASP A 1 39  ? -15.561 9.008   4.333   1.00 22.00 ? 18  ASP A CG  1 
ATOM   182  O OD1 . ASP A 1 39  ? -15.753 9.411   5.497   1.00 33.71 ? 18  ASP A OD1 1 
ATOM   183  O OD2 . ASP A 1 39  ? -16.016 9.597   3.337   1.00 39.31 1 18  ASP A OD2 1 
ATOM   184  N N   . TYR A 1 40  ? -12.159 5.808   4.400   1.00 13.47 ? 19  TYR A N   1 
ATOM   185  C CA  . TYR A 1 40  ? -11.510 4.495   4.452   1.00 7.06  ? 19  TYR A CA  1 
ATOM   186  C C   . TYR A 1 40  ? -10.873 4.272   5.809   1.00 8.93  ? 19  TYR A C   1 
ATOM   187  O O   . TYR A 1 40  ? -11.105 3.246   6.443   1.00 11.39 ? 19  TYR A O   1 
ATOM   188  C CB  . TYR A 1 40  ? -10.453 4.330   3.350   1.00 8.11  ? 19  TYR A CB  1 
ATOM   189  C CG  . TYR A 1 40  ? -9.598  3.085   3.531   1.00 9.51  ? 19  TYR A CG  1 
ATOM   190  C CD1 . TYR A 1 40  ? -10.076 1.823   3.174   1.00 11.07 ? 19  TYR A CD1 1 
ATOM   191  C CD2 . TYR A 1 40  ? -8.307  3.175   4.048   1.00 8.81  ? 19  TYR A CD2 1 
ATOM   192  C CE1 . TYR A 1 40  ? -9.294  0.690   3.334   1.00 11.11 ? 19  TYR A CE1 1 
ATOM   193  C CE2 . TYR A 1 40  ? -7.521  2.041   4.224   1.00 7.51  ? 19  TYR A CE2 1 
ATOM   194  C CZ  . TYR A 1 40  ? -8.016  0.809   3.862   1.00 11.31 ? 19  TYR A CZ  1 
ATOM   195  O OH  . TYR A 1 40  ? -7.225  -0.309  4.036   1.00 10.21 ? 19  TYR A OH  1 
ATOM   196  N N   . MET A 1 41  ? -10.089 5.246   6.270   1.00 10.47 ? 20  MET A N   1 
ATOM   197  C CA  . MET A 1 41  ? -9.465  5.136   7.585   1.00 10.81 ? 20  MET A CA  1 
ATOM   198  C C   . MET A 1 41  ? -10.493 4.993   8.704   1.00 11.15 ? 20  MET A C   1 
ATOM   199  O O   . MET A 1 41  ? -10.273 4.239   9.652   1.00 10.12 ? 20  MET A O   1 
ATOM   200  C CB  . MET A 1 41  ? -8.547  6.324   7.870   1.00 9.91  ? 20  MET A CB  1 
ATOM   201  C CG  . MET A 1 41  ? -7.289  6.342   6.995   1.00 13.87 ? 20  MET A CG  1 
ATOM   202  S SD  . MET A 1 41  ? -6.135  7.588   7.584   1.00 11.14 ? 20  MET A SD  1 
ATOM   203  C CE  . MET A 1 41  ? -7.007  9.088   7.138   1.00 10.33 ? 20  MET A CE  1 
ATOM   204  N N   . LYS A 1 42  ? -11.607 5.709   8.602   1.00 10.71 ? 21  LYS A N   1 
ATOM   205  C CA  . LYS A 1 42  ? -12.666 5.558   9.614   1.00 11.87 ? 21  LYS A CA  1 
ATOM   206  C C   . LYS A 1 42  ? -13.138 4.110   9.670   1.00 13.69 ? 21  LYS A C   1 
ATOM   207  O O   . LYS A 1 42  ? -13.307 3.532   10.752  1.00 16.02 ? 21  LYS A O   1 
ATOM   208  C CB  . LYS A 1 42  ? -13.862 6.453   9.293   1.00 17.08 ? 21  LYS A CB  1 
ATOM   209  C CG  . LYS A 1 42  ? -13.659 7.932   9.571   1.00 17.26 ? 21  LYS A CG  1 
ATOM   210  C CD  . LYS A 1 42  ? -14.921 8.681   9.177   1.00 17.99 ? 21  LYS A CD  1 
ATOM   211  C CE  . LYS A 1 42  ? -14.756 10.175  9.267   1.00 31.81 ? 21  LYS A CE  1 
ATOM   212  N NZ  . LYS A 1 42  ? -16.036 10.840  8.898   1.00 36.27 ? 21  LYS A NZ  1 
ATOM   213  N N   . GLU A 1 43  ? -13.336 3.525   8.494   1.00 12.06 ? 22  GLU A N   1 
ATOM   214  C CA  . GLU A 1 43  ? -13.856 2.168   8.391   1.00 15.43 ? 22  GLU A CA  1 
ATOM   215  C C   . GLU A 1 43  ? -12.861 1.168   8.958   1.00 16.29 ? 22  GLU A C   1 
ATOM   216  O O   . GLU A 1 43  ? -13.249 0.153   9.544   1.00 18.07 ? 22  GLU A O   1 
ATOM   217  C CB  . GLU A 1 43  ? -14.182 1.843   6.929   1.00 17.13 ? 22  GLU A CB  1 
ATOM   218  C CG  . GLU A 1 43  ? -15.225 0.761   6.738   1.00 24.23 ? 22  GLU A CG  1 
ATOM   219  C CD  . GLU A 1 43  ? -16.616 1.190   7.176   1.00 27.81 ? 22  GLU A CD  1 
ATOM   220  O OE1 . GLU A 1 43  ? -16.839 2.396   7.418   1.00 25.32 ? 22  GLU A OE1 1 
ATOM   221  O OE2 . GLU A 1 43  ? -17.495 0.310   7.274   1.00 40.29 1 22  GLU A OE2 1 
ATOM   222  N N   . VAL A 1 44  ? -11.574 1.462   8.784   1.00 15.12 ? 23  VAL A N   1 
ATOM   223  C CA  . VAL A 1 44  ? -10.503 0.623   9.306   1.00 10.28 ? 23  VAL A CA  1 
ATOM   224  C C   . VAL A 1 44  ? -10.444 0.702   10.825  1.00 15.88 ? 23  VAL A C   1 
ATOM   225  O O   . VAL A 1 44  ? -10.033 -0.248  11.483  1.00 16.00 ? 23  VAL A O   1 
ATOM   226  C CB  . VAL A 1 44  ? -9.134  1.016   8.667   1.00 12.91 ? 23  VAL A CB  1 
ATOM   227  C CG1 . VAL A 1 44  ? -7.954  0.419   9.418   1.00 10.58 ? 23  VAL A CG1 1 
ATOM   228  C CG2 . VAL A 1 44  ? -9.105  0.589   7.215   1.00 12.91 ? 23  VAL A CG2 1 
ATOM   229  N N   . GLY A 1 45  ? -10.884 1.830   11.377  1.00 15.48 ? 24  GLY A N   1 
ATOM   230  C CA  . GLY A 1 45  ? -10.939 2.011   12.820  1.00 14.09 ? 24  GLY A CA  1 
ATOM   231  C C   . GLY A 1 45  ? -9.893  2.972   13.353  1.00 18.29 ? 24  GLY A C   1 
ATOM   232  O O   . GLY A 1 45  ? -9.621  3.007   14.550  1.00 14.08 ? 24  GLY A O   1 
ATOM   233  N N   . VAL A 1 46  ? -9.304  3.756   12.455  1.00 11.31 ? 25  VAL A N   1 
ATOM   234  C CA  . VAL A 1 46  ? -8.256  4.707   12.814  1.00 8.69  ? 25  VAL A CA  1 
ATOM   235  C C   . VAL A 1 46  ? -8.824  5.852   13.641  1.00 12.32 ? 25  VAL A C   1 
ATOM   236  O O   . VAL A 1 46  ? -9.871  6.399   13.302  1.00 11.21 ? 25  VAL A O   1 
ATOM   237  C CB  . VAL A 1 46  ? -7.586  5.281   11.543  1.00 13.28 ? 25  VAL A CB  1 
ATOM   238  C CG1 . VAL A 1 46  ? -6.447  6.226   11.908  1.00 12.22 ? 25  VAL A CG1 1 
ATOM   239  C CG2 . VAL A 1 46  ? -7.083  4.141   10.645  1.00 13.56 ? 25  VAL A CG2 1 
ATOM   240  N N   . GLY A 1 47  ? -8.125  6.212   14.712  1.00 14.14 ? 26  GLY A N   1 
ATOM   241  C CA  . GLY A 1 47  ? -8.591  7.247   15.620  1.00 15.91 ? 26  GLY A CA  1 
ATOM   242  C C   . GLY A 1 47  ? -8.484  8.633   15.017  1.00 17.78 ? 26  GLY A C   1 
ATOM   243  O O   . GLY A 1 47  ? -7.784  8.835   14.028  1.00 14.39 ? 26  GLY A O   1 
ATOM   244  N N   . PHE A 1 48  ? -9.169  9.591   15.632  1.00 13.31 ? 27  PHE A N   1 
ATOM   245  C CA  . PHE A 1 48  ? -9.253  10.944  15.099  1.00 13.24 ? 27  PHE A CA  1 
ATOM   246  C C   . PHE A 1 48  ? -7.890  11.575  14.782  1.00 12.23 ? 27  PHE A C   1 
ATOM   247  O O   . PHE A 1 48  ? -7.639  12.004  13.646  1.00 14.34 ? 27  PHE A O   1 
ATOM   248  C CB  . PHE A 1 48  ? -10.015 11.837  16.080  1.00 13.95 ? 27  PHE A CB  1 
ATOM   249  C CG  . PHE A 1 48  ? -10.117 13.258  15.638  1.00 14.61 ? 27  PHE A CG  1 
ATOM   250  C CD1 . PHE A 1 48  ? -11.172 13.671  14.841  1.00 17.81 ? 27  PHE A CD1 1 
ATOM   251  C CD2 . PHE A 1 48  ? -9.162  14.186  16.019  1.00 15.27 ? 27  PHE A CD2 1 
ATOM   252  C CE1 . PHE A 1 48  ? -11.270 14.989  14.416  1.00 18.88 ? 27  PHE A CE1 1 
ATOM   253  C CE2 . PHE A 1 48  ? -9.244  15.503  15.587  1.00 13.29 ? 27  PHE A CE2 1 
ATOM   254  C CZ  . PHE A 1 48  ? -10.306 15.903  14.792  1.00 14.39 ? 27  PHE A CZ  1 
ATOM   255  N N   . ALA A 1 49  ? -7.027  11.652  15.791  1.00 14.61 ? 28  ALA A N   1 
ATOM   256  C CA  . ALA A 1 49  ? -5.761  12.369  15.654  1.00 14.78 ? 28  ALA A CA  1 
ATOM   257  C C   . ALA A 1 49  ? -4.867  11.713  14.605  1.00 16.87 ? 28  ALA A C   1 
ATOM   258  O O   . ALA A 1 49  ? -4.235  12.394  13.787  1.00 11.95 ? 28  ALA A O   1 
ATOM   259  C CB  . ALA A 1 49  ? -5.046  12.468  17.000  1.00 16.50 ? 28  ALA A CB  1 
ATOM   260  N N   . THR A 1 50  ? -4.838  10.387  14.601  1.00 10.64 ? 29  THR A N   1 
ATOM   261  C CA  . THR A 1 50  ? -4.098  9.682   13.555  1.00 11.79 ? 29  THR A CA  1 
ATOM   262  C C   . THR A 1 50  ? -4.661  9.935   12.160  1.00 15.20 ? 29  THR A C   1 
ATOM   263  O O   . THR A 1 50  ? -3.892  10.150  11.220  1.00 12.85 ? 29  THR A O   1 
ATOM   264  C CB  . THR A 1 50  ? -4.019  8.169   13.849  1.00 12.41 ? 29  THR A CB  1 
ATOM   265  O OG1 . THR A 1 50  ? -3.409  7.986   15.129  1.00 16.41 ? 29  THR A OG1 1 
ATOM   266  C CG2 . THR A 1 50  ? -3.177  7.462   12.804  1.00 15.11 ? 29  THR A CG2 1 
ATOM   267  N N   . ARG A 1 51  ? -5.989  9.924   12.020  1.00 10.69 ? 30  ARG A N   1 
ATOM   268  C CA  . ARG A 1 51  ? -6.606  10.193  10.720  1.00 11.62 ? 30  ARG A CA  1 
ATOM   269  C C   . ARG A 1 51  ? -6.215  11.573  10.211  1.00 13.19 ? 30  ARG A C   1 
ATOM   270  O O   . ARG A 1 51  ? -5.891  11.740  9.038   1.00 11.82 ? 30  ARG A O   1 
ATOM   271  C CB  . ARG A 1 51  ? -8.140  10.116  10.776  1.00 12.39 ? 30  ARG A CB  1 
ATOM   272  C CG  . ARG A 1 51  ? -8.727  8.710   10.822  1.00 15.90 ? 30  ARG A CG  1 
ATOM   273  C CD  . ARG A 1 51  ? -10.155 8.676   10.257  1.00 15.34 ? 30  ARG A CD  1 
ATOM   274  N NE  . ARG A 1 51  ? -10.987 9.797   10.711  1.00 15.22 ? 30  ARG A NE  1 
ATOM   275  C CZ  . ARG A 1 51  ? -11.577 9.867   11.902  1.00 21.40 ? 30  ARG A CZ  1 
ATOM   276  N NH1 . ARG A 1 51  ? -11.431 8.887   12.792  1.00 15.17 ? 30  ARG A NH1 1 
ATOM   277  N NH2 . ARG A 1 51  ? -12.311 10.931  12.212  1.00 17.13 ? 30  ARG A NH2 1 
ATOM   278  N N   . LYS A 1 52  ? -6.254  12.567  11.091  1.00 12.38 ? 31  LYS A N   1 
ATOM   279  C CA  . LYS A 1 52  ? -5.952  13.936  10.671  1.00 12.58 ? 31  LYS A CA  1 
ATOM   280  C C   . LYS A 1 52  ? -4.510  14.075  10.198  1.00 13.15 ? 31  LYS A C   1 
ATOM   281  O O   . LYS A 1 52  ? -4.242  14.650  9.137   1.00 13.81 ? 31  LYS A O   1 
ATOM   282  C CB  . LYS A 1 52  ? -6.248  14.928  11.802  1.00 16.88 ? 31  LYS A CB  1 
ATOM   283  C CG  . LYS A 1 52  ? -7.727  15.013  12.153  1.00 19.60 ? 31  LYS A CG  1 
ATOM   284  C CD  . LYS A 1 52  ? -8.545  15.328  10.906  1.00 17.34 ? 31  LYS A CD  1 
ATOM   285  C CE  . LYS A 1 52  ? -10.023 15.091  11.135  1.00 32.60 ? 31  LYS A CE  1 
ATOM   286  N NZ  . LYS A 1 52  ? -10.800 15.215  9.876   1.00 40.42 ? 31  LYS A NZ  1 
ATOM   287  N N   . VAL A 1 53  ? -3.580  13.554  10.983  1.00 11.05 ? 32  VAL A N   1 
ATOM   288  C CA  . VAL A 1 53  ? -2.166  13.666  10.652  1.00 12.17 ? 32  VAL A CA  1 
ATOM   289  C C   . VAL A 1 53  ? -1.792  12.773  9.462   1.00 12.50 ? 32  VAL A C   1 
ATOM   290  O O   . VAL A 1 53  ? -1.071  13.206  8.563   1.00 11.96 ? 32  VAL A O   1 
ATOM   291  C CB  . VAL A 1 53  ? -1.271  13.361  11.881  1.00 11.95 ? 32  VAL A CB  1 
ATOM   292  C CG1 . VAL A 1 53  ? 0.197   13.360  11.485  1.00 22.45 ? 32  VAL A CG1 1 
ATOM   293  C CG2 . VAL A 1 53  ? -1.517  14.396  12.973  1.00 18.07 ? 32  VAL A CG2 1 
ATOM   294  N N   . ALA A 1 54  ? -2.293  11.541  9.444   1.00 10.79 ? 33  ALA A N   1 
ATOM   295  C CA  . ALA A 1 54  ? -2.040  10.627  8.318   1.00 12.39 ? 33  ALA A CA  1 
ATOM   296  C C   . ALA A 1 54  ? -2.629  11.134  7.008   1.00 10.41 ? 33  ALA A C   1 
ATOM   297  O O   . ALA A 1 54  ? -2.026  10.984  5.942   1.00 13.53 ? 33  ALA A O   1 
ATOM   298  C CB  . ALA A 1 54  ? -2.567  9.231   8.617   1.00 13.56 ? 33  ALA A CB  1 
ATOM   299  N N   . GLY A 1 55  ? -3.806  11.740  7.089   1.00 10.66 ? 34  GLY A N   1 
ATOM   300  C CA  . GLY A 1 55  ? -4.466  12.288  5.918   1.00 12.94 ? 34  GLY A CA  1 
ATOM   301  C C   . GLY A 1 55  ? -3.698  13.405  5.238   1.00 14.35 ? 34  GLY A C   1 
ATOM   302  O O   . GLY A 1 55  ? -3.829  13.596  4.032   1.00 14.36 ? 34  GLY A O   1 
ATOM   303  N N   . MET A 1 56  ? -2.892  14.138  6.006   1.00 11.52 ? 35  MET A N   1 
ATOM   304  C CA  . MET A 1 56  ? -2.109  15.234  5.450   1.00 11.77 ? 35  MET A CA  1 
ATOM   305  C C   . MET A 1 56  ? -0.911  14.733  4.661   1.00 12.49 ? 35  MET A C   1 
ATOM   306  O O   . MET A 1 56  ? -0.410  15.444  3.803   1.00 12.18 ? 35  MET A O   1 
ATOM   307  C CB  . MET A 1 56  ? -1.605  16.183  6.544   1.00 13.13 ? 35  MET A CB  1 
ATOM   308  C CG  . MET A 1 56  ? -2.698  16.971  7.258   1.00 11.33 ? 35  MET A CG  1 
ATOM   309  S SD  . MET A 1 56  ? -3.550  18.136  6.182   1.00 14.38 ? 35  MET A SD  1 
ATOM   310  C CE  . MET A 1 56  ? -2.207  19.142  5.584   1.00 17.66 ? 35  MET A CE  1 
ATOM   311  N N   . ALA A 1 57  ? -0.459  13.520  4.961   1.00 12.10 ? 36  ALA A N   1 
ATOM   312  C CA  . ALA A 1 57  ? 0.796   13.023  4.416   1.00 12.68 ? 36  ALA A CA  1 
ATOM   313  C C   . ALA A 1 57  ? 0.763   12.892  2.905   1.00 14.91 ? 36  ALA A C   1 
ATOM   314  O O   . ALA A 1 57  ? -0.229  12.458  2.326   1.00 13.17 ? 36  ALA A O   1 
ATOM   315  C CB  . ALA A 1 57  ? 1.165   11.683  5.048   1.00 11.90 ? 36  ALA A CB  1 
ATOM   316  N N   . LYS A 1 58  ? 1.868   13.270  2.278   1.00 10.84 ? 37  LYS A N   1 
ATOM   317  C CA  . LYS A 1 58  ? 2.051   13.073  0.852   1.00 9.96  ? 37  LYS A CA  1 
ATOM   318  C C   . LYS A 1 58  ? 3.300   12.224  0.682   1.00 13.82 ? 37  LYS A C   1 
ATOM   319  O O   . LYS A 1 58  ? 4.369   12.745  0.401   1.00 12.07 ? 37  LYS A O   1 
ATOM   320  C CB  . LYS A 1 58  ? 2.211   14.423  0.148   1.00 13.80 ? 37  LYS A CB  1 
ATOM   321  C CG  . LYS A 1 58  ? 0.945   15.259  0.149   1.00 20.57 ? 37  LYS A CG  1 
ATOM   322  C CD  . LYS A 1 58  ? -0.059  14.722  -0.855  1.00 26.91 ? 37  LYS A CD  1 
ATOM   323  C CE  . LYS A 1 58  ? -1.170  15.742  -1.137  1.00 39.87 ? 37  LYS A CE  1 
ATOM   324  N NZ  . LYS A 1 58  ? -2.038  16.000  0.049   1.00 31.77 ? 37  LYS A NZ  1 
ATOM   325  N N   . PRO A 1 59  ? 3.171   10.903  0.885   1.00 12.05 ? 38  PRO A N   1 
ATOM   326  C CA  . PRO A 1 59  ? 4.347   10.029  0.957   1.00 11.57 ? 38  PRO A CA  1 
ATOM   327  C C   . PRO A 1 59  ? 5.047   9.827   -0.386  1.00 11.50 ? 38  PRO A C   1 
ATOM   328  O O   . PRO A 1 59  ? 4.444   9.989   -1.442  1.00 11.75 ? 38  PRO A O   1 
ATOM   329  C CB  . PRO A 1 59  ? 3.762   8.687   1.408   1.00 12.90 ? 38  PRO A CB  1 
ATOM   330  C CG  . PRO A 1 59  ? 2.380   8.999   1.922   1.00 13.53 ? 38  PRO A CG  1 
ATOM   331  C CD  . PRO A 1 59  ? 1.922   10.154  1.098   1.00 11.67 ? 38  PRO A CD  1 
ATOM   332  N N   . ASN A 1 60  ? 6.328   9.495   -0.304  1.00 10.53 ? 39  ASN A N   1 
ATOM   333  C CA  . ASN A 1 60  ? 7.063   8.902   -1.418  1.00 10.76 ? 39  ASN A CA  1 
ATOM   334  C C   . ASN A 1 60  ? 7.100   7.400   -1.193  1.00 12.01 ? 39  ASN A C   1 
ATOM   335  O O   . ASN A 1 60  ? 7.284   6.939   -0.072  1.00 16.81 ? 39  ASN A O   1 
ATOM   336  C CB  . ASN A 1 60  ? 8.493   9.430   -1.478  1.00 14.78 ? 39  ASN A CB  1 
ATOM   337  C CG  . ASN A 1 60  ? 8.627   10.674  -2.340  1.00 26.46 ? 39  ASN A CG  1 
ATOM   338  O OD1 . ASN A 1 60  ? 7.665   11.414  -2.547  1.00 20.78 ? 39  ASN A OD1 1 
ATOM   339  N ND2 . ASN A 1 60  ? 9.829   10.902  -2.858  1.00 33.73 ? 39  ASN A ND2 1 
ATOM   340  N N   . MET A 1 61  ? 6.934   6.635   -2.260  1.00 12.52 ? 40  MET A N   1 
ATOM   341  C CA  . MET A 1 61  ? 6.995   5.189   -2.157  1.00 12.19 ? 40  MET A CA  1 
ATOM   342  C C   . MET A 1 61  ? 8.142   4.709   -3.029  1.00 10.03 ? 40  MET A C   1 
ATOM   343  O O   . MET A 1 61  ? 8.258   5.116   -4.175  1.00 12.53 ? 40  MET A O   1 
ATOM   344  C CB  . MET A 1 61  ? 5.671   4.589   -2.628  1.00 13.44 ? 40  MET A CB  1 
ATOM   345  C CG  . MET A 1 61  ? 5.597   3.091   -2.581  1.00 15.45 ? 40  MET A CG  1 
ATOM   346  S SD  . MET A 1 61  ? 3.923   2.533   -2.938  1.00 18.01 ? 40  MET A SD  1 
ATOM   347  C CE  . MET A 1 61  ? 3.488   3.569   -4.345  1.00 20.31 ? 40  MET A CE  1 
ATOM   348  N N   . ILE A 1 62  ? 9.005   3.867   -2.475  1.00 10.43 ? 41  ILE A N   1 
ATOM   349  C CA  . ILE A 1 62  ? 10.116  3.312   -3.240  1.00 12.19 ? 41  ILE A CA  1 
ATOM   350  C C   . ILE A 1 62  ? 9.894   1.815   -3.300  1.00 13.01 ? 41  ILE A C   1 
ATOM   351  O O   . ILE A 1 62  ? 9.824   1.161   -2.268  1.00 13.14 ? 41  ILE A O   1 
ATOM   352  C CB  . ILE A 1 62  ? 11.483  3.608   -2.580  1.00 13.68 ? 41  ILE A CB  1 
ATOM   353  C CG1 . ILE A 1 62  ? 11.746  5.120   -2.523  1.00 24.48 ? 41  ILE A CG1 1 
ATOM   354  C CG2 . ILE A 1 62  ? 12.601  2.924   -3.357  1.00 19.32 ? 41  ILE A CG2 1 
ATOM   355  C CD1 . ILE A 1 62  ? 11.237  5.806   -1.262  1.00 23.27 ? 41  ILE A CD1 1 
ATOM   356  N N   . ILE A 1 63  ? 9.755   1.281   -4.506  1.00 9.24  ? 42  ILE A N   1 
ATOM   357  C CA  . ILE A 1 63  ? 9.530   -0.143  -4.678  1.00 9.15  ? 42  ILE A CA  1 
ATOM   358  C C   . ILE A 1 63  ? 10.731  -0.737  -5.393  1.00 10.22 ? 42  ILE A C   1 
ATOM   359  O O   . ILE A 1 63  ? 11.182  -0.214  -6.417  1.00 13.17 ? 42  ILE A O   1 
ATOM   360  C CB  . ILE A 1 63  ? 8.247   -0.426  -5.490  1.00 9.90  ? 42  ILE A CB  1 
ATOM   361  C CG1 . ILE A 1 63  ? 7.028   0.191   -4.804  1.00 12.31 ? 42  ILE A CG1 1 
ATOM   362  C CG2 . ILE A 1 63  ? 8.046   -1.938  -5.693  1.00 9.68  ? 42  ILE A CG2 1 
ATOM   363  C CD1 . ILE A 1 63  ? 5.736   0.002   -5.578  1.00 11.27 ? 42  ILE A CD1 1 
ATOM   364  N N   . SER A 1 64  ? 11.263  -1.822  -4.844  1.00 8.67  ? 43  SER A N   1 
ATOM   365  C CA  . SER A 1 64  ? 12.381  -2.506  -5.477  1.00 10.77 ? 43  SER A CA  1 
ATOM   366  C C   . SER A 1 64  ? 12.157  -4.015  -5.452  1.00 10.04 ? 43  SER A C   1 
ATOM   367  O O   . SER A 1 64  ? 11.386  -4.526  -4.638  1.00 9.83  ? 43  SER A O   1 
ATOM   368  C CB  . SER A 1 64  ? 13.691  -2.137  -4.777  1.00 11.60 ? 43  SER A CB  1 
ATOM   369  O OG  . SER A 1 64  ? 13.623  -2.448  -3.392  1.00 17.58 ? 43  SER A OG  1 
ATOM   370  N N   . VAL A 1 65  ? 12.824  -4.724  -6.363  1.00 10.12 ? 44  VAL A N   1 
ATOM   371  C CA  . VAL A 1 65  ? 12.736  -6.173  -6.424  1.00 10.49 ? 44  VAL A CA  1 
ATOM   372  C C   . VAL A 1 65  ? 14.142  -6.749  -6.473  1.00 15.28 ? 44  VAL A C   1 
ATOM   373  O O   . VAL A 1 65  ? 14.984  -6.295  -7.251  1.00 15.10 ? 44  VAL A O   1 
ATOM   374  C CB  . VAL A 1 65  ? 11.928  -6.674  -7.646  1.00 13.62 ? 44  VAL A CB  1 
ATOM   375  C CG1 . VAL A 1 65  ? 11.828  -8.195  -7.618  1.00 18.21 ? 44  VAL A CG1 1 
ATOM   376  C CG2 . VAL A 1 65  ? 10.536  -6.055  -7.654  1.00 16.81 ? 44  VAL A CG2 1 
ATOM   377  N N   . ASN A 1 66  ? 14.395  -7.728  -5.616  1.00 13.11 ? 45  ASN A N   1 
ATOM   378  C CA  . ASN A 1 66  ? 15.693  -8.389  -5.542  1.00 16.86 ? 45  ASN A CA  1 
ATOM   379  C C   . ASN A 1 66  ? 15.454  -9.890  -5.412  1.00 15.85 ? 45  ASN A C   1 
ATOM   380  O O   . ASN A 1 66  ? 15.134  -10.395 -4.330  1.00 14.25 ? 45  ASN A O   1 
ATOM   381  C CB  . ASN A 1 66  ? 16.505  -7.836  -4.364  1.00 14.26 ? 45  ASN A CB  1 
ATOM   382  C CG  . ASN A 1 66  ? 17.944  -8.339  -4.335  1.00 18.24 ? 45  ASN A CG  1 
ATOM   383  O OD1 . ASN A 1 66  ? 18.228  -9.484  -4.683  1.00 17.01 ? 45  ASN A OD1 1 
ATOM   384  N ND2 . ASN A 1 66  ? 18.858  -7.479  -3.890  1.00 14.72 ? 45  ASN A ND2 1 
ATOM   385  N N   . GLY A 1 67  ? 15.591  -10.603 -6.528  1.00 19.73 ? 46  GLY A N   1 
ATOM   386  C CA  . GLY A 1 67  ? 15.226  -12.007 -6.560  1.00 14.60 ? 46  GLY A CA  1 
ATOM   387  C C   . GLY A 1 67  ? 13.733  -12.169 -6.339  1.00 16.05 ? 46  GLY A C   1 
ATOM   388  O O   . GLY A 1 67  ? 12.922  -11.559 -7.040  1.00 23.29 ? 46  GLY A O   1 
ATOM   389  N N   . ASP A 1 68  ? 13.358  -12.967 -5.344  1.00 13.97 ? 47  ASP A N   1 
ATOM   390  C CA  . ASP A 1 68  ? 11.950  -13.226 -5.080  1.00 14.38 ? 47  ASP A CA  1 
ATOM   391  C C   . ASP A 1 68  ? 11.394  -12.235 -4.069  1.00 12.14 ? 47  ASP A C   1 
ATOM   392  O O   . ASP A 1 68  ? 10.211  -12.279 -3.745  1.00 17.10 ? 47  ASP A O   1 
ATOM   393  C CB  . ASP A 1 68  ? 11.759  -14.627 -4.513  1.00 19.45 ? 47  ASP A CB  1 
ATOM   394  C CG  . ASP A 1 68  ? 11.908  -15.710 -5.559  1.00 29.08 ? 47  ASP A CG  1 
ATOM   395  O OD1 . ASP A 1 68  ? 11.689  -15.424 -6.754  1.00 29.34 ? 47  ASP A OD1 1 
ATOM   396  O OD2 . ASP A 1 68  ? 12.226  -16.853 -5.173  1.00 37.76 1 47  ASP A OD2 1 
ATOM   397  N N   . VAL A 1 69  ? 12.257  -11.374 -3.544  1.00 10.47 ? 48  VAL A N   1 
ATOM   398  C CA  . VAL A 1 69  ? 11.854  -10.463 -2.481  1.00 9.26  ? 48  VAL A CA  1 
ATOM   399  C C   . VAL A 1 69  ? 11.493  -9.104  -3.054  1.00 11.67 ? 48  VAL A C   1 
ATOM   400  O O   . VAL A 1 69  ? 12.277  -8.490  -3.786  1.00 13.58 ? 48  VAL A O   1 
ATOM   401  C CB  . VAL A 1 69  ? 12.960  -10.288 -1.416  1.00 11.05 ? 48  VAL A CB  1 
ATOM   402  C CG1 . VAL A 1 69  ? 12.507  -9.322  -0.319  1.00 10.33 ? 48  VAL A CG1 1 
ATOM   403  C CG2 . VAL A 1 69  ? 13.351  -11.638 -0.829  1.00 12.51 ? 48  VAL A CG2 1 
ATOM   404  N N   . ILE A 1 70  ? 10.291  -8.649  -2.719  1.00 9.12  ? 49  ILE A N   1 
ATOM   405  C CA  . ILE A 1 70  ? 9.819   -7.327  -3.104  1.00 7.94  ? 49  ILE A CA  1 
ATOM   406  C C   . ILE A 1 70  ? 9.836   -6.444  -1.866  1.00 10.42 ? 49  ILE A C   1 
ATOM   407  O O   . ILE A 1 70  ? 9.427   -6.876  -0.787  1.00 8.87  ? 49  ILE A O   1 
ATOM   408  C CB  . ILE A 1 70  ? 8.386   -7.394  -3.680  1.00 8.35  ? 49  ILE A CB  1 
ATOM   409  C CG1 . ILE A 1 70  ? 8.338   -8.366  -4.864  1.00 16.82 ? 49  ILE A CG1 1 
ATOM   410  C CG2 . ILE A 1 70  ? 7.892   -6.001  -4.077  1.00 12.61 ? 49  ILE A CG2 1 
ATOM   411  C CD1 . ILE A 1 70  ? 6.947   -8.552  -5.449  1.00 22.80 ? 49  ILE A CD1 1 
ATOM   412  N N   . THR A 1 71  ? 10.322  -5.217  -2.019  1.00 9.32  ? 50  THR A N   1 
ATOM   413  C CA  . THR A 1 71  ? 10.373  -4.278  -0.899  1.00 9.09  ? 50  THR A CA  1 
ATOM   414  C C   . THR A 1 71  ? 9.583   -3.034  -1.269  1.00 8.36  ? 50  THR A C   1 
ATOM   415  O O   . THR A 1 71  ? 9.767   -2.467  -2.350  1.00 8.95  ? 50  THR A O   1 
ATOM   416  C CB  . THR A 1 71  ? 11.832  -3.895  -0.528  1.00 12.48 ? 50  THR A CB  1 
ATOM   417  O OG1 . THR A 1 71  ? 12.542  -5.056  -0.067  1.00 15.52 ? 50  THR A OG1 1 
ATOM   418  C CG2 . THR A 1 71  ? 11.855  -2.836  0.570   1.00 14.64 ? 50  THR A CG2 1 
ATOM   419  N N   . ILE A 1 72  ? 8.660   -2.646  -0.394  1.00 7.05  ? 51  ILE A N   1 
ATOM   420  C CA  . ILE A 1 72  ? 7.926   -1.398  -0.564  1.00 8.71  ? 51  ILE A CA  1 
ATOM   421  C C   . ILE A 1 72  ? 8.236   -0.507  0.624   1.00 11.61 ? 51  ILE A C   1 
ATOM   422  O O   . ILE A 1 72  ? 7.882   -0.837  1.754   1.00 12.05 ? 51  ILE A O   1 
ATOM   423  C CB  . ILE A 1 72  ? 6.395   -1.614  -0.626  1.00 9.58  ? 51  ILE A CB  1 
ATOM   424  C CG1 . ILE A 1 72  ? 6.031   -2.502  -1.814  1.00 8.95  ? 51  ILE A CG1 1 
ATOM   425  C CG2 . ILE A 1 72  ? 5.670   -0.255  -0.747  1.00 11.41 ? 51  ILE A CG2 1 
ATOM   426  C CD1 . ILE A 1 72  ? 4.536   -2.686  -2.024  1.00 11.59 ? 51  ILE A CD1 1 
ATOM   427  N N   . LYS A 1 73  ? 8.897   0.618   0.370   1.00 10.08 ? 52  LYS A N   1 
ATOM   428  C CA  . LYS A 1 73  ? 9.167   1.580   1.428   1.00 11.30 ? 52  LYS A CA  1 
ATOM   429  C C   . LYS A 1 73  ? 8.298   2.795   1.216   1.00 13.13 ? 52  LYS A C   1 
ATOM   430  O O   . LYS A 1 73  ? 8.043   3.202   0.079   1.00 13.14 ? 52  LYS A O   1 
ATOM   431  C CB  . LYS A 1 73  ? 10.627  2.036   1.414   1.00 15.00 ? 52  LYS A CB  1 
ATOM   432  C CG  . LYS A 1 73  ? 11.668  0.940   1.540   1.00 20.70 ? 52  LYS A CG  1 
ATOM   433  C CD  . LYS A 1 73  ? 13.050  1.578   1.702   1.00 35.57 ? 52  LYS A CD  1 
ATOM   434  C CE  . LYS A 1 73  ? 14.166  0.537   1.746   1.00 36.21 ? 52  LYS A CE  1 
ATOM   435  N NZ  . LYS A 1 73  ? 14.349  -0.151  0.435   1.00 37.99 ? 52  LYS A NZ  1 
ATOM   436  N N   . SER A 1 74  ? 7.849   3.382   2.311   1.00 10.49 ? 53  SER A N   1 
ATOM   437  C CA  . SER A 1 74  ? 7.119   4.626   2.220   1.00 9.82  ? 53  SER A CA  1 
ATOM   438  C C   . SER A 1 74  ? 7.756   5.634   3.161   1.00 15.82 ? 53  SER A C   1 
ATOM   439  O O   . SER A 1 74  ? 8.005   5.333   4.329   1.00 17.21 ? 53  SER A O   1 
ATOM   440  C CB  . SER A 1 74  ? 5.654   4.415   2.562   1.00 13.38 ? 53  SER A CB  1 
ATOM   441  O OG  . SER A 1 74  ? 4.928   5.630   2.431   1.00 21.93 ? 53  SER A OG  1 
ATOM   442  N N   . GLU A 1 75  ? 8.038   6.823   2.646   1.00 10.67 ? 54  GLU A N   1 
ATOM   443  C CA  . GLU A 1 75  ? 8.601   7.875   3.482   1.00 12.81 ? 54  GLU A CA  1 
ATOM   444  C C   . GLU A 1 75  ? 7.681   9.071   3.479   1.00 12.12 ? 54  GLU A C   1 
ATOM   445  O O   . GLU A 1 75  ? 7.286   9.539   2.423   1.00 10.46 ? 54  GLU A O   1 
ATOM   446  C CB  . GLU A 1 75  ? 9.974   8.290   2.971   1.00 18.81 ? 54  GLU A CB  1 
ATOM   447  C CG  . GLU A 1 75  ? 11.017  7.204   3.119   1.00 25.02 ? 54  GLU A CG  1 
ATOM   448  C CD  . GLU A 1 75  ? 12.373  7.649   2.621   1.00 33.14 ? 54  GLU A CD  1 
ATOM   449  O OE1 . GLU A 1 75  ? 12.415  8.515   1.716   1.00 35.79 ? 54  GLU A OE1 1 
ATOM   450  O OE2 . GLU A 1 75  ? 13.389  7.138   3.141   1.00 35.07 1 54  GLU A OE2 1 
ATOM   451  N N   . SER A 1 76  ? 7.324   9.560   4.664   1.00 11.31 ? 55  SER A N   1 
ATOM   452  C CA  . SER A 1 76  ? 6.532   10.775  4.736   1.00 19.85 ? 55  SER A CA  1 
ATOM   453  C C   . SER A 1 76  ? 6.770   11.464  6.059   1.00 20.09 ? 55  SER A C   1 
ATOM   454  O O   . SER A 1 76  ? 7.473   10.944  6.924   1.00 17.37 ? 55  SER A O   1 
ATOM   455  C CB  . SER A 1 76  ? 5.035   10.491  4.539   1.00 25.66 ? 55  SER A CB  1 
ATOM   456  O OG  . SER A 1 76  ? 4.408   10.050  5.736   1.00 19.29 ? 55  SER A OG  1 
ATOM   457  N N   . THR A 1 77  ? 6.182   12.642  6.209   1.00 19.26 ? 56  THR A N   1 
ATOM   458  C CA  . THR A 1 77  ? 6.288   13.379  7.456   1.00 17.24 ? 56  THR A CA  1 
ATOM   459  C C   . THR A 1 77  ? 5.535   12.653  8.562   1.00 22.05 ? 56  THR A C   1 
ATOM   460  O O   . THR A 1 77  ? 5.837   12.834  9.743   1.00 29.38 ? 56  THR A O   1 
ATOM   461  C CB  . THR A 1 77  ? 5.710   14.795  7.297   1.00 17.22 ? 56  THR A CB  1 
ATOM   462  O OG1 . THR A 1 77  ? 4.333   14.691  6.921   1.00 22.72 ? 56  THR A OG1 1 
ATOM   463  C CG2 . THR A 1 77  ? 6.465   15.544  6.209   1.00 16.88 ? 56  THR A CG2 1 
ATOM   464  N N   . PHE A 1 78  ? 4.564   11.826  8.175   1.00 18.64 ? 57  PHE A N   1 
ATOM   465  C CA  . PHE A 1 78  ? 3.750   11.073  9.133   1.00 20.89 ? 57  PHE A CA  1 
ATOM   466  C C   . PHE A 1 78  ? 4.498   9.877   9.715   1.00 24.55 ? 57  PHE A C   1 
ATOM   467  O O   . PHE A 1 78  ? 4.675   9.774   10.926  1.00 21.07 ? 57  PHE A O   1 
ATOM   468  C CB  . PHE A 1 78  ? 2.437   10.621  8.484   1.00 16.59 ? 57  PHE A CB  1 
ATOM   469  C CG  . PHE A 1 78  ? 1.630   9.674   9.331   1.00 16.81 ? 57  PHE A CG  1 
ATOM   470  C CD1 . PHE A 1 78  ? 1.213   10.040  10.608  1.00 18.42 ? 57  PHE A CD1 1 
ATOM   471  C CD2 . PHE A 1 78  ? 1.270   8.426   8.849   1.00 18.05 ? 57  PHE A CD2 1 
ATOM   472  C CE1 . PHE A 1 78  ? 0.462   9.167   11.395  1.00 21.28 ? 57  PHE A CE1 1 
ATOM   473  C CE2 . PHE A 1 78  ? 0.521   7.549   9.629   1.00 20.22 ? 57  PHE A CE2 1 
ATOM   474  C CZ  . PHE A 1 78  ? 0.118   7.923   10.906  1.00 19.35 ? 57  PHE A CZ  1 
ATOM   475  N N   . LYS A 1 79  ? 4.957   8.984   8.847   1.00 19.59 ? 58  LYS A N   1 
ATOM   476  C CA  . LYS A 1 79  ? 5.600   7.764   9.301   1.00 20.43 ? 58  LYS A CA  1 
ATOM   477  C C   . LYS A 1 79  ? 6.471   7.227   8.172   1.00 23.72 ? 58  LYS A C   1 
ATOM   478  O O   . LYS A 1 79  ? 6.167   7.422   6.992   1.00 23.54 ? 58  LYS A O   1 
ATOM   479  C CB  . LYS A 1 79  ? 4.527   6.752   9.715   1.00 23.60 ? 58  LYS A CB  1 
ATOM   480  C CG  . LYS A 1 79  ? 5.042   5.475   10.342  1.00 31.04 ? 58  LYS A CG  1 
ATOM   481  C CD  . LYS A 1 79  ? 5.643   5.722   11.713  1.00 32.17 ? 58  LYS A CD  1 
ATOM   482  C CE  . LYS A 1 79  ? 6.393   4.491   12.201  1.00 37.94 ? 58  LYS A CE  1 
ATOM   483  N NZ  . LYS A 1 79  ? 7.288   4.812   13.349  1.00 51.85 ? 58  LYS A NZ  1 
ATOM   484  N N   . ASN A 1 80  ? 7.591   6.616   8.528   1.00 13.28 ? 59  ASN A N   1 
ATOM   485  C CA  . ASN A 1 80  ? 8.384   5.883   7.558   1.00 12.97 ? 59  ASN A CA  1 
ATOM   486  C C   . ASN A 1 80  ? 8.116   4.408   7.767   1.00 20.93 ? 59  ASN A C   1 
ATOM   487  O O   . ASN A 1 80  ? 8.135   3.931   8.901   1.00 20.54 ? 59  ASN A O   1 
ATOM   488  C CB  . ASN A 1 80  ? 9.874   6.173   7.733   1.00 20.69 ? 59  ASN A CB  1 
ATOM   489  C CG  . ASN A 1 80  ? 10.232  7.611   7.411   1.00 27.17 ? 59  ASN A CG  1 
ATOM   490  O OD1 . ASN A 1 80  ? 9.679   8.218   6.489   1.00 20.15 ? 59  ASN A OD1 1 
ATOM   491  N ND2 . ASN A 1 80  ? 11.155  8.172   8.185   1.00 29.42 ? 59  ASN A ND2 1 
ATOM   492  N N   . THR A 1 81  ? 7.844   3.691   6.685   1.00 12.03 ? 60  THR A N   1 
ATOM   493  C CA  . THR A 1 81  ? 7.575   2.261   6.783   1.00 13.07 ? 60  THR A CA  1 
ATOM   494  C C   . THR A 1 81  ? 8.357   1.498   5.722   1.00 10.44 ? 60  THR A C   1 
ATOM   495  O O   . THR A 1 81  ? 8.751   2.047   4.695   1.00 11.62 ? 60  THR A O   1 
ATOM   496  C CB  . THR A 1 81  ? 6.072   1.938   6.593   1.00 12.68 ? 60  THR A CB  1 
ATOM   497  O OG1 . THR A 1 81  ? 5.667   2.317   5.266   1.00 13.69 ? 60  THR A OG1 1 
ATOM   498  C CG2 . THR A 1 81  ? 5.217   2.691   7.607   1.00 15.40 ? 60  THR A CG2 1 
ATOM   499  N N   . GLU A 1 82  ? 8.577   0.217   5.986   1.00 12.57 ? 61  GLU A N   1 
ATOM   500  C CA  . GLU A 1 82  ? 9.179   -0.657  4.991   1.00 11.68 ? 61  GLU A CA  1 
ATOM   501  C C   . GLU A 1 82  ? 8.664   -2.071  5.205   1.00 11.50 ? 61  GLU A C   1 
ATOM   502  O O   . GLU A 1 82  ? 8.638   -2.572  6.341   1.00 11.26 ? 61  GLU A O   1 
ATOM   503  C CB  . GLU A 1 82  ? 10.709  -0.614  5.077   1.00 18.44 ? 61  GLU A CB  1 
ATOM   504  C CG  . GLU A 1 82  ? 11.410  -1.724  4.304   1.00 22.75 ? 61  GLU A CG  1 
ATOM   505  C CD  . GLU A 1 82  ? 12.930  -1.664  4.424   1.00 34.21 ? 61  GLU A CD  1 
ATOM   506  O OE1 . GLU A 1 82  ? 13.573  -2.736  4.390   1.00 38.61 ? 61  GLU A OE1 1 
ATOM   507  O OE2 . GLU A 1 82  ? 13.485  -0.550  4.545   1.00 35.04 1 61  GLU A OE2 1 
ATOM   508  N N   . ILE A 1 83  ? 8.211   -2.690  4.119   1.00 11.84 ? 62  ILE A N   1 
ATOM   509  C CA  . ILE A 1 83  ? 7.854   -4.104  4.122   1.00 7.23  ? 62  ILE A CA  1 
ATOM   510  C C   . ILE A 1 83  ? 8.627   -4.826  3.028   1.00 10.68 ? 62  ILE A C   1 
ATOM   511  O O   . ILE A 1 83  ? 8.786   -4.311  1.918   1.00 10.98 ? 62  ILE A O   1 
ATOM   512  C CB  . ILE A 1 83  ? 6.323   -4.333  3.946   1.00 10.07 ? 62  ILE A CB  1 
ATOM   513  C CG1 . ILE A 1 83  ? 5.806   -3.672  2.662   1.00 12.62 ? 62  ILE A CG1 1 
ATOM   514  C CG2 . ILE A 1 83  ? 5.569   -3.805  5.166   1.00 12.52 ? 62  ILE A CG2 1 
ATOM   515  C CD1 . ILE A 1 83  ? 4.349   -3.976  2.359   1.00 13.48 ? 62  ILE A CD1 1 
ATOM   516  N N   . SER A 1 84  ? 9.131   -6.008  3.364   1.00 8.23  ? 63  SER A N   1 
ATOM   517  C CA  . SER A 1 84  ? 9.753   -6.891  2.390   1.00 9.51  ? 63  SER A CA  1 
ATOM   518  C C   . SER A 1 84  ? 9.020   -8.225  2.449   1.00 11.89 ? 63  SER A C   1 
ATOM   519  O O   . SER A 1 84  ? 8.658   -8.697  3.521   1.00 11.08 ? 63  SER A O   1 
ATOM   520  C CB  . SER A 1 84  ? 11.242  -7.080  2.684   1.00 14.35 ? 63  SER A CB  1 
ATOM   521  O OG  . SER A 1 84  ? 11.944  -5.867  2.489   1.00 11.97 ? 63  SER A OG  1 
ATOM   522  N N   . PHE A 1 85  ? 8.783   -8.827  1.293   1.00 9.43  ? 64  PHE A N   1 
ATOM   523  C CA  . PHE A 1 85  ? 7.929   -9.999  1.254   1.00 7.90  ? 64  PHE A CA  1 
ATOM   524  C C   . PHE A 1 85  ? 8.166   -10.788 -0.011  1.00 7.78  ? 64  PHE A C   1 
ATOM   525  O O   . PHE A 1 85  ? 8.763   -10.287 -0.972  1.00 8.39  ? 64  PHE A O   1 
ATOM   526  C CB  . PHE A 1 85  ? 6.454   -9.579  1.335   1.00 7.38  ? 64  PHE A CB  1 
ATOM   527  C CG  . PHE A 1 85  ? 6.039   -8.610  0.249   1.00 9.09  ? 64  PHE A CG  1 
ATOM   528  C CD1 . PHE A 1 85  ? 6.190   -7.237  0.431   1.00 7.82  ? 64  PHE A CD1 1 
ATOM   529  C CD2 . PHE A 1 85  ? 5.485   -9.067  -0.938  1.00 9.36  ? 64  PHE A CD2 1 
ATOM   530  C CE1 . PHE A 1 85  ? 5.815   -6.340  -0.557  1.00 8.34  ? 64  PHE A CE1 1 
ATOM   531  C CE2 . PHE A 1 85  ? 5.107   -8.170  -1.944  1.00 8.46  ? 64  PHE A CE2 1 
ATOM   532  C CZ  . PHE A 1 85  ? 5.273   -6.810  -1.753  1.00 10.99 ? 64  PHE A CZ  1 
ATOM   533  N N   . ILE A 1 86  ? 7.703   -12.030 0.021   1.00 9.21  ? 65  ILE A N   1 
ATOM   534  C CA  . ILE A 1 86  ? 7.714   -12.925 -1.119  1.00 11.02 ? 65  ILE A CA  1 
ATOM   535  C C   . ILE A 1 86  ? 6.248   -13.157 -1.450  1.00 8.44  ? 65  ILE A C   1 
ATOM   536  O O   . ILE A 1 86  ? 5.431   -13.323 -0.552  1.00 11.66 ? 65  ILE A O   1 
ATOM   537  C CB  . ILE A 1 86  ? 8.405   -14.252 -0.756  1.00 12.80 ? 65  ILE A CB  1 
ATOM   538  C CG1 . ILE A 1 86  ? 9.895   -14.008 -0.486  1.00 15.37 ? 65  ILE A CG1 1 
ATOM   539  C CG2 . ILE A 1 86  ? 8.225   -15.283 -1.869  1.00 12.54 ? 65  ILE A CG2 1 
ATOM   540  C CD1 . ILE A 1 86  ? 10.636  -15.237 0.005   1.00 14.05 ? 65  ILE A CD1 1 
ATOM   541  N N   . LEU A 1 87  ? 5.907   -13.136 -2.733  1.00 10.38 ? 66  LEU A N   1 
ATOM   542  C CA  . LEU A 1 87  ? 4.512   -13.293 -3.134  1.00 7.95  ? 66  LEU A CA  1 
ATOM   543  C C   . LEU A 1 87  ? 3.915   -14.599 -2.622  1.00 12.51 ? 66  LEU A C   1 
ATOM   544  O O   . LEU A 1 87  ? 4.534   -15.663 -2.714  1.00 11.38 ? 66  LEU A O   1 
ATOM   545  C CB  . LEU A 1 87  ? 4.366   -13.201 -4.655  1.00 8.72  ? 66  LEU A CB  1 
ATOM   546  C CG  . LEU A 1 87  ? 4.772   -11.870 -5.283  1.00 10.49 ? 66  LEU A CG  1 
ATOM   547  C CD1 . LEU A 1 87  ? 4.766   -11.985 -6.796  1.00 12.89 ? 66  LEU A CD1 1 
ATOM   548  C CD2 . LEU A 1 87  ? 3.822   -10.773 -4.826  1.00 11.19 ? 66  LEU A CD2 1 
ATOM   549  N N   . GLY A 1 88  ? 2.718   -14.491 -2.057  1.00 10.06 ? 67  GLY A N   1 
ATOM   550  C CA  . GLY A 1 88  ? 1.969   -15.635 -1.580  1.00 10.77 ? 67  GLY A CA  1 
ATOM   551  C C   . GLY A 1 88  ? 2.333   -16.088 -0.179  1.00 10.72 ? 67  GLY A C   1 
ATOM   552  O O   . GLY A 1 88  ? 1.718   -17.019 0.335   1.00 14.02 ? 67  GLY A O   1 
ATOM   553  N N   . GLN A 1 89  ? 3.315   -15.431 0.439   1.00 8.91  ? 68  GLN A N   1 
ATOM   554  C CA  . GLN A 1 89  ? 3.836   -15.859 1.735   1.00 10.60 ? 68  GLN A CA  1 
ATOM   555  C C   . GLN A 1 89  ? 3.535   -14.843 2.829   1.00 11.24 ? 68  GLN A C   1 
ATOM   556  O O   . GLN A 1 89  ? 4.064   -13.731 2.818   1.00 9.90  ? 68  GLN A O   1 
ATOM   557  C CB  . GLN A 1 89  ? 5.341   -16.118 1.643   1.00 11.66 ? 68  GLN A CB  1 
ATOM   558  C CG  . GLN A 1 89  ? 5.688   -17.116 0.565   1.00 12.00 ? 68  GLN A CG  1 
ATOM   559  C CD  . GLN A 1 89  ? 7.094   -17.672 0.687   1.00 16.00 ? 68  GLN A CD  1 
ATOM   560  O OE1 . GLN A 1 89  ? 7.858   -17.305 1.582   1.00 19.51 ? 68  GLN A OE1 1 
ATOM   561  N NE2 . GLN A 1 89  ? 7.436   -18.580 -0.216  1.00 23.89 ? 68  GLN A NE2 1 
ATOM   562  N N   . GLU A 1 90  ? 2.691   -15.248 3.779   1.00 8.84  ? 69  GLU A N   1 
ATOM   563  C CA  . GLU A 1 90  ? 2.199   -14.357 4.834   1.00 9.34  ? 69  GLU A CA  1 
ATOM   564  C C   . GLU A 1 90  ? 3.336   -13.769 5.679   1.00 13.70 ? 69  GLU A C   1 
ATOM   565  O O   . GLU A 1 90  ? 4.336   -14.445 5.964   1.00 10.55 ? 69  GLU A O   1 
ATOM   566  C CB  . GLU A 1 90  ? 1.202   -15.110 5.721   1.00 10.13 ? 69  GLU A CB  1 
ATOM   567  C CG  . GLU A 1 90  ? 0.514   -14.255 6.792   1.00 20.18 ? 69  GLU A CG  1 
ATOM   568  C CD  . GLU A 1 90  ? -0.532  -15.031 7.565   1.00 28.43 ? 69  GLU A CD  1 
ATOM   569  O OE1 . GLU A 1 90  ? -0.174  -16.056 8.184   1.00 33.76 ? 69  GLU A OE1 1 
ATOM   570  O OE2 . GLU A 1 90  ? -1.713  -14.619 7.543   1.00 34.94 1 69  GLU A OE2 1 
ATOM   571  N N   . PHE A 1 91  ? 3.184   -12.507 6.072   1.00 10.54 ? 70  PHE A N   1 
ATOM   572  C CA  . PHE A 1 91  ? 4.172   -11.861 6.928   1.00 11.62 ? 70  PHE A CA  1 
ATOM   573  C C   . PHE A 1 91  ? 3.528   -10.935 7.943   1.00 13.04 ? 70  PHE A C   1 
ATOM   574  O O   . PHE A 1 91  ? 2.363   -10.560 7.811   1.00 9.55  ? 70  PHE A O   1 
ATOM   575  C CB  . PHE A 1 91  ? 5.205   -11.087 6.100   1.00 8.09  ? 70  PHE A CB  1 
ATOM   576  C CG  . PHE A 1 91  ? 4.614   -9.992  5.241   1.00 10.82 ? 70  PHE A CG  1 
ATOM   577  C CD1 . PHE A 1 91  ? 4.074   -10.281 3.999   1.00 11.25 ? 70  PHE A CD1 1 
ATOM   578  C CD2 . PHE A 1 91  ? 4.606   -8.678  5.679   1.00 11.45 ? 70  PHE A CD2 1 
ATOM   579  C CE1 . PHE A 1 91  ? 3.529   -9.267  3.202   1.00 8.49  ? 70  PHE A CE1 1 
ATOM   580  C CE2 . PHE A 1 91  ? 4.063   -7.664  4.893   1.00 12.79 ? 70  PHE A CE2 1 
ATOM   581  C CZ  . PHE A 1 91  ? 3.533   -7.962  3.652   1.00 10.06 ? 70  PHE A CZ  1 
ATOM   582  N N   . ASP A 1 92  ? 4.324   -10.557 8.939   1.00 12.30 ? 71  ASP A N   1 
ATOM   583  C CA  . ASP A 1 92  ? 3.906   -9.620  9.972   1.00 13.05 ? 71  ASP A CA  1 
ATOM   584  C C   . ASP A 1 92  ? 4.170   -8.199  9.509   1.00 12.30 ? 71  ASP A C   1 
ATOM   585  O O   . ASP A 1 92  ? 5.272   -7.887  9.069   1.00 14.37 ? 71  ASP A O   1 
ATOM   586  C CB  . ASP A 1 92  ? 4.682   -9.871  11.272  1.00 14.00 ? 71  ASP A CB  1 
ATOM   587  C CG  . ASP A 1 92  ? 4.360   -11.207 11.903  1.00 22.16 ? 71  ASP A CG  1 
ATOM   588  O OD1 . ASP A 1 92  ? 3.160   -11.514 12.064  1.00 18.99 ? 71  ASP A OD1 1 
ATOM   589  O OD2 . ASP A 1 92  ? 5.314   -11.952 12.232  1.00 17.22 1 71  ASP A OD2 1 
ATOM   590  N N   . GLU A 1 93  ? 3.169   -7.329  9.632   1.00 13.16 ? 72  GLU A N   1 
ATOM   591  C CA  . GLU A 1 93  ? 3.323   -5.939  9.226   1.00 12.62 ? 72  GLU A CA  1 
ATOM   592  C C   . GLU A 1 93  ? 2.846   -5.027  10.345  1.00 14.83 ? 72  GLU A C   1 
ATOM   593  O O   . GLU A 1 93  ? 1.779   -5.236  10.900  1.00 14.13 ? 72  GLU A O   1 
ATOM   594  C CB  . GLU A 1 93  ? 2.514   -5.642  7.953   1.00 13.28 ? 72  GLU A CB  1 
ATOM   595  C CG  . GLU A 1 93  ? 2.595   -4.170  7.494   1.00 12.63 ? 72  GLU A CG  1 
ATOM   596  C CD  . GLU A 1 93  ? 1.762   -3.863  6.253   1.00 12.93 ? 72  GLU A CD  1 
ATOM   597  O OE1 . GLU A 1 93  ? 0.920   -4.697  5.859   1.00 14.13 ? 72  GLU A OE1 1 
ATOM   598  O OE2 . GLU A 1 93  ? 1.952   -2.772  5.670   1.00 15.19 1 72  GLU A OE2 1 
ATOM   599  N N   . VAL A 1 94  ? 3.641   -4.019  10.680  1.00 14.05 ? 73  VAL A N   1 
ATOM   600  C CA  . VAL A 1 94  ? 3.149   -2.973  11.566  1.00 12.64 ? 73  VAL A CA  1 
ATOM   601  C C   . VAL A 1 94  ? 2.848   -1.779  10.683  1.00 12.11 ? 73  VAL A C   1 
ATOM   602  O O   . VAL A 1 94  ? 3.751   -1.173  10.112  1.00 16.98 ? 73  VAL A O   1 
ATOM   603  C CB  . VAL A 1 94  ? 4.167   -2.582  12.644  1.00 21.06 ? 73  VAL A CB  1 
ATOM   604  C CG1 . VAL A 1 94  ? 3.579   -1.491  13.531  1.00 19.22 ? 73  VAL A CG1 1 
ATOM   605  C CG2 . VAL A 1 94  ? 4.552   -3.795  13.470  1.00 19.73 ? 73  VAL A CG2 1 
ATOM   606  N N   . THR A 1 95  ? 1.569   -1.466  10.544  1.00 11.68 ? 74  THR A N   1 
ATOM   607  C CA  . THR A 1 95  ? 1.150   -0.457  9.578   1.00 14.01 ? 74  THR A CA  1 
ATOM   608  C C   . THR A 1 95  ? 1.491   0.961   10.044  1.00 12.48 ? 74  THR A C   1 
ATOM   609  O O   . THR A 1 95  ? 1.844   1.173   11.204  1.00 15.09 ? 74  THR A O   1 
ATOM   610  C CB  . THR A 1 95  ? -0.358  -0.562  9.292   1.00 13.06 ? 74  THR A CB  1 
ATOM   611  O OG1 . THR A 1 95  ? -1.092  -0.242  10.476  1.00 11.36 ? 74  THR A OG1 1 
ATOM   612  C CG2 . THR A 1 95  ? -0.715  -1.968  8.834   1.00 11.02 ? 74  THR A CG2 1 
ATOM   613  N N   . ALA A 1 96  ? 1.395   1.917   9.128   1.00 11.93 ? 75  ALA A N   1 
ATOM   614  C CA  . ALA A 1 96  ? 1.668   3.321   9.443   1.00 12.53 ? 75  ALA A CA  1 
ATOM   615  C C   . ALA A 1 96  ? 0.847   3.801   10.641  1.00 16.26 ? 75  ALA A C   1 
ATOM   616  O O   . ALA A 1 96  ? 1.329   4.591   11.455  1.00 16.20 ? 75  ALA A O   1 
ATOM   617  C CB  . ALA A 1 96  ? 1.397   4.196   8.236   1.00 15.22 ? 75  ALA A CB  1 
ATOM   618  N N   . ASP A 1 97  ? -0.385  3.313   10.745  1.00 11.71 ? 76  ASP A N   1 
ATOM   619  C CA  . ASP A 1 97  ? -1.301  3.736   11.811  1.00 10.34 ? 76  ASP A CA  1 
ATOM   620  C C   . ASP A 1 97  ? -1.185  2.833   13.050  1.00 15.96 ? 76  ASP A C   1 
ATOM   621  O O   . ASP A 1 97  ? -2.033  2.870   13.947  1.00 19.03 ? 76  ASP A O   1 
ATOM   622  C CB  . ASP A 1 97  ? -2.745  3.773   11.304  1.00 14.60 ? 76  ASP A CB  1 
ATOM   623  C CG  . ASP A 1 97  ? -3.235  2.424   10.836  1.00 15.91 ? 76  ASP A CG  1 
ATOM   624  O OD1 . ASP A 1 97  ? -2.543  1.805   9.999   1.00 15.79 ? 76  ASP A OD1 1 
ATOM   625  O OD2 . ASP A 1 97  ? -4.305  1.978   11.314  1.00 18.12 1 76  ASP A OD2 1 
ATOM   626  N N   . ASP A 1 98  ? -0.130  2.022   13.063  1.00 16.48 ? 77  ASP A N   1 
ATOM   627  C CA  . ASP A 1 98  ? 0.259   1.195   14.206  1.00 19.00 ? 77  ASP A CA  1 
ATOM   628  C C   . ASP A 1 98  ? -0.663  0.011   14.489  1.00 22.54 ? 77  ASP A C   1 
ATOM   629  O O   . ASP A 1 98  ? -0.789  -0.418  15.634  1.00 23.66 ? 77  ASP A O   1 
ATOM   630  C CB  . ASP A 1 98  ? 0.459   2.046   15.475  1.00 23.83 ? 77  ASP A CB  1 
ATOM   631  C CG  . ASP A 1 98  ? 1.519   1.472   16.405  1.00 44.65 ? 77  ASP A CG  1 
ATOM   632  O OD1 . ASP A 1 98  ? 1.270   1.409   17.629  1.00 48.12 ? 77  ASP A OD1 1 
ATOM   633  O OD2 . ASP A 1 98  ? 2.604   1.093   15.916  1.00 43.82 1 77  ASP A OD2 1 
ATOM   634  N N   . ARG A 1 99  ? -1.304  -0.523  13.454  1.00 13.89 ? 78  ARG A N   1 
ATOM   635  C CA  . ARG A 1 99  ? -1.943  -1.830  13.586  1.00 10.18 ? 78  ARG A CA  1 
ATOM   636  C C   . ARG A 1 99  ? -0.892  -2.915  13.408  1.00 12.89 ? 78  ARG A C   1 
ATOM   637  O O   . ARG A 1 99  ? 0.045   -2.758  12.623  1.00 16.31 ? 78  ARG A O   1 
ATOM   638  C CB  . ARG A 1 99  ? -3.043  -2.022  12.540  1.00 14.37 ? 78  ARG A CB  1 
ATOM   639  C CG  . ARG A 1 99  ? -4.343  -1.283  12.829  1.00 14.00 ? 78  ARG A CG  1 
ATOM   640  C CD  . ARG A 1 99  ? -5.306  -1.384  11.643  1.00 14.62 ? 78  ARG A CD  1 
ATOM   641  N NE  . ARG A 1 99  ? -4.762  -0.648  10.514  1.00 12.69 ? 78  ARG A NE  1 
ATOM   642  C CZ  . ARG A 1 99  ? -4.646  -1.112  9.270   1.00 13.70 ? 78  ARG A CZ  1 
ATOM   643  N NH1 . ARG A 1 99  ? -5.082  -2.320  8.938   1.00 11.38 ? 78  ARG A NH1 1 
ATOM   644  N NH2 . ARG A 1 99  ? -4.091  -0.347  8.346   1.00 14.22 ? 78  ARG A NH2 1 
ATOM   645  N N   . LYS A 1 100 ? -1.049  -4.008  14.146  1.00 14.76 ? 79  LYS A N   1 
ATOM   646  C CA  . LYS A 1 100 ? -0.210  -5.189  13.966  1.00 11.55 ? 79  LYS A CA  1 
ATOM   647  C C   . LYS A 1 100 ? -1.038  -6.197  13.204  1.00 7.98  ? 79  LYS A C   1 
ATOM   648  O O   . LYS A 1 100 ? -1.978  -6.787  13.750  1.00 14.09 ? 79  LYS A O   1 
ATOM   649  C CB  . LYS A 1 100 ? 0.229   -5.764  15.317  1.00 12.83 ? 79  LYS A CB  1 
ATOM   650  C CG  . LYS A 1 100 ? 1.404   -5.041  15.957  1.00 22.90 ? 79  LYS A CG  1 
ATOM   651  C CD  . LYS A 1 100 ? 1.013   -3.684  16.521  1.00 37.06 ? 79  LYS A CD  1 
ATOM   652  C CE  . LYS A 1 100 ? 2.161   -3.060  17.308  1.00 44.70 ? 79  LYS A CE  1 
ATOM   653  N NZ  . LYS A 1 100 ? 1.852   -1.665  17.730  1.00 46.90 ? 79  LYS A NZ  1 
ATOM   654  N N   . VAL A 1 101 ? -0.716  -6.364  11.923  1.00 10.71 ? 80  VAL A N   1 
ATOM   655  C CA  . VAL A 1 101 ? -1.545  -7.156  11.031  1.00 9.86  ? 80  VAL A CA  1 
ATOM   656  C C   . VAL A 1 101 ? -0.772  -8.317  10.414  1.00 10.48 ? 80  VAL A C   1 
ATOM   657  O O   . VAL A 1 101 ? 0.462   -8.323  10.382  1.00 10.49 ? 80  VAL A O   1 
ATOM   658  C CB  . VAL A 1 101 ? -2.136  -6.288  9.878   1.00 8.83  ? 80  VAL A CB  1 
ATOM   659  C CG1 . VAL A 1 101 ? -2.718  -4.986  10.431  1.00 11.33 ? 80  VAL A CG1 1 
ATOM   660  C CG2 . VAL A 1 101 ? -1.069  -5.975  8.829   1.00 9.81  ? 80  VAL A CG2 1 
ATOM   661  N N   . LYS A 1 102 ? -1.514  -9.311  9.948   1.00 8.84  ? 81  LYS A N   1 
ATOM   662  C CA  . LYS A 1 102 ? -0.925  -10.398 9.179   1.00 9.16  ? 81  LYS A CA  1 
ATOM   663  C C   . LYS A 1 102 ? -1.220  -10.090 7.726   1.00 11.65 ? 81  LYS A C   1 
ATOM   664  O O   . LYS A 1 102 ? -2.385  -9.960  7.351   1.00 10.21 ? 81  LYS A O   1 
ATOM   665  C CB  . LYS A 1 102 ? -1.557  -11.730 9.561   1.00 12.50 ? 81  LYS A CB  1 
ATOM   666  C CG  . LYS A 1 102 ? -1.338  -12.129 11.015  1.00 21.57 ? 81  LYS A CG  1 
ATOM   667  C CD  . LYS A 1 102 ? 0.110   -12.470 11.283  1.00 25.65 ? 81  LYS A CD  1 
ATOM   668  C CE  . LYS A 1 102 ? 0.264   -13.141 12.645  1.00 21.01 ? 81  LYS A CE  1 
ATOM   669  N NZ  . LYS A 1 102 ? 1.647   -13.652 12.830  1.00 28.55 ? 81  LYS A NZ  1 
ATOM   670  N N   . SER A 1 103 ? -0.174  -9.964  6.911   1.00 10.61 ? 82  SER A N   1 
ATOM   671  C CA  . SER A 1 103 ? -0.342  -9.544  5.521   1.00 9.60  ? 82  SER A CA  1 
ATOM   672  C C   . SER A 1 103 ? 0.049   -10.637 4.535   1.00 8.26  ? 82  SER A C   1 
ATOM   673  O O   . SER A 1 103 ? 1.018   -11.359 4.749   1.00 9.44  ? 82  SER A O   1 
ATOM   674  C CB  . SER A 1 103 ? 0.511   -8.303  5.230   1.00 8.67  ? 82  SER A CB  1 
ATOM   675  O OG  . SER A 1 103 ? -0.062  -7.140  5.818   1.00 10.87 ? 82  SER A OG  1 
ATOM   676  N N   . THR A 1 104 ? -0.702  -10.737 3.444   1.00 6.78  ? 83  THR A N   1 
ATOM   677  C CA  . THR A 1 104 ? -0.313  -11.603 2.336   1.00 6.74  ? 83  THR A CA  1 
ATOM   678  C C   . THR A 1 104 ? -0.491  -10.839 1.041   1.00 10.71 ? 83  THR A C   1 
ATOM   679  O O   . THR A 1 104 ? -1.543  -10.234 0.809   1.00 8.74  ? 83  THR A O   1 
ATOM   680  C CB  . THR A 1 104 ? -1.153  -12.878 2.289   1.00 10.28 ? 83  THR A CB  1 
ATOM   681  O OG1 . THR A 1 104 ? -1.073  -13.547 3.561   1.00 12.08 ? 83  THR A OG1 1 
ATOM   682  C CG2 . THR A 1 104 ? -0.631  -13.820 1.191   1.00 9.66  ? 83  THR A CG2 1 
ATOM   683  N N   . ILE A 1 105 ? 0.542   -10.858 0.207   1.00 7.31  ? 84  ILE A N   1 
ATOM   684  C CA  . ILE A 1 105 ? 0.510   -10.109 -1.048  1.00 6.17  ? 84  ILE A CA  1 
ATOM   685  C C   . ILE A 1 105 ? 0.734   -11.084 -2.192  1.00 10.02 ? 84  ILE A C   1 
ATOM   686  O O   . ILE A 1 105 ? 1.640   -11.914 -2.145  1.00 10.92 ? 84  ILE A O   1 
ATOM   687  C CB  . ILE A 1 105 ? 1.575   -8.990  -1.068  1.00 6.84  ? 84  ILE A CB  1 
ATOM   688  C CG1 . ILE A 1 105 ? 1.303   -8.004  0.080   1.00 7.86  ? 84  ILE A CG1 1 
ATOM   689  C CG2 . ILE A 1 105 ? 1.587   -8.268  -2.414  1.00 10.38 ? 84  ILE A CG2 1 
ATOM   690  C CD1 . ILE A 1 105 ? 2.292   -6.847  0.189   1.00 8.83  ? 84  ILE A CD1 1 
ATOM   691  N N   . THR A 1 106 ? -0.129  -11.001 -3.197  1.00 7.40  ? 85  THR A N   1 
ATOM   692  C CA  . THR A 1 106 ? -0.041  -11.868 -4.361  1.00 8.84  ? 85  THR A CA  1 
ATOM   693  C C   . THR A 1 106 ? -0.165  -11.039 -5.623  1.00 13.57 ? 85  THR A C   1 
ATOM   694  O O   . THR A 1 106 ? -0.530  -9.866  -5.579  1.00 11.64 ? 85  THR A O   1 
ATOM   695  C CB  . THR A 1 106 ? -1.151  -12.930 -4.355  1.00 15.90 ? 85  THR A CB  1 
ATOM   696  O OG1 . THR A 1 106 ? -2.425  -12.286 -4.224  1.00 15.10 ? 85  THR A OG1 1 
ATOM   697  C CG2 . THR A 1 106 ? -0.955  -13.880 -3.179  1.00 15.88 ? 85  THR A CG2 1 
ATOM   698  N N   . LEU A 1 107 ? 0.169   -11.654 -6.750  1.00 11.82 ? 86  LEU A N   1 
ATOM   699  C CA  . LEU A 1 107 ? 0.015   -11.002 -8.034  1.00 12.91 ? 86  LEU A CA  1 
ATOM   700  C C   . LEU A 1 107 ? -1.149  -11.654 -8.756  1.00 21.82 ? 86  LEU A C   1 
ATOM   701  O O   . LEU A 1 107 ? -1.174  -12.870 -8.935  1.00 27.30 ? 86  LEU A O   1 
ATOM   702  C CB  . LEU A 1 107 ? 1.284   -11.167 -8.857  1.00 15.14 ? 86  LEU A CB  1 
ATOM   703  C CG  . LEU A 1 107 ? 2.190   -9.948  -9.046  1.00 23.54 ? 86  LEU A CG  1 
ATOM   704  C CD1 . LEU A 1 107 ? 3.382   -10.319 -9.905  1.00 15.38 ? 86  LEU A CD1 1 
ATOM   705  C CD2 . LEU A 1 107 ? 1.449   -8.762  -9.654  1.00 18.00 ? 86  LEU A CD2 1 
ATOM   706  N N   . ASP A 1 108 ? -2.118  -10.844 -9.157  1.00 17.03 ? 87  ASP A N   1 
ATOM   707  C CA  . ASP A 1 108 ? -3.278  -11.337 -9.878  1.00 20.56 ? 87  ASP A CA  1 
ATOM   708  C C   . ASP A 1 108 ? -3.455  -10.497 -11.128 1.00 13.80 ? 87  ASP A C   1 
ATOM   709  O O   . ASP A 1 108 ? -3.849  -9.339  -11.044 1.00 17.48 ? 87  ASP A O   1 
ATOM   710  C CB  . ASP A 1 108 ? -4.533  -11.251 -9.005  1.00 20.51 ? 87  ASP A CB  1 
ATOM   711  C CG  . ASP A 1 108 ? -5.818  -11.486 -9.793  1.00 35.38 ? 87  ASP A CG  1 
ATOM   712  O OD1 . ASP A 1 108 ? -5.807  -12.308 -10.736 1.00 43.42 ? 87  ASP A OD1 1 
ATOM   713  O OD2 . ASP A 1 108 ? -6.844  -10.849 -9.465  1.00 39.48 1 87  ASP A OD2 1 
ATOM   714  N N   . GLY A 1 109 ? -3.152  -11.078 -12.285 1.00 18.87 ? 88  GLY A N   1 
ATOM   715  C CA  . GLY A 1 109 ? -3.320  -10.370 -13.544 1.00 21.46 ? 88  GLY A CA  1 
ATOM   716  C C   . GLY A 1 109 ? -2.618  -9.024  -13.577 1.00 21.85 ? 88  GLY A C   1 
ATOM   717  O O   . GLY A 1 109 ? -3.187  -8.018  -14.019 1.00 20.07 ? 88  GLY A O   1 
ATOM   718  N N   . GLY A 1 110 ? -1.384  -9.001  -13.085 1.00 13.48 ? 89  GLY A N   1 
ATOM   719  C CA  . GLY A 1 110 ? -0.587  -7.789  -13.109 1.00 13.44 ? 89  GLY A CA  1 
ATOM   720  C C   . GLY A 1 110 ? -0.808  -6.862  -11.931 1.00 17.43 ? 89  GLY A C   1 
ATOM   721  O O   . GLY A 1 110 ? -0.127  -5.845  -11.800 1.00 16.49 ? 89  GLY A O   1 
ATOM   722  N N   . VAL A 1 111 ? -1.763  -7.210  -11.075 1.00 12.80 ? 90  VAL A N   1 
ATOM   723  C CA  . VAL A 1 111 ? -2.113  -6.364  -9.945  1.00 10.59 ? 90  VAL A CA  1 
ATOM   724  C C   . VAL A 1 111 ? -1.583  -6.942  -8.630  1.00 13.43 ? 90  VAL A C   1 
ATOM   725  O O   . VAL A 1 111 ? -1.791  -8.117  -8.333  1.00 12.13 ? 90  VAL A O   1 
ATOM   726  C CB  . VAL A 1 111 ? -3.648  -6.181  -9.853  1.00 10.74 ? 90  VAL A CB  1 
ATOM   727  C CG1 . VAL A 1 111 ? -4.017  -5.345  -8.628  1.00 14.94 ? 90  VAL A CG1 1 
ATOM   728  C CG2 . VAL A 1 111 ? -4.198  -5.545  -11.126 1.00 16.03 ? 90  VAL A CG2 1 
ATOM   729  N N   . LEU A 1 112 ? -0.894  -6.121  -7.841  1.00 13.60 ? 91  LEU A N   1 
ATOM   730  C CA  . LEU A 1 112 ? -0.456  -6.572  -6.529  1.00 10.31 ? 91  LEU A CA  1 
ATOM   731  C C   . LEU A 1 112 ? -1.643  -6.468  -5.603  1.00 10.92 ? 91  LEU A C   1 
ATOM   732  O O   . LEU A 1 112 ? -2.182  -5.378  -5.393  1.00 10.68 ? 91  LEU A O   1 
ATOM   733  C CB  . LEU A 1 112 ? 0.695   -5.724  -5.983  1.00 12.04 ? 91  LEU A CB  1 
ATOM   734  C CG  . LEU A 1 112 ? 2.097   -5.971  -6.542  1.00 15.61 ? 91  LEU A CG  1 
ATOM   735  C CD1 . LEU A 1 112 ? 3.020   -4.846  -6.115  1.00 14.34 ? 91  LEU A CD1 1 
ATOM   736  C CD2 . LEU A 1 112 ? 2.631   -7.317  -6.053  1.00 12.19 ? 91  LEU A CD2 1 
ATOM   737  N N   . VAL A 1 113 ? -2.051  -7.608  -5.062  1.00 9.51  ? 92  VAL A N   1 
ATOM   738  C CA  . VAL A 1 113 ? -3.188  -7.656  -4.153  1.00 6.55  ? 92  VAL A CA  1 
ATOM   739  C C   . VAL A 1 113 ? -2.694  -7.946  -2.743  1.00 8.30  ? 92  VAL A C   1 
ATOM   740  O O   . VAL A 1 113 ? -2.130  -9.009  -2.480  1.00 9.17  ? 92  VAL A O   1 
ATOM   741  C CB  . VAL A 1 113 ? -4.199  -8.730  -4.600  1.00 9.34  ? 92  VAL A CB  1 
ATOM   742  C CG1 . VAL A 1 113 ? -5.407  -8.732  -3.699  1.00 11.79 ? 92  VAL A CG1 1 
ATOM   743  C CG2 . VAL A 1 113 ? -4.616  -8.495  -6.048  1.00 13.61 ? 92  VAL A CG2 1 
ATOM   744  N N   . HIS A 1 114 ? -2.936  -6.996  -1.838  1.00 8.96  ? 93  HIS A N   1 
ATOM   745  C CA  . HIS A 1 114 ? -2.393  -7.006  -0.477  1.00 9.87  ? 93  HIS A CA  1 
ATOM   746  C C   . HIS A 1 114 ? -3.544  -7.113  0.529   1.00 10.29 ? 93  HIS A C   1 
ATOM   747  O O   . HIS A 1 114 ? -4.345  -6.199  0.650   1.00 9.84  ? 93  HIS A O   1 
ATOM   748  C CB  . HIS A 1 114 ? -1.581  -5.708  -0.282  1.00 6.20  ? 93  HIS A CB  1 
ATOM   749  C CG  . HIS A 1 114 ? -0.984  -5.536  1.085   1.00 9.35  ? 93  HIS A CG  1 
ATOM   750  N ND1 . HIS A 1 114 ? -0.180  -4.465  1.405   1.00 9.43  ? 93  HIS A ND1 1 
ATOM   751  C CD2 . HIS A 1 114 ? -1.067  -6.292  2.209   1.00 11.06 ? 93  HIS A CD2 1 
ATOM   752  C CE1 . HIS A 1 114 ? 0.208   -4.566  2.664   1.00 9.03  ? 93  HIS A CE1 1 
ATOM   753  N NE2 . HIS A 1 114 ? -0.322  -5.661  3.177   1.00 12.07 ? 93  HIS A NE2 1 
ATOM   754  N N   . VAL A 1 115 ? -3.641  -8.237  1.242   1.00 6.76  ? 94  VAL A N   1 
ATOM   755  C CA  . VAL A 1 115 ? -4.690  -8.376  2.242   1.00 6.31  ? 94  VAL A CA  1 
ATOM   756  C C   . VAL A 1 115 ? -4.079  -8.255  3.636   1.00 9.99  ? 94  VAL A C   1 
ATOM   757  O O   . VAL A 1 115 ? -3.098  -8.945  3.944   1.00 9.33  ? 94  VAL A O   1 
ATOM   758  C CB  . VAL A 1 115 ? -5.422  -9.720  2.109   1.00 13.68 ? 94  VAL A CB  1 
ATOM   759  C CG1 . VAL A 1 115 ? -6.538  -9.834  3.152   1.00 15.24 ? 94  VAL A CG1 1 
ATOM   760  C CG2 . VAL A 1 115 ? -5.975  -9.898  0.703   1.00 14.23 ? 94  VAL A CG2 1 
ATOM   761  N N   . GLN A 1 116 ? -4.654  -7.375  4.454   1.00 7.49  ? 95  GLN A N   1 
ATOM   762  C CA  . GLN A 1 116 ? -4.272  -7.223  5.857   1.00 7.75  ? 95  GLN A CA  1 
ATOM   763  C C   . GLN A 1 116 ? -5.370  -7.768  6.759   1.00 10.87 ? 95  GLN A C   1 
ATOM   764  O O   . GLN A 1 116 ? -6.544  -7.431  6.579   1.00 10.28 ? 95  GLN A O   1 
ATOM   765  C CB  . GLN A 1 116 ? -4.037  -5.750  6.199   1.00 8.22  ? 95  GLN A CB  1 
ATOM   766  C CG  . GLN A 1 116 ? -2.834  -5.092  5.516   1.00 8.69  ? 95  GLN A CG  1 
ATOM   767  C CD  . GLN A 1 116 ? -2.771  -3.599  5.821   1.00 10.55 ? 95  GLN A CD  1 
ATOM   768  O OE1 . GLN A 1 116 ? -3.767  -3.003  6.230   1.00 10.23 ? 95  GLN A OE1 1 
ATOM   769  N NE2 . GLN A 1 116 ? -1.604  -2.992  5.629   1.00 7.44  ? 95  GLN A NE2 1 
ATOM   770  N N   . LYS A 1 117 ? -4.984  -8.602  7.732   1.00 8.61  ? 96  LYS A N   1 
ATOM   771  C CA  . LYS A 1 117 ? -5.929  -9.222  8.667   1.00 9.59  ? 96  LYS A CA  1 
ATOM   772  C C   . LYS A 1 117 ? -5.525  -8.896  10.092  1.00 12.66 ? 96  LYS A C   1 
ATOM   773  O O   . LYS A 1 117 ? -4.375  -9.098  10.469  1.00 11.20 ? 96  LYS A O   1 
ATOM   774  C CB  . LYS A 1 117 ? -5.892  -10.751 8.542   1.00 11.62 ? 96  LYS A CB  1 
ATOM   775  C CG  . LYS A 1 117 ? -6.091  -11.310 7.149   1.00 20.99 ? 96  LYS A CG  1 
ATOM   776  C CD  . LYS A 1 117 ? -7.558  -11.336 6.777   1.00 25.77 ? 96  LYS A CD  1 
ATOM   777  C CE  . LYS A 1 117 ? -7.812  -12.232 5.571   1.00 34.96 ? 96  LYS A CE  1 
ATOM   778  N NZ  . LYS A 1 117 ? -9.185  -12.024 5.013   1.00 33.24 ? 96  LYS A NZ  1 
ATOM   779  N N   . TRP A 1 118 ? -6.468  -8.417  10.895  1.00 11.38 ? 97  TRP A N   1 
ATOM   780  C CA  . TRP A 1 118 ? -6.189  -8.165  12.302  1.00 14.33 ? 97  TRP A CA  1 
ATOM   781  C C   . TRP A 1 118 ? -7.500  -8.104  13.063  1.00 18.70 ? 97  TRP A C   1 
ATOM   782  O O   . TRP A 1 118 ? -8.505  -7.630  12.530  1.00 16.93 ? 97  TRP A O   1 
ATOM   783  C CB  . TRP A 1 118 ? -5.427  -6.847  12.469  1.00 12.34 ? 97  TRP A CB  1 
ATOM   784  C CG  . TRP A 1 118 ? -6.298  -5.632  12.313  1.00 13.96 ? 97  TRP A CG  1 
ATOM   785  C CD1 . TRP A 1 118 ? -6.736  -4.813  13.316  1.00 16.51 ? 97  TRP A CD1 1 
ATOM   786  C CD2 . TRP A 1 118 ? -6.862  -5.113  11.094  1.00 13.47 ? 97  TRP A CD2 1 
ATOM   787  N NE1 . TRP A 1 118 ? -7.520  -3.807  12.798  1.00 14.18 ? 97  TRP A NE1 1 
ATOM   788  C CE2 . TRP A 1 118 ? -7.612  -3.969  11.437  1.00 13.76 ? 97  TRP A CE2 1 
ATOM   789  C CE3 . TRP A 1 118 ? -6.794  -5.495  9.747   1.00 11.37 ? 97  TRP A CE3 1 
ATOM   790  C CZ2 . TRP A 1 118 ? -8.302  -3.218  10.494  1.00 12.01 ? 97  TRP A CZ2 1 
ATOM   791  C CZ3 . TRP A 1 118 ? -7.482  -4.735  8.801   1.00 10.32 ? 97  TRP A CZ3 1 
ATOM   792  C CH2 . TRP A 1 118 ? -8.221  -3.606  9.183   1.00 13.50 ? 97  TRP A CH2 1 
ATOM   793  N N   . ASP A 1 119 ? -7.488  -8.596  14.301  1.00 19.49 ? 98  ASP A N   1 
ATOM   794  C CA  . ASP A 1 119 ? -8.629  -8.459  15.206  1.00 22.64 ? 98  ASP A CA  1 
ATOM   795  C C   . ASP A 1 119 ? -9.937  -8.889  14.547  1.00 22.15 ? 98  ASP A C   1 
ATOM   796  O O   . ASP A 1 119 ? -10.982 -8.281  14.772  1.00 24.84 ? 98  ASP A O   1 
ATOM   797  C CB  . ASP A 1 119 ? -8.733  -7.009  15.702  1.00 21.58 ? 98  ASP A CB  1 
ATOM   798  C CG  . ASP A 1 119 ? -9.493  -6.886  17.020  1.00 43.84 ? 98  ASP A CG  1 
ATOM   799  O OD1 . ASP A 1 119 ? -9.454  -7.837  17.832  1.00 45.55 ? 98  ASP A OD1 1 
ATOM   800  O OD2 . ASP A 1 119 ? -10.121 -5.830  17.249  1.00 44.58 1 98  ASP A OD2 1 
ATOM   801  N N   . GLY A 1 120 ? -9.866  -9.916  13.708  1.00 19.41 ? 99  GLY A N   1 
ATOM   802  C CA  . GLY A 1 120 ? -11.043 -10.431 13.030  1.00 18.72 ? 99  GLY A CA  1 
ATOM   803  C C   . GLY A 1 120 ? -11.527 -9.576  11.879  1.00 20.33 ? 99  GLY A C   1 
ATOM   804  O O   . GLY A 1 120 ? -12.598 -9.819  11.324  1.00 24.41 ? 99  GLY A O   1 
ATOM   805  N N   . LYS A 1 121 ? -10.733 -8.576  11.510  1.00 20.09 ? 100 LYS A N   1 
ATOM   806  C CA  . LYS A 1 121 ? -11.080 -7.682  10.410  1.00 16.80 ? 100 LYS A CA  1 
ATOM   807  C C   . LYS A 1 121 ? -10.136 -7.915  9.236   1.00 16.24 ? 100 LYS A C   1 
ATOM   808  O O   . LYS A 1 121 ? -9.067  -8.501  9.397   1.00 12.89 ? 100 LYS A O   1 
ATOM   809  C CB  . LYS A 1 121 ? -10.968 -6.232  10.857  1.00 14.09 ? 100 LYS A CB  1 
ATOM   810  C CG  . LYS A 1 121 ? -11.887 -5.876  12.016  1.00 24.51 ? 100 LYS A CG  1 
ATOM   811  C CD  . LYS A 1 121 ? -11.477 -4.568  12.656  1.00 23.28 ? 100 LYS A CD  1 
ATOM   812  C CE  . LYS A 1 121 ? -12.355 -4.245  13.856  1.00 29.75 ? 100 LYS A CE  1 
ATOM   813  N NZ  . LYS A 1 121 ? -11.941 -2.968  14.491  1.00 47.44 ? 100 LYS A NZ  1 
ATOM   814  N N   . SER A 1 122 ? -10.530 -7.439  8.061   1.00 12.68 ? 101 SER A N   1 
ATOM   815  C CA  . SER A 1 122 ? -9.703  -7.611  6.872   1.00 9.10  ? 101 SER A CA  1 
ATOM   816  C C   . SER A 1 122 ? -9.885  -6.417  5.947   1.00 11.42 ? 101 SER A C   1 
ATOM   817  O O   . SER A 1 122 ? -10.984 -5.892  5.831   1.00 12.49 ? 101 SER A O   1 
ATOM   818  C CB  . SER A 1 122 ? -10.107 -8.888  6.139   1.00 15.36 ? 101 SER A CB  1 
ATOM   819  O OG  . SER A 1 122 ? -9.418  -9.012  4.913   1.00 24.91 ? 101 SER A OG  1 
ATOM   820  N N   . THR A 1 123 ? -8.804  -6.000  5.292   1.00 9.81  ? 102 THR A N   1 
ATOM   821  C CA  . THR A 1 123 ? -8.861  -4.939  4.293   1.00 10.18 ? 102 THR A CA  1 
ATOM   822  C C   . THR A 1 123 ? -7.969  -5.349  3.120   1.00 10.47 ? 102 THR A C   1 
ATOM   823  O O   . THR A 1 123 ? -7.014  -6.109  3.300   1.00 8.87  ? 102 THR A O   1 
ATOM   824  C CB  . THR A 1 123 ? -8.441  -3.564  4.876   1.00 10.76 ? 102 THR A CB  1 
ATOM   825  O OG1 . THR A 1 123 ? -8.669  -2.528  3.905   1.00 12.65 ? 102 THR A OG1 1 
ATOM   826  C CG2 . THR A 1 123 ? -6.970  -3.574  5.285   1.00 8.75  ? 102 THR A CG2 1 
ATOM   827  N N   . THR A 1 124 ? -8.311  -4.886  1.924   1.00 8.43  ? 103 THR A N   1 
ATOM   828  C CA  . THR A 1 124 ? -7.567  -5.217  0.713   1.00 11.00 ? 103 THR A CA  1 
ATOM   829  C C   . THR A 1 124 ? -7.056  -3.950  0.039   1.00 11.27 ? 103 THR A C   1 
ATOM   830  O O   . THR A 1 124 ? -7.799  -2.992  -0.152  1.00 11.98 ? 103 THR A O   1 
ATOM   831  C CB  . THR A 1 124 ? -8.444  -5.997  -0.284  1.00 11.55 ? 103 THR A CB  1 
ATOM   832  O OG1 . THR A 1 124 ? -8.871  -7.215  0.335   1.00 13.50 ? 103 THR A OG1 1 
ATOM   833  C CG2 . THR A 1 124 ? -7.672  -6.329  -1.552  1.00 13.81 ? 103 THR A CG2 1 
ATOM   834  N N   . ILE A 1 125 ? -5.778  -3.974  -0.312  1.00 9.07  ? 104 ILE A N   1 
ATOM   835  C CA  . ILE A 1 125 ? -5.097  -2.860  -0.935  1.00 10.00 ? 104 ILE A CA  1 
ATOM   836  C C   . ILE A 1 125 ? -4.591  -3.364  -2.278  1.00 8.04  ? 104 ILE A C   1 
ATOM   837  O O   . ILE A 1 125 ? -3.809  -4.301  -2.330  1.00 8.53  ? 104 ILE A O   1 
ATOM   838  C CB  . ILE A 1 125 ? -3.898  -2.433  -0.074  1.00 10.33 ? 104 ILE A CB  1 
ATOM   839  C CG1 . ILE A 1 125 ? -4.374  -2.058  1.331   1.00 11.52 ? 104 ILE A CG1 1 
ATOM   840  C CG2 . ILE A 1 125 ? -3.143  -1.274  -0.730  1.00 10.90 ? 104 ILE A CG2 1 
ATOM   841  C CD1 . ILE A 1 125 ? -3.306  -2.194  2.394   1.00 18.31 ? 104 ILE A CD1 1 
ATOM   842  N N   . LYS A 1 126 ? -5.069  -2.774  -3.363  1.00 7.95  ? 105 LYS A N   1 
ATOM   843  C CA  . LYS A 1 126 ? -4.601  -3.173  -4.685  1.00 9.96  ? 105 LYS A CA  1 
ATOM   844  C C   . LYS A 1 126 ? -3.714  -2.085  -5.256  1.00 9.19  ? 105 LYS A C   1 
ATOM   845  O O   . LYS A 1 126 ? -4.041  -0.897  -5.174  1.00 10.42 ? 105 LYS A O   1 
ATOM   846  C CB  . LYS A 1 126 ? -5.789  -3.446  -5.618  1.00 10.30 ? 105 LYS A CB  1 
ATOM   847  C CG  . LYS A 1 126 ? -6.631  -4.636  -5.177  1.00 14.47 ? 105 LYS A CG  1 
ATOM   848  C CD  . LYS A 1 126 ? -7.618  -5.066  -6.256  1.00 21.97 ? 105 LYS A CD  1 
ATOM   849  C CE  . LYS A 1 126 ? -8.527  -6.185  -5.743  1.00 32.38 ? 105 LYS A CE  1 
ATOM   850  N NZ  . LYS A 1 126 ? -9.656  -6.472  -6.679  1.00 36.46 ? 105 LYS A NZ  1 
ATOM   851  N N   . ARG A 1 127 ? -2.585  -2.497  -5.818  1.00 9.98  ? 106 ARG A N   1 
ATOM   852  C CA  . ARG A 1 127 ? -1.629  -1.576  -6.402  1.00 9.77  ? 106 ARG A CA  1 
ATOM   853  C C   . ARG A 1 127 ? -1.473  -1.994  -7.857  1.00 10.86 ? 106 ARG A C   1 
ATOM   854  O O   . ARG A 1 127 ? -1.198  -3.158  -8.146  1.00 11.72 ? 106 ARG A O   1 
ATOM   855  C CB  . ARG A 1 127 ? -0.287  -1.652  -5.663  1.00 8.39  ? 106 ARG A CB  1 
ATOM   856  C CG  . ARG A 1 127 ? -0.325  -1.134  -4.219  1.00 9.71  ? 106 ARG A CG  1 
ATOM   857  C CD  . ARG A 1 127 ? 0.975   -1.408  -3.470  1.00 11.12 ? 106 ARG A CD  1 
ATOM   858  N NE  . ARG A 1 127 ? 0.990   -0.917  -2.087  1.00 12.47 ? 106 ARG A NE  1 
ATOM   859  C CZ  . ARG A 1 127 ? 0.756   -1.673  -1.015  1.00 11.27 ? 106 ARG A CZ  1 
ATOM   860  N NH1 . ARG A 1 127 ? 0.464   -2.959  -1.145  1.00 12.92 ? 106 ARG A NH1 1 
ATOM   861  N NH2 . ARG A 1 127 ? 0.814   -1.142  0.202   1.00 15.01 ? 106 ARG A NH2 1 
ATOM   862  N N   . LYS A 1 128 ? -1.686  -1.061  -8.775  1.00 11.96 ? 107 LYS A N   1 
ATOM   863  C CA  . LYS A 1 128 ? -1.587  -1.409  -10.184 1.00 12.89 ? 107 LYS A CA  1 
ATOM   864  C C   . LYS A 1 128 ? -1.012  -0.274  -11.019 1.00 13.07 ? 107 LYS A C   1 
ATOM   865  O O   . LYS A 1 128 ? -1.108  0.895   -10.656 1.00 13.87 ? 107 LYS A O   1 
ATOM   866  C CB  . LYS A 1 128 ? -2.949  -1.819  -10.745 1.00 17.59 ? 107 LYS A CB  1 
ATOM   867  C CG  . LYS A 1 128 ? -3.889  -0.661  -10.998 1.00 24.32 ? 107 LYS A CG  1 
ATOM   868  C CD  . LYS A 1 128 ? -4.682  -0.288  -9.753  1.00 39.14 ? 107 LYS A CD  1 
ATOM   869  C CE  . LYS A 1 128 ? -6.101  -0.841  -9.799  1.00 40.38 ? 107 LYS A CE  1 
ATOM   870  N NZ  . LYS A 1 128 ? -6.130  -2.326  -9.901  1.00 48.34 ? 107 LYS A NZ  1 
ATOM   871  N N   . ARG A 1 129 ? -0.419  -0.632  -12.147 1.00 14.28 ? 108 ARG A N   1 
ATOM   872  C CA  . ARG A 1 129 ? 0.093   0.373   -13.065 1.00 16.17 ? 108 ARG A CA  1 
ATOM   873  C C   . ARG A 1 129 ? -0.986  0.782   -14.058 1.00 17.65 ? 108 ARG A C   1 
ATOM   874  O O   . ARG A 1 129 ? -1.589  -0.065  -14.719 1.00 23.20 ? 108 ARG A O   1 
ATOM   875  C CB  . ARG A 1 129 ? 1.322   -0.162  -13.795 1.00 23.16 ? 108 ARG A CB  1 
ATOM   876  C CG  . ARG A 1 129 ? 2.591   -0.125  -12.963 1.00 17.87 ? 108 ARG A CG  1 
ATOM   877  C CD  . ARG A 1 129 ? 3.152   1.302   -12.880 1.00 21.52 ? 108 ARG A CD  1 
ATOM   878  N NE  . ARG A 1 129 ? 3.104   2.002   -14.170 1.00 22.54 ? 108 ARG A NE  1 
ATOM   879  C CZ  . ARG A 1 129 ? 4.088   1.995   -15.066 1.00 28.37 ? 108 ARG A CZ  1 
ATOM   880  N NH1 . ARG A 1 129 ? 5.211   1.332   -14.826 1.00 23.31 ? 108 ARG A NH1 1 
ATOM   881  N NH2 . ARG A 1 129 ? 3.950   2.649   -16.211 1.00 30.41 ? 108 ARG A NH2 1 
ATOM   882  N N   . GLU A 1 130 ? -1.238  2.083   -14.140 1.00 16.74 ? 109 GLU A N   1 
ATOM   883  C CA  . GLU A 1 130 ? -2.186  2.640   -15.099 1.00 17.13 ? 109 GLU A CA  1 
ATOM   884  C C   . GLU A 1 130 ? -1.498  3.800   -15.787 1.00 12.27 ? 109 GLU A C   1 
ATOM   885  O O   . GLU A 1 130 ? -1.178  4.786   -15.137 1.00 14.20 ? 109 GLU A O   1 
ATOM   886  C CB  . GLU A 1 130 ? -3.433  3.163   -14.392 1.00 24.00 ? 109 GLU A CB  1 
ATOM   887  C CG  . GLU A 1 130 ? -4.205  2.119   -13.600 1.00 33.58 ? 109 GLU A CG  1 
ATOM   888  C CD  . GLU A 1 130 ? -5.232  1.391   -14.442 1.00 46.94 ? 109 GLU A CD  1 
ATOM   889  O OE1 . GLU A 1 130 ? -5.566  0.233   -14.099 1.00 52.83 ? 109 GLU A OE1 1 
ATOM   890  O OE2 . GLU A 1 130 ? -5.711  1.978   -15.440 1.00 43.65 1 109 GLU A OE2 1 
ATOM   891  N N   . ASP A 1 131 ? -1.303  3.697   -17.103 1.00 16.47 ? 110 ASP A N   1 
ATOM   892  C CA  . ASP A 1 131 ? -0.508  4.679   -17.835 1.00 13.15 ? 110 ASP A CA  1 
ATOM   893  C C   . ASP A 1 131 ? 0.843   4.847   -17.134 1.00 9.15  ? 110 ASP A C   1 
ATOM   894  O O   . ASP A 1 131 ? 1.532   3.868   -16.882 1.00 13.73 ? 110 ASP A O   1 
ATOM   895  C CB  . ASP A 1 131 ? -1.245  6.018   -17.973 1.00 15.93 ? 110 ASP A CB  1 
ATOM   896  C CG  . ASP A 1 131 ? -2.522  5.899   -18.787 1.00 23.11 ? 110 ASP A CG  1 
ATOM   897  O OD1 . ASP A 1 131 ? -2.538  5.101   -19.748 1.00 22.99 ? 110 ASP A OD1 1 
ATOM   898  O OD2 . ASP A 1 131 ? -3.511  6.599   -18.467 1.00 33.14 1 110 ASP A OD2 1 
ATOM   899  N N   . ASP A 1 132 ? 1.212   6.072   -16.800 1.00 11.16 ? 111 ASP A N   1 
ATOM   900  C CA  . ASP A 1 132 ? 2.497   6.296   -16.155 1.00 15.12 ? 111 ASP A CA  1 
ATOM   901  C C   . ASP A 1 132 ? 2.320   6.398   -14.652 1.00 13.04 ? 111 ASP A C   1 
ATOM   902  O O   . ASP A 1 132 ? 3.236   6.797   -13.934 1.00 14.31 ? 111 ASP A O   1 
ATOM   903  C CB  . ASP A 1 132 ? 3.157   7.563   -16.688 1.00 17.36 ? 111 ASP A CB  1 
ATOM   904  C CG  . ASP A 1 132 ? 3.697   7.389   -18.097 1.00 17.44 ? 111 ASP A CG  1 
ATOM   905  O OD1 . ASP A 1 132 ? 4.264   6.318   -18.388 1.00 16.12 ? 111 ASP A OD1 1 
ATOM   906  O OD2 . ASP A 1 132 ? 3.553   8.326   -18.904 1.00 16.04 1 111 ASP A OD2 1 
ATOM   907  N N   . LYS A 1 133 ? 1.133   6.037   -14.184 1.00 12.47 ? 112 LYS A N   1 
ATOM   908  C CA  . LYS A 1 133 ? 0.818   6.156   -12.763 1.00 11.03 ? 112 LYS A CA  1 
ATOM   909  C C   . LYS A 1 133 ? 0.826   4.821   -12.030 1.00 12.89 ? 112 LYS A C   1 
ATOM   910  O O   . LYS A 1 133 ? 0.732   3.753   -12.634 1.00 12.89 ? 112 LYS A O   1 
ATOM   911  C CB  . LYS A 1 133 ? -0.549  6.814   -12.597 1.00 12.79 ? 112 LYS A CB  1 
ATOM   912  C CG  . LYS A 1 133 ? -0.629  8.213   -13.195 1.00 20.40 ? 112 LYS A CG  1 
ATOM   913  C CD  . LYS A 1 133 ? -2.066  8.663   -13.323 1.00 20.87 ? 112 LYS A CD  1 
ATOM   914  C CE  . LYS A 1 133 ? -2.146  10.024  -13.998 1.00 39.00 ? 112 LYS A CE  1 
ATOM   915  N NZ  . LYS A 1 133 ? -3.557  10.452  -14.195 1.00 55.94 ? 112 LYS A NZ  1 
ATOM   916  N N   . LEU A 1 134 ? 0.949   4.891   -10.710 1.00 9.88  ? 113 LEU A N   1 
ATOM   917  C CA  . LEU A 1 134 ? 0.725   3.716   -9.884  1.00 9.78  ? 113 LEU A CA  1 
ATOM   918  C C   . LEU A 1 134 ? -0.507  4.048   -9.056  1.00 11.66 ? 113 LEU A C   1 
ATOM   919  O O   . LEU A 1 134 ? -0.524  5.023   -8.297  1.00 14.01 ? 113 LEU A O   1 
ATOM   920  C CB  . LEU A 1 134 ? 1.958   3.403   -9.024  1.00 9.93  ? 113 LEU A CB  1 
ATOM   921  C CG  . LEU A 1 134 ? 1.985   2.091   -8.218  1.00 13.52 ? 113 LEU A CG  1 
ATOM   922  C CD1 . LEU A 1 134 ? 3.414   1.732   -7.836  1.00 18.97 ? 113 LEU A CD1 1 
ATOM   923  C CD2 . LEU A 1 134 ? 1.147   2.204   -6.977  1.00 20.24 ? 113 LEU A CD2 1 
ATOM   924  N N   . VAL A 1 135 ? -1.558  3.260   -9.248  1.00 8.18  ? 114 VAL A N   1 
ATOM   925  C CA  . VAL A 1 135 ? -2.836  3.525   -8.608  1.00 8.71  ? 114 VAL A CA  1 
ATOM   926  C C   . VAL A 1 135 ? -3.029  2.556   -7.443  1.00 9.96  ? 114 VAL A C   1 
ATOM   927  O O   . VAL A 1 135 ? -2.840  1.345   -7.587  1.00 14.73 ? 114 VAL A O   1 
ATOM   928  C CB  . VAL A 1 135 ? -3.999  3.392   -9.615  1.00 11.69 ? 114 VAL A CB  1 
ATOM   929  C CG1 . VAL A 1 135 ? -5.343  3.592   -8.921  1.00 15.00 ? 114 VAL A CG1 1 
ATOM   930  C CG2 . VAL A 1 135 ? -3.835  4.406   -10.757 1.00 16.56 ? 114 VAL A CG2 1 
ATOM   931  N N   . VAL A 1 136 ? -3.368  3.097   -6.280  1.00 8.86  ? 115 VAL A N   1 
ATOM   932  C CA  . VAL A 1 136 ? -3.599  2.283   -5.089  1.00 8.98  ? 115 VAL A CA  1 
ATOM   933  C C   . VAL A 1 136 ? -5.057  2.386   -4.676  1.00 10.37 ? 115 VAL A C   1 
ATOM   934  O O   . VAL A 1 136 ? -5.554  3.477   -4.411  1.00 13.66 ? 115 VAL A O   1 
ATOM   935  C CB  . VAL A 1 136 ? -2.735  2.750   -3.904  1.00 9.20  ? 115 VAL A CB  1 
ATOM   936  C CG1 . VAL A 1 136 ? -2.859  1.770   -2.745  1.00 10.78 ? 115 VAL A CG1 1 
ATOM   937  C CG2 . VAL A 1 136 ? -1.286  2.899   -4.329  1.00 14.16 ? 115 VAL A CG2 1 
ATOM   938  N N   . GLU A 1 137 ? -5.733  1.243   -4.612  1.00 7.71  ? 116 GLU A N   1 
ATOM   939  C CA  . GLU A 1 137 ? -7.148  1.199   -4.282  1.00 8.83  ? 116 GLU A CA  1 
ATOM   940  C C   . GLU A 1 137 ? -7.280  0.438   -2.973  1.00 10.63 ? 116 GLU A C   1 
ATOM   941  O O   . GLU A 1 137 ? -6.886  -0.722  -2.896  1.00 12.68 ? 116 GLU A O   1 
ATOM   942  C CB  . GLU A 1 137 ? -7.906  0.490   -5.401  1.00 14.67 ? 116 GLU A CB  1 
ATOM   943  C CG  . GLU A 1 137 ? -9.377  0.244   -5.139  1.00 26.38 ? 116 GLU A CG  1 
ATOM   944  C CD  . GLU A 1 137 ? -10.008 -0.648  -6.199  1.00 49.41 ? 116 GLU A CD  1 
ATOM   945  O OE1 . GLU A 1 137 ? -9.264  -1.149  -7.076  1.00 42.93 ? 116 GLU A OE1 1 
ATOM   946  O OE2 . GLU A 1 137 ? -11.244 -0.844  -6.159  1.00 44.86 1 116 GLU A OE2 1 
ATOM   947  N N   . CYS A 1 138 ? -7.802  1.100   -1.939  1.00 10.26 ? 117 CYS A N   1 
ATOM   948  C CA  . CYS A 1 138 ? -7.917  0.489   -0.618  1.00 14.41 ? 117 CYS A CA  1 
ATOM   949  C C   . CYS A 1 138 ? -9.389  0.259   -0.337  1.00 13.94 ? 117 CYS A C   1 
ATOM   950  O O   . CYS A 1 138 ? -10.184 1.194   -0.440  1.00 13.75 ? 117 CYS A O   1 
ATOM   951  C CB  . CYS A 1 138 ? -7.340  1.417   0.460   1.00 14.15 ? 117 CYS A CB  1 
ATOM   952  S SG  . CYS A 1 138 ? -5.634  1.952   0.160   1.00 23.30 ? 117 CYS A SG  1 
ATOM   953  N N   . VAL A 1 139 ? -9.748  -0.973  0.020   1.00 11.54 ? 118 VAL A N   1 
ATOM   954  C CA  . VAL A 1 139 ? -11.143 -1.320  0.247   1.00 10.15 ? 118 VAL A CA  1 
ATOM   955  C C   . VAL A 1 139 ? -11.344 -1.910  1.641   1.00 13.10 ? 118 VAL A C   1 
ATOM   956  O O   . VAL A 1 139 ? -10.599 -2.788  2.079   1.00 13.85 ? 118 VAL A O   1 
ATOM   957  C CB  . VAL A 1 139 ? -11.668 -2.334  -0.803  1.00 14.38 ? 118 VAL A CB  1 
ATOM   958  C CG1 . VAL A 1 139 ? -13.120 -2.695  -0.518  1.00 24.93 ? 118 VAL A CG1 1 
ATOM   959  C CG2 . VAL A 1 139 ? -11.532 -1.775  -2.210  1.00 19.51 ? 118 VAL A CG2 1 
ATOM   960  N N   . MET A 1 140 ? -12.357 -1.408  2.338   1.00 12.33 ? 119 MET A N   1 
ATOM   961  C CA  . MET A 1 140 ? -12.744 -1.958  3.632   1.00 14.73 ? 119 MET A CA  1 
ATOM   962  C C   . MET A 1 140 ? -14.260 -1.835  3.773   1.00 20.32 ? 119 MET A C   1 
ATOM   963  O O   . MET A 1 140 ? -14.779 -0.723  3.795   1.00 18.67 ? 119 MET A O   1 
ATOM   964  C CB  . MET A 1 140 ? -12.074 -1.151  4.740   1.00 14.94 ? 119 MET A CB  1 
ATOM   965  C CG  . MET A 1 140 ? -12.613 -1.411  6.128   1.00 23.13 ? 119 MET A CG  1 
ATOM   966  S SD  . MET A 1 140 ? -11.656 -2.740  6.836   1.00 19.81 ? 119 MET A SD  1 
ATOM   967  C CE  . MET A 1 140 ? -12.439 -2.988  8.425   1.00 23.05 ? 119 MET A CE  1 
ATOM   968  N N   . LYS A 1 141 ? -14.961 -2.969  3.848   1.00 25.46 ? 120 LYS A N   1 
ATOM   969  C CA  . LYS A 1 141 ? -16.398 -2.978  4.171   1.00 27.28 ? 120 LYS A CA  1 
ATOM   970  C C   . LYS A 1 141 ? -17.257 -2.034  3.313   1.00 34.57 ? 120 LYS A C   1 
ATOM   971  O O   . LYS A 1 141 ? -18.053 -1.251  3.847   1.00 32.86 ? 120 LYS A O   1 
ATOM   972  C CB  . LYS A 1 141 ? -16.617 -2.615  5.640   1.00 30.87 ? 120 LYS A CB  1 
ATOM   973  C CG  . LYS A 1 141 ? -16.453 -3.758  6.623   1.00 32.13 ? 120 LYS A CG  1 
ATOM   974  C CD  . LYS A 1 141 ? -16.906 -3.315  8.008   1.00 46.10 ? 120 LYS A CD  1 
ATOM   975  C CE  . LYS A 1 141 ? -17.303 -4.493  8.880   1.00 53.27 ? 120 LYS A CE  1 
ATOM   976  N NZ  . LYS A 1 141 ? -17.955 -4.034  10.138  1.00 56.27 ? 120 LYS A NZ  1 
ATOM   977  N N   . GLY A 1 142 ? -17.095 -2.098  2.000   1.00 26.62 ? 121 GLY A N   1 
ATOM   978  C CA  . GLY A 1 142 ? -17.905 -1.281  1.112   1.00 24.53 ? 121 GLY A CA  1 
ATOM   979  C C   . GLY A 1 142 ? -17.328 0.097   0.846   1.00 17.62 ? 121 GLY A C   1 
ATOM   980  O O   . GLY A 1 142 ? -17.799 0.807   -0.045  1.00 16.27 ? 121 GLY A O   1 
ATOM   981  N N   . VAL A 1 143 ? -16.323 0.491   1.622   1.00 15.87 ? 122 VAL A N   1 
ATOM   982  C CA  . VAL A 1 143 ? -15.697 1.805   1.448   1.00 14.94 ? 122 VAL A CA  1 
ATOM   983  C C   . VAL A 1 143 ? -14.374 1.691   0.695   1.00 23.20 ? 122 VAL A C   1 
ATOM   984  O O   . VAL A 1 143 ? -13.487 0.947   1.110   1.00 15.99 ? 122 VAL A O   1 
ATOM   985  C CB  . VAL A 1 143 ? -15.419 2.482   2.798   1.00 12.97 ? 122 VAL A CB  1 
ATOM   986  C CG1 . VAL A 1 143 ? -14.688 3.803   2.586   1.00 16.30 ? 122 VAL A CG1 1 
ATOM   987  C CG2 . VAL A 1 143 ? -16.723 2.678   3.581   1.00 21.51 ? 122 VAL A CG2 1 
ATOM   988  N N   . THR A 1 144 ? -14.241 2.442   -0.394  1.00 13.51 ? 123 THR A N   1 
ATOM   989  C CA  . THR A 1 144 ? -13.032 2.401   -1.217  1.00 13.06 ? 123 THR A CA  1 
ATOM   990  C C   . THR A 1 144 ? -12.348 3.763   -1.245  1.00 19.32 ? 123 THR A C   1 
ATOM   991  O O   . THR A 1 144 ? -13.009 4.798   -1.304  1.00 21.68 ? 123 THR A O   1 
ATOM   992  C CB  . THR A 1 144 ? -13.363 1.973   -2.650  1.00 14.37 ? 123 THR A CB  1 
ATOM   993  O OG1 . THR A 1 144 ? -13.987 0.685   -2.619  1.00 27.45 ? 123 THR A OG1 1 
ATOM   994  C CG2 . THR A 1 144 ? -12.099 1.905   -3.509  1.00 18.06 ? 123 THR A CG2 1 
ATOM   995  N N   . SER A 1 145 ? -11.022 3.759   -1.186  1.00 13.50 ? 124 SER A N   1 
ATOM   996  C CA  . SER A 1 145 ? -10.245 4.980   -1.370  1.00 12.72 ? 124 SER A CA  1 
ATOM   997  C C   . SER A 1 145 ? -9.272  4.768   -2.517  1.00 15.23 ? 124 SER A C   1 
ATOM   998  O O   . SER A 1 145 ? -8.690  3.688   -2.652  1.00 12.05 ? 124 SER A O   1 
ATOM   999  C CB  . SER A 1 145 ? -9.479  5.321   -0.091  1.00 13.80 ? 124 SER A CB  1 
ATOM   1000 O OG  . SER A 1 145 ? -8.500  6.320   -0.320  1.00 13.24 ? 124 SER A OG  1 
ATOM   1001 N N   . THR A 1 146 ? -9.109  5.788   -3.354  1.00 13.42 ? 125 THR A N   1 
ATOM   1002 C CA  . THR A 1 146 ? -8.166  5.717   -4.466  1.00 10.34 ? 125 THR A CA  1 
ATOM   1003 C C   . THR A 1 146 ? -7.031  6.713   -4.272  1.00 12.18 ? 125 THR A C   1 
ATOM   1004 O O   . THR A 1 146 ? -7.264  7.911   -4.095  1.00 14.25 ? 125 THR A O   1 
ATOM   1005 C CB  . THR A 1 146 ? -8.860  6.011   -5.798  1.00 16.76 ? 125 THR A CB  1 
ATOM   1006 O OG1 . THR A 1 146 ? -9.919  5.073   -5.991  1.00 20.22 ? 125 THR A OG1 1 
ATOM   1007 C CG2 . THR A 1 146 ? -7.866  5.909   -6.953  1.00 18.92 ? 125 THR A CG2 1 
ATOM   1008 N N   . ARG A 1 147 ? -5.805  6.208   -4.285  1.00 9.05  ? 126 ARG A N   1 
ATOM   1009 C CA  . ARG A 1 147 ? -4.634  7.060   -4.158  1.00 9.49  ? 126 ARG A CA  1 
ATOM   1010 C C   . ARG A 1 147 ? -3.745  6.896   -5.374  1.00 11.73 ? 126 ARG A C   1 
ATOM   1011 O O   . ARG A 1 147 ? -3.446  5.778   -5.802  1.00 14.02 ? 126 ARG A O   1 
ATOM   1012 C CB  . ARG A 1 147 ? -3.880  6.777   -2.864  1.00 12.65 ? 126 ARG A CB  1 
ATOM   1013 C CG  . ARG A 1 147 ? -4.536  7.497   -1.683  1.00 15.77 ? 126 ARG A CG  1 
ATOM   1014 C CD  . ARG A 1 147 ? -4.306  6.812   -0.367  1.00 20.10 ? 126 ARG A CD  1 
ATOM   1015 N NE  . ARG A 1 147 ? -3.007  7.100   0.235   1.00 17.85 ? 126 ARG A NE  1 
ATOM   1016 C CZ  . ARG A 1 147 ? -2.724  8.185   0.951   1.00 17.00 ? 126 ARG A CZ  1 
ATOM   1017 N NH1 . ARG A 1 147 ? -3.640  9.126   1.139   1.00 17.95 ? 126 ARG A NH1 1 
ATOM   1018 N NH2 . ARG A 1 147 ? -1.514  8.328   1.476   1.00 13.45 ? 126 ARG A NH2 1 
ATOM   1019 N N   . VAL A 1 148 ? -3.340  8.021   -5.941  1.00 10.18 ? 127 VAL A N   1 
ATOM   1020 C CA  . VAL A 1 148 ? -2.602  7.978   -7.194  1.00 10.13 ? 127 VAL A CA  1 
ATOM   1021 C C   . VAL A 1 148 ? -1.197  8.520   -7.008  1.00 12.58 ? 127 VAL A C   1 
ATOM   1022 O O   . VAL A 1 148 ? -1.006  9.601   -6.439  1.00 11.59 ? 127 VAL A O   1 
ATOM   1023 C CB  . VAL A 1 148 ? -3.343  8.753   -8.294  1.00 12.11 ? 127 VAL A CB  1 
ATOM   1024 C CG1 . VAL A 1 148 ? -2.531  8.756   -9.605  1.00 12.05 ? 127 VAL A CG1 1 
ATOM   1025 C CG2 . VAL A 1 148 ? -4.713  8.136   -8.512  1.00 11.64 ? 127 VAL A CG2 1 
ATOM   1026 N N   . TYR A 1 149 ? -0.223  7.745   -7.479  1.00 10.13 ? 128 TYR A N   1 
ATOM   1027 C CA  . TYR A 1 149 ? 1.181   8.100   -7.397  1.00 10.50 ? 128 TYR A CA  1 
ATOM   1028 C C   . TYR A 1 149 ? 1.744   8.324   -8.793  1.00 13.40 ? 128 TYR A C   1 
ATOM   1029 O O   . TYR A 1 149 ? 1.372   7.627   -9.736  1.00 13.54 ? 128 TYR A O   1 
ATOM   1030 C CB  . TYR A 1 149 ? 1.972   6.970   -6.732  1.00 8.96  ? 128 TYR A CB  1 
ATOM   1031 C CG  . TYR A 1 149 ? 1.780   6.885   -5.233  1.00 8.56  ? 128 TYR A CG  1 
ATOM   1032 C CD1 . TYR A 1 149 ? 0.645   6.299   -4.684  1.00 11.23 ? 128 TYR A CD1 1 
ATOM   1033 C CD2 . TYR A 1 149 ? 2.755   7.373   -4.367  1.00 11.59 ? 128 TYR A CD2 1 
ATOM   1034 C CE1 . TYR A 1 149 ? 0.481   6.216   -3.298  1.00 11.41 ? 128 TYR A CE1 1 
ATOM   1035 C CE2 . TYR A 1 149 ? 2.606   7.291   -2.994  1.00 9.60  ? 128 TYR A CE2 1 
ATOM   1036 C CZ  . TYR A 1 149 ? 1.465   6.717   -2.468  1.00 11.91 ? 128 TYR A CZ  1 
ATOM   1037 O OH  . TYR A 1 149 ? 1.314   6.646   -1.104  1.00 14.48 ? 128 TYR A OH  1 
ATOM   1038 N N   . GLU A 1 150 ? 2.654   9.285   -8.913  1.00 14.77 ? 129 GLU A N   1 
ATOM   1039 C CA  . GLU A 1 150 ? 3.380   9.514   -10.160 1.00 12.02 ? 129 GLU A CA  1 
ATOM   1040 C C   . GLU A 1 150 ? 4.869   9.319   -9.914  1.00 12.63 ? 129 GLU A C   1 
ATOM   1041 O O   . GLU A 1 150 ? 5.320   9.322   -8.773  1.00 14.72 ? 129 GLU A O   1 
ATOM   1042 C CB  . GLU A 1 150 ? 3.121   10.928  -10.687 1.00 15.78 ? 129 GLU A CB  1 
ATOM   1043 C CG  . GLU A 1 150 ? 1.818   11.074  -11.448 1.00 25.47 ? 129 GLU A CG  1 
ATOM   1044 C CD  . GLU A 1 150 ? 1.519   12.516  -11.832 1.00 38.19 ? 129 GLU A CD  1 
ATOM   1045 O OE1 . GLU A 1 150 ? 2.421   13.379  -11.702 1.00 31.58 ? 129 GLU A OE1 1 
ATOM   1046 O OE2 . GLU A 1 150 ? 0.375   12.782  -12.256 1.00 44.00 1 129 GLU A OE2 1 
ATOM   1047 N N   . ARG A 1 151 ? 5.638   9.142   -10.984 1.00 14.66 ? 130 ARG A N   1 
ATOM   1048 C CA  . ARG A 1 151 ? 7.076   8.943   -10.827 1.00 12.83 ? 130 ARG A CA  1 
ATOM   1049 C C   . ARG A 1 151 ? 7.701   10.201  -10.250 1.00 23.35 ? 130 ARG A C   1 
ATOM   1050 O O   . ARG A 1 151 ? 7.289   11.315  -10.580 1.00 20.60 ? 130 ARG A O   1 
ATOM   1051 C CB  . ARG A 1 151 ? 7.733   8.547   -12.156 1.00 16.67 ? 130 ARG A CB  1 
ATOM   1052 C CG  . ARG A 1 151 ? 7.237   7.211   -12.684 1.00 18.84 ? 130 ARG A CG  1 
ATOM   1053 C CD  . ARG A 1 151 ? 8.367   6.383   -13.268 1.00 26.48 ? 130 ARG A CD  1 
ATOM   1054 N NE  . ARG A 1 151 ? 7.911   5.069   -13.719 1.00 24.26 ? 130 ARG A NE  1 
ATOM   1055 C CZ  . ARG A 1 151 ? 8.259   3.922   -13.143 1.00 18.70 ? 130 ARG A CZ  1 
ATOM   1056 N NH1 . ARG A 1 151 ? 9.069   3.925   -12.096 1.00 16.68 ? 130 ARG A NH1 1 
ATOM   1057 N NH2 . ARG A 1 151 ? 7.800   2.771   -13.617 1.00 21.80 ? 130 ARG A NH2 1 
ATOM   1058 N N   . ALA A 1 152 ? 8.673   10.019  -9.363  1.00 13.94 ? 131 ALA A N   1 
ATOM   1059 C CA  . ALA A 1 152 ? 9.335   11.142  -8.712  1.00 22.60 ? 131 ALA A CA  1 
ATOM   1060 C C   . ALA A 1 152 ? 10.506  11.623  -9.554  1.00 29.65 ? 131 ALA A C   1 
ATOM   1061 O O   . ALA A 1 152 ? 10.711  11.139  -10.671 1.00 34.61 ? 131 ALA A O   1 
ATOM   1062 C CB  . ALA A 1 152 ? 9.807   10.747  -7.326  1.00 27.01 ? 131 ALA A CB  1 
HETATM 1063 O OAB . 8JX B 2 .   ? -0.779  5.598   -0.144  1.00 17.04 ? 201 8JX A OAB 1 
HETATM 1064 C CAR . 8JX B 2 .   ? -0.716  4.431   0.307   1.00 21.17 ? 201 8JX A CAR 1 
HETATM 1065 O OAE . 8JX B 2 .   ? 0.382   3.813   0.331   1.00 24.33 ? 201 8JX A OAE 1 
HETATM 1066 C CAO . 8JX B 2 .   ? -1.935  3.770   0.830   1.00 29.91 ? 201 8JX A CAO 1 
HETATM 1067 C CAM . 8JX B 2 .   ? -2.000  2.275   0.622   1.00 26.55 ? 201 8JX A CAM 1 
HETATM 1068 C CAL . 8JX B 2 .   ? -1.929  1.401   1.846   1.00 24.16 ? 201 8JX A CAL 1 
HETATM 1069 C CAN . 8JX B 2 .   ? -2.839  1.734   2.983   1.00 19.99 ? 201 8JX A CAN 1 
HETATM 1070 N NAP . 8JX B 2 .   ? -2.766  0.761   4.174   1.00 15.76 ? 201 8JX A NAP 1 
HETATM 1071 S SAW . 8JX B 2 .   ? -1.480  1.062   5.103   1.00 12.17 ? 201 8JX A SAW 1 
HETATM 1072 O OAC . 8JX B 2 .   ? -0.211  0.733   4.411   1.00 14.34 ? 201 8JX A OAC 1 
HETATM 1073 O OAD . 8JX B 2 .   ? -1.631  0.272   6.333   1.00 13.80 ? 201 8JX A OAD 1 
HETATM 1074 C CAT . 8JX B 2 .   ? -1.437  2.862   5.481   1.00 10.78 ? 201 8JX A CAT 1 
HETATM 1075 C CAV . 8JX B 2 .   ? -2.369  3.471   6.310   1.00 13.07 ? 201 8JX A CAV 1 
HETATM 1076 C CAK . 8JX B 2 .   ? -3.426  2.718   6.935   1.00 9.64  ? 201 8JX A CAK 1 
HETATM 1077 C CAG . 8JX B 2 .   ? -4.315  3.331   7.748   1.00 13.27 ? 201 8JX A CAG 1 
HETATM 1078 C CAF . 8JX B 2 .   ? -4.205  4.744   7.991   1.00 12.26 ? 201 8JX A CAF 1 
HETATM 1079 C CAJ . 8JX B 2 .   ? -3.197  5.467   7.382   1.00 10.54 ? 201 8JX A CAJ 1 
HETATM 1080 C CAU . 8JX B 2 .   ? -2.267  4.820   6.546   1.00 10.08 ? 201 8JX A CAU 1 
HETATM 1081 C CAS . 8JX B 2 .   ? -1.229  5.568   5.939   1.00 12.02 ? 201 8JX A CAS 1 
HETATM 1082 O OAQ . 8JX B 2 .   ? -1.136  6.935   6.178   1.00 13.62 ? 201 8JX A OAQ 1 
HETATM 1083 C CAA . 8JX B 2 .   ? -0.307  7.706   5.408   1.00 11.09 ? 201 8JX A CAA 1 
HETATM 1084 C CAH . 8JX B 2 .   ? -0.325  4.964   5.111   1.00 11.91 ? 201 8JX A CAH 1 
HETATM 1085 C CAI . 8JX B 2 .   ? -0.419  3.608   4.881   1.00 14.93 ? 201 8JX A CAI 1 
HETATM 1086 O O   . HOH C 3 .   ? 12.926  -4.929  4.749   1.00 24.64 ? 301 HOH A O   1 
HETATM 1087 O O   . HOH C 3 .   ? 3.775   7.717   5.880   1.00 22.05 ? 302 HOH A O   1 
HETATM 1088 O O   . HOH C 3 .   ? 8.236   -15.502 3.178   1.00 19.04 ? 303 HOH A O   1 
HETATM 1089 O O   . HOH C 3 .   ? -14.307 10.966  -3.815  1.00 23.86 ? 304 HOH A O   1 
HETATM 1090 O O   . HOH C 3 .   ? 5.875   5.408   -15.099 1.00 31.09 ? 305 HOH A O   1 
HETATM 1091 O O   . HOH C 3 .   ? 2.078   15.557  6.262   1.00 16.98 ? 306 HOH A O   1 
HETATM 1092 O O   . HOH C 3 .   ? 5.456   4.415   -17.188 1.00 29.00 ? 307 HOH A O   1 
HETATM 1093 O O   . HOH C 3 .   ? -15.044 6.196   -3.120  1.00 21.85 ? 308 HOH A O   1 
HETATM 1094 O O   . HOH C 3 .   ? -2.820  -6.351  -15.898 1.00 23.85 ? 309 HOH A O   1 
HETATM 1095 O O   . HOH C 3 .   ? 3.643   -0.971  6.308   1.00 17.27 ? 310 HOH A O   1 
HETATM 1096 O O   . HOH C 3 .   ? 15.338  -4.233  -2.700  1.00 21.93 ? 311 HOH A O   1 
HETATM 1097 O O   . HOH C 3 .   ? 4.760   11.354  12.989  1.00 27.73 ? 312 HOH A O   1 
HETATM 1098 O O   . HOH C 3 .   ? -1.175  17.457  2.028   1.00 22.51 ? 313 HOH A O   1 
HETATM 1099 O O   . HOH C 3 .   ? 4.474   9.042   -13.419 1.00 23.89 ? 314 HOH A O   1 
HETATM 1100 O O   . HOH C 3 .   ? -4.773  -0.389  5.421   1.00 11.38 ? 315 HOH A O   1 
HETATM 1101 O O   . HOH C 3 .   ? 7.940   -13.082 -4.834  1.00 13.97 ? 316 HOH A O   1 
HETATM 1102 O O   . HOH C 3 .   ? 2.614   10.746  -18.342 1.00 26.77 ? 317 HOH A O   1 
HETATM 1103 O O   . HOH C 3 .   ? -10.461 -7.678  2.844   1.00 24.81 ? 318 HOH A O   1 
HETATM 1104 O O   . HOH C 3 .   ? 11.224  8.525   -10.960 1.00 25.94 ? 319 HOH A O   1 
HETATM 1105 O O   . HOH C 3 .   ? -2.718  4.962   15.479  1.00 30.58 ? 320 HOH A O   1 
HETATM 1106 O O   . HOH C 3 .   ? -1.792  10.442  3.182   1.00 17.96 ? 321 HOH A O   1 
HETATM 1107 O O   . HOH C 3 .   ? 2.800   5.828   4.077   1.00 22.14 ? 322 HOH A O   1 
HETATM 1108 O O   . HOH C 3 .   ? 1.535   1.711   -0.939  1.00 21.57 ? 323 HOH A O   1 
HETATM 1109 O O   . HOH C 3 .   ? 3.083   3.003   4.795   1.00 14.82 ? 324 HOH A O   1 
HETATM 1110 O O   . HOH C 3 .   ? 5.674   0.339   3.400   1.00 14.62 ? 325 HOH A O   1 
HETATM 1111 O O   . HOH C 3 .   ? -12.844 12.687  10.205  1.00 28.84 ? 326 HOH A O   1 
HETATM 1112 O O   . HOH C 3 .   ? 3.288   5.264   0.284   1.00 23.76 ? 327 HOH A O   1 
HETATM 1113 O O   . HOH C 3 .   ? -5.462  2.390   13.750  1.00 19.48 ? 328 HOH A O   1 
HETATM 1114 O O   . HOH C 3 .   ? 13.705  -10.717 -9.514  1.00 32.65 ? 329 HOH A O   1 
HETATM 1115 O O   . HOH C 3 .   ? 13.696  -6.550  -2.050  1.00 15.55 ? 330 HOH A O   1 
HETATM 1116 O O   . HOH C 3 .   ? 1.273   -1.451  3.364   1.00 14.93 ? 331 HOH A O   1 
HETATM 1117 O O   . HOH C 3 .   ? -16.727 1.298   -2.524  1.00 31.24 ? 332 HOH A O   1 
HETATM 1118 O O   . HOH C 3 .   ? 9.458   0.515   -13.407 1.00 20.76 ? 333 HOH A O   1 
HETATM 1119 O O   . HOH C 3 .   ? 8.282   -11.254 4.473   1.00 13.66 ? 334 HOH A O   1 
HETATM 1120 O O   . HOH C 3 .   ? -1.055  -4.222  -3.138  1.00 10.43 ? 335 HOH A O   1 
HETATM 1121 O O   . HOH C 3 .   ? 12.389  -0.413  -1.951  1.00 15.59 ? 336 HOH A O   1 
HETATM 1122 O O   . HOH C 3 .   ? -2.706  13.580  1.249   1.00 28.01 ? 337 HOH A O   1 
HETATM 1123 O O   . HOH C 3 .   ? -6.506  -8.586  -11.415 1.00 33.56 ? 338 HOH A O   1 
HETATM 1124 O O   . HOH C 3 .   ? 15.322  -14.246 -3.824  1.00 20.84 ? 339 HOH A O   1 
HETATM 1125 O O   . HOH C 3 .   ? 7.097   -14.624 6.361   1.00 17.45 ? 340 HOH A O   1 
HETATM 1126 O O   . HOH C 3 .   ? 0.943   -17.495 2.981   1.00 15.03 ? 341 HOH A O   1 
HETATM 1127 O O   . HOH C 3 .   ? -16.320 5.114   6.842   1.00 23.32 ? 342 HOH A O   1 
HETATM 1128 O O   . HOH C 3 .   ? -3.286  -11.645 -1.635  1.00 16.78 ? 343 HOH A O   1 
HETATM 1129 O O   . HOH C 3 .   ? 0.879   15.210  8.771   1.00 12.92 ? 344 HOH A O   1 
HETATM 1130 O O   . HOH C 3 .   ? -11.777 12.680  -0.535  1.00 23.40 ? 345 HOH A O   1 
HETATM 1131 O O   . HOH C 3 .   ? -7.887  12.668  7.294   1.00 26.70 ? 346 HOH A O   1 
HETATM 1132 O O   . HOH C 3 .   ? 16.998  -12.137 -3.155  1.00 22.42 ? 347 HOH A O   1 
HETATM 1133 O O   . HOH C 3 .   ? -8.881  -1.382  13.783  1.00 25.99 ? 348 HOH A O   1 
HETATM 1134 O O   . HOH C 3 .   ? -10.400 8.671   17.999  1.00 21.88 ? 349 HOH A O   1 
HETATM 1135 O O   . HOH C 3 .   ? -0.344  -3.364  -13.137 1.00 23.13 ? 350 HOH A O   1 
HETATM 1136 O O   . HOH C 3 .   ? -7.199  9.778   -6.218  1.00 17.26 ? 351 HOH A O   1 
HETATM 1137 O O   . HOH C 3 .   ? -3.135  -3.830  16.057  1.00 27.20 ? 352 HOH A O   1 
HETATM 1138 O O   . HOH C 3 .   ? 3.161   -11.990 0.769   1.00 8.79  ? 353 HOH A O   1 
HETATM 1139 O O   . HOH C 3 .   ? -5.330  11.855  2.367   1.00 28.80 ? 354 HOH A O   1 
HETATM 1140 O O   . HOH C 3 .   ? -6.278  15.350  7.285   1.00 21.89 ? 355 HOH A O   1 
HETATM 1141 O O   . HOH C 3 .   ? 14.517  -3.288  -8.151  1.00 16.86 ? 356 HOH A O   1 
HETATM 1142 O O   . HOH C 3 .   ? 1.830   1.052   6.381   1.00 15.57 ? 357 HOH A O   1 
HETATM 1143 O O   . HOH C 3 .   ? -2.821  -12.204 5.629   1.00 19.46 ? 358 HOH A O   1 
HETATM 1144 O O   . HOH C 3 .   ? 8.080   -0.335  8.759   1.00 22.81 ? 359 HOH A O   1 
HETATM 1145 O O   . HOH C 3 .   ? 10.547  10.899  5.937   1.00 26.68 ? 360 HOH A O   1 
HETATM 1146 O O   . HOH C 3 .   ? 8.618   6.868   11.207  1.00 32.17 ? 361 HOH A O   1 
HETATM 1147 O O   . HOH C 3 .   ? 10.756  5.786   -10.671 1.00 18.14 ? 362 HOH A O   1 
HETATM 1148 O O   . HOH C 3 .   ? 6.832   -12.910 2.744   1.00 11.80 ? 363 HOH A O   1 
HETATM 1149 O O   . HOH C 3 .   ? -1.673  6.701   -22.002 1.00 19.41 ? 364 HOH A O   1 
HETATM 1150 O O   . HOH C 3 .   ? 1.325   -9.406  12.931  1.00 22.04 ? 365 HOH A O   1 
HETATM 1151 O O   . HOH C 3 .   ? 6.035   -19.110 -2.707  1.00 30.10 ? 366 HOH A O   1 
HETATM 1152 O O   . HOH C 3 .   ? -13.434 -5.447  4.319   1.00 31.01 ? 367 HOH A O   1 
HETATM 1153 O O   . HOH C 3 .   ? 0.654   5.963   13.934  1.00 31.67 ? 368 HOH A O   1 
HETATM 1154 O O   . HOH C 3 .   ? -8.524  11.360  0.574   1.00 17.04 ? 369 HOH A O   1 
HETATM 1155 O O   . HOH C 3 .   ? 1.320   -14.344 -6.647  1.00 17.42 ? 370 HOH A O   1 
HETATM 1156 O O   . HOH C 3 .   ? -0.017  8.731   -16.861 1.00 20.80 ? 371 HOH A O   1 
HETATM 1157 O O   . HOH C 3 .   ? 5.839   -1.762  8.088   1.00 29.70 ? 372 HOH A O   1 
HETATM 1158 O O   . HOH C 3 .   ? 0.712   6.131   2.371   1.00 25.60 ? 373 HOH A O   1 
HETATM 1159 O O   . HOH C 3 .   ? -12.500 4.991   13.449  1.00 27.24 ? 374 HOH A O   1 
HETATM 1160 O O   . HOH C 3 .   ? -5.699  8.606   16.996  1.00 18.83 ? 375 HOH A O   1 
HETATM 1161 O O   . HOH C 3 .   ? -10.632 12.029  2.605   1.00 24.93 ? 376 HOH A O   1 
HETATM 1162 O O   . HOH C 3 .   ? -4.861  -9.417  15.559  1.00 24.98 ? 377 HOH A O   1 
HETATM 1163 O O   . HOH C 3 .   ? 2.447   2.556   2.198   1.00 24.75 ? 378 HOH A O   1 
HETATM 1164 O O   . HOH C 3 .   ? 17.310  -8.965  -8.474  1.00 25.29 ? 379 HOH A O   1 
HETATM 1165 O O   . HOH C 3 .   ? -13.525 -6.769  7.911   1.00 23.87 ? 380 HOH A O   1 
HETATM 1166 O O   . HOH C 3 .   ? 18.147  -4.531  -3.376  1.00 24.94 ? 381 HOH A O   1 
HETATM 1167 O O   . HOH C 3 .   ? 6.352   -3.861  9.227   1.00 26.34 ? 382 HOH A O   1 
HETATM 1168 O O   . HOH C 3 .   ? 0.073   -11.729 -13.113 1.00 24.75 ? 383 HOH A O   1 
HETATM 1169 O O   . HOH C 3 .   ? -9.373  -11.648 10.053  1.00 29.51 ? 384 HOH A O   1 
HETATM 1170 O O   . HOH C 3 .   ? -6.085  15.860  4.491   1.00 32.24 ? 385 HOH A O   1 
HETATM 1171 O O   . HOH C 3 .   ? 17.219  -3.925  -7.163  1.00 32.13 ? 386 HOH A O   1 
HETATM 1172 O O   . HOH C 3 .   ? 3.188   0.004   2.175   1.00 23.93 ? 387 HOH A O   1 
HETATM 1173 O O   . HOH C 3 .   ? -8.888  -3.368  -3.332  1.00 20.41 ? 388 HOH A O   1 
HETATM 1174 O O   . HOH C 3 .   ? -7.532  12.032  3.975   1.00 28.53 ? 389 HOH A O   1 
# 
